data_1U3O
#
_entry.id   1U3O
#
_entity_poly.entity_id   1
_entity_poly.type   'polypeptide(L)'
_entity_poly.pdbx_seq_one_letter_code
;GPLGSPGIPGSTLSGGCELTVVLQDFSAAHSSELSIQVGQTVELLERPSERPGWCLVRTTERSPPQEGLVPSSTLCISHS
RS
;
_entity_poly.pdbx_strand_id   A
#
# COMPACT_ATOMS: atom_id res chain seq x y z
N SER A 14 12.87 10.97 -4.46
CA SER A 14 11.67 10.21 -4.12
C SER A 14 11.16 10.58 -2.73
N GLY A 15 11.81 10.05 -1.70
CA GLY A 15 11.40 10.33 -0.34
C GLY A 15 11.58 9.15 0.59
N GLY A 16 10.72 8.14 0.43
CA GLY A 16 10.81 6.95 1.26
C GLY A 16 9.81 5.89 0.86
N CYS A 17 10.28 4.67 0.67
CA CYS A 17 9.44 3.55 0.29
C CYS A 17 9.75 2.34 1.15
N GLU A 18 8.72 1.69 1.65
CA GLU A 18 8.89 0.51 2.48
C GLU A 18 8.05 -0.63 1.95
N LEU A 19 8.53 -1.85 2.13
CA LEU A 19 7.79 -3.01 1.65
C LEU A 19 6.66 -3.35 2.62
N THR A 20 5.47 -3.53 2.05
CA THR A 20 4.29 -3.85 2.83
C THR A 20 3.44 -4.88 2.11
N VAL A 21 2.68 -5.65 2.88
CA VAL A 21 1.82 -6.68 2.33
C VAL A 21 0.37 -6.38 2.69
N VAL A 22 -0.51 -6.47 1.71
CA VAL A 22 -1.92 -6.19 1.94
C VAL A 22 -2.57 -7.30 2.73
N LEU A 23 -3.25 -6.93 3.80
CA LEU A 23 -3.92 -7.89 4.65
C LEU A 23 -5.25 -8.33 4.05
N GLN A 24 -5.82 -7.50 3.18
CA GLN A 24 -7.09 -7.80 2.55
C GLN A 24 -7.11 -7.30 1.11
N ASP A 25 -7.85 -7.97 0.25
CA ASP A 25 -7.93 -7.55 -1.15
C ASP A 25 -8.65 -6.21 -1.25
N PHE A 26 -8.22 -5.42 -2.22
CA PHE A 26 -8.81 -4.11 -2.45
C PHE A 26 -8.84 -3.80 -3.93
N SER A 27 -9.77 -2.95 -4.32
CA SER A 27 -9.90 -2.54 -5.68
C SER A 27 -9.86 -1.03 -5.75
N ALA A 28 -9.14 -0.51 -6.72
CA ALA A 28 -8.98 0.92 -6.91
C ALA A 28 -10.29 1.69 -6.88
N ALA A 29 -10.18 2.98 -7.15
CA ALA A 29 -11.32 3.89 -7.18
C ALA A 29 -10.86 5.32 -7.43
N HIS A 30 -9.68 5.66 -6.91
CA HIS A 30 -9.13 6.99 -7.08
C HIS A 30 -7.98 7.01 -8.10
N SER A 31 -7.45 8.20 -8.32
CA SER A 31 -6.35 8.42 -9.27
C SER A 31 -5.22 7.43 -9.08
N SER A 32 -4.55 7.51 -7.94
CA SER A 32 -3.42 6.63 -7.66
C SER A 32 -3.85 5.37 -6.93
N GLU A 33 -5.01 4.82 -7.29
CA GLU A 33 -5.53 3.61 -6.67
C GLU A 33 -5.33 2.41 -7.58
N LEU A 34 -5.30 1.23 -6.98
CA LEU A 34 -5.15 0.00 -7.75
C LEU A 34 -5.76 -1.17 -7.01
N SER A 35 -5.96 -2.26 -7.73
CA SER A 35 -6.53 -3.45 -7.15
C SER A 35 -5.44 -4.35 -6.61
N ILE A 36 -5.57 -4.67 -5.34
CA ILE A 36 -4.63 -5.51 -4.65
C ILE A 36 -5.33 -6.71 -4.03
N GLN A 37 -4.54 -7.70 -3.66
CA GLN A 37 -5.06 -8.91 -3.06
C GLN A 37 -4.31 -9.28 -1.80
N VAL A 38 -5.03 -9.87 -0.86
CA VAL A 38 -4.46 -10.29 0.41
C VAL A 38 -3.32 -11.30 0.22
N GLY A 39 -2.13 -10.96 0.70
CA GLY A 39 -1.01 -11.88 0.59
C GLY A 39 0.14 -11.38 -0.25
N GLN A 40 -0.14 -10.46 -1.16
CA GLN A 40 0.90 -9.95 -2.03
C GLN A 40 1.77 -8.91 -1.34
N THR A 41 2.87 -8.56 -1.98
CA THR A 41 3.78 -7.56 -1.44
C THR A 41 3.95 -6.39 -2.39
N VAL A 42 3.76 -5.21 -1.85
CA VAL A 42 3.97 -4.00 -2.59
C VAL A 42 4.47 -2.95 -1.59
N GLU A 43 5.40 -2.15 -2.07
CA GLU A 43 6.03 -1.14 -1.23
C GLU A 43 5.17 0.10 -1.03
N LEU A 44 4.90 0.43 0.23
CA LEU A 44 4.12 1.60 0.56
C LEU A 44 4.86 2.88 0.23
N LEU A 45 4.08 3.88 -0.14
CA LEU A 45 4.60 5.19 -0.51
C LEU A 45 5.02 5.99 0.71
N GLU A 46 4.10 6.22 1.65
CA GLU A 46 4.40 6.98 2.83
C GLU A 46 4.04 6.21 4.10
N ARG A 47 3.76 6.95 5.18
CA ARG A 47 3.43 6.35 6.47
C ARG A 47 2.12 6.92 7.02
N PRO A 48 1.56 6.32 8.09
CA PRO A 48 0.32 6.78 8.70
C PRO A 48 0.54 7.85 9.79
N SER A 49 1.65 8.60 9.67
CA SER A 49 1.93 9.65 10.63
C SER A 49 0.93 10.78 10.53
N GLU A 50 0.69 11.18 9.29
CA GLU A 50 -0.25 12.23 8.99
C GLU A 50 -1.67 11.71 9.11
N ARG A 51 -1.85 10.46 8.69
CA ARG A 51 -3.13 9.79 8.73
C ARG A 51 -3.01 8.51 9.56
N PRO A 52 -3.78 8.37 10.66
CA PRO A 52 -3.71 7.19 11.49
C PRO A 52 -4.73 6.13 11.08
N GLY A 53 -4.22 5.01 10.58
CA GLY A 53 -5.08 3.93 10.16
C GLY A 53 -5.01 3.63 8.68
N TRP A 54 -4.24 4.43 7.95
CA TRP A 54 -4.10 4.28 6.52
C TRP A 54 -2.69 3.85 6.07
N CYS A 55 -2.61 3.37 4.82
CA CYS A 55 -1.33 2.96 4.23
C CYS A 55 -1.43 2.95 2.71
N LEU A 56 -0.29 3.10 2.07
CA LEU A 56 -0.21 3.13 0.63
C LEU A 56 0.50 1.90 0.07
N VAL A 57 0.27 1.60 -1.21
CA VAL A 57 0.90 0.44 -1.83
C VAL A 57 1.40 0.75 -3.25
N ARG A 58 2.71 0.57 -3.48
CA ARG A 58 3.31 0.80 -4.81
C ARG A 58 4.03 -0.47 -5.31
N THR A 59 3.95 -0.73 -6.61
CA THR A 59 4.63 -1.88 -7.18
C THR A 59 5.78 -1.44 -8.07
N THR A 60 6.95 -2.04 -7.86
CA THR A 60 8.14 -1.72 -8.62
C THR A 60 8.65 -2.93 -9.41
N GLU A 61 8.19 -4.13 -9.04
CA GLU A 61 8.60 -5.35 -9.75
C GLU A 61 7.65 -5.66 -10.91
N ARG A 62 6.89 -4.66 -11.33
CA ARG A 62 5.96 -4.78 -12.42
C ARG A 62 6.02 -3.50 -13.25
N SER A 63 6.79 -3.54 -14.32
CA SER A 63 6.97 -2.38 -15.17
C SER A 63 5.80 -2.22 -16.14
N PRO A 64 5.14 -1.03 -16.17
CA PRO A 64 5.47 0.13 -15.33
C PRO A 64 4.91 0.00 -13.90
N PRO A 65 5.61 0.55 -12.88
CA PRO A 65 5.16 0.49 -11.48
C PRO A 65 3.74 0.99 -11.34
N GLN A 66 3.17 0.80 -10.16
CA GLN A 66 1.84 1.22 -9.88
C GLN A 66 1.76 1.71 -8.45
N GLU A 67 0.75 2.51 -8.13
CA GLU A 67 0.62 3.04 -6.79
C GLU A 67 -0.82 2.92 -6.31
N GLY A 68 -0.97 2.73 -5.01
CA GLY A 68 -2.30 2.56 -4.45
C GLY A 68 -2.50 3.22 -3.11
N LEU A 69 -3.76 3.19 -2.65
CA LEU A 69 -4.13 3.78 -1.37
C LEU A 69 -5.24 2.97 -0.70
N VAL A 70 -5.03 2.64 0.56
CA VAL A 70 -6.00 1.89 1.34
C VAL A 70 -5.70 2.08 2.82
N PRO A 71 -6.52 1.54 3.73
CA PRO A 71 -6.27 1.69 5.13
C PRO A 71 -5.39 0.57 5.67
N SER A 72 -4.71 0.87 6.77
CA SER A 72 -3.79 -0.07 7.42
C SER A 72 -4.43 -1.45 7.58
N SER A 73 -5.75 -1.49 7.68
CA SER A 73 -6.46 -2.76 7.82
C SER A 73 -6.15 -3.68 6.64
N THR A 74 -5.90 -3.08 5.48
CA THR A 74 -5.60 -3.82 4.27
C THR A 74 -4.13 -3.70 3.89
N LEU A 75 -3.34 -3.10 4.77
CA LEU A 75 -1.92 -2.91 4.51
C LEU A 75 -1.11 -3.21 5.77
N CYS A 76 -0.06 -3.98 5.59
CA CYS A 76 0.82 -4.34 6.70
C CYS A 76 1.38 -3.10 7.37
N ILE A 77 1.16 -2.99 8.69
CA ILE A 77 1.63 -1.84 9.44
C ILE A 77 2.34 -2.27 10.73
N SER A 78 2.83 -1.30 11.49
CA SER A 78 3.52 -1.57 12.74
C SER A 78 2.80 -0.91 13.92
N HIS A 79 2.52 0.38 13.78
CA HIS A 79 1.83 1.13 14.83
C HIS A 79 2.68 1.18 16.09
N SER A 80 2.99 2.39 16.54
CA SER A 80 3.78 2.58 17.75
C SER A 80 2.89 2.82 18.96
N SER A 14 15.19 8.19 7.99
CA SER A 14 14.97 8.27 6.55
C SER A 14 14.24 7.04 6.03
N GLY A 15 13.69 7.14 4.83
CA GLY A 15 12.97 6.03 4.25
C GLY A 15 12.49 6.31 2.83
N GLY A 16 11.25 6.75 2.70
CA GLY A 16 10.70 7.05 1.40
C GLY A 16 9.81 5.94 0.86
N CYS A 17 10.38 4.74 0.76
CA CYS A 17 9.64 3.58 0.28
C CYS A 17 9.91 2.38 1.17
N GLU A 18 8.85 1.75 1.63
CA GLU A 18 8.98 0.58 2.49
C GLU A 18 8.14 -0.55 1.96
N LEU A 19 8.59 -1.78 2.17
CA LEU A 19 7.85 -2.94 1.70
C LEU A 19 6.67 -3.20 2.61
N THR A 20 5.52 -3.47 2.01
CA THR A 20 4.30 -3.70 2.76
C THR A 20 3.47 -4.83 2.16
N VAL A 21 2.77 -5.57 3.01
CA VAL A 21 1.92 -6.66 2.58
C VAL A 21 0.47 -6.33 2.89
N VAL A 22 -0.41 -6.51 1.91
CA VAL A 22 -1.82 -6.21 2.11
C VAL A 22 -2.55 -7.35 2.80
N LEU A 23 -3.25 -7.01 3.88
CA LEU A 23 -3.99 -7.99 4.65
C LEU A 23 -5.28 -8.41 3.95
N GLN A 24 -5.85 -7.53 3.14
CA GLN A 24 -7.09 -7.83 2.43
C GLN A 24 -7.05 -7.30 1.01
N ASP A 25 -7.74 -7.97 0.09
CA ASP A 25 -7.77 -7.54 -1.30
C ASP A 25 -8.53 -6.22 -1.40
N PHE A 26 -8.12 -5.41 -2.35
CA PHE A 26 -8.74 -4.12 -2.58
C PHE A 26 -8.76 -3.79 -4.05
N SER A 27 -9.71 -2.98 -4.45
CA SER A 27 -9.83 -2.56 -5.81
C SER A 27 -9.84 -1.04 -5.86
N ALA A 28 -9.12 -0.48 -6.82
CA ALA A 28 -9.01 0.95 -6.97
C ALA A 28 -10.35 1.67 -6.94
N ALA A 29 -10.26 2.99 -7.14
CA ALA A 29 -11.43 3.86 -7.14
C ALA A 29 -10.99 5.33 -7.18
N HIS A 30 -9.83 5.62 -6.61
CA HIS A 30 -9.32 6.98 -6.58
C HIS A 30 -8.20 7.19 -7.59
N SER A 31 -7.71 8.44 -7.64
CA SER A 31 -6.65 8.84 -8.57
C SER A 31 -5.57 7.78 -8.76
N SER A 32 -4.64 7.69 -7.82
CA SER A 32 -3.56 6.73 -7.91
C SER A 32 -3.90 5.43 -7.17
N GLU A 33 -5.13 4.94 -7.36
CA GLU A 33 -5.56 3.71 -6.71
C GLU A 33 -5.41 2.52 -7.63
N LEU A 34 -5.28 1.33 -7.06
CA LEU A 34 -5.15 0.13 -7.84
C LEU A 34 -5.69 -1.08 -7.10
N SER A 35 -5.89 -2.16 -7.82
CA SER A 35 -6.40 -3.36 -7.23
C SER A 35 -5.28 -4.22 -6.67
N ILE A 36 -5.42 -4.53 -5.40
CA ILE A 36 -4.45 -5.34 -4.69
C ILE A 36 -5.13 -6.57 -4.11
N GLN A 37 -4.32 -7.54 -3.71
CA GLN A 37 -4.81 -8.78 -3.14
C GLN A 37 -4.11 -9.12 -1.83
N VAL A 38 -4.84 -9.79 -0.97
CA VAL A 38 -4.33 -10.21 0.34
C VAL A 38 -3.14 -11.16 0.19
N GLY A 39 -2.05 -10.86 0.91
CA GLY A 39 -0.89 -11.73 0.89
C GLY A 39 0.26 -11.24 0.04
N GLN A 40 -0.03 -10.43 -0.97
CA GLN A 40 0.99 -9.93 -1.85
C GLN A 40 1.88 -8.92 -1.15
N THR A 41 2.98 -8.58 -1.80
CA THR A 41 3.93 -7.61 -1.25
C THR A 41 4.12 -6.42 -2.17
N VAL A 42 3.71 -5.27 -1.70
CA VAL A 42 3.92 -4.05 -2.42
C VAL A 42 4.38 -3.00 -1.41
N GLU A 43 5.39 -2.25 -1.81
CA GLU A 43 5.98 -1.25 -0.94
C GLU A 43 5.15 0.02 -0.83
N LEU A 44 4.86 0.43 0.40
CA LEU A 44 4.10 1.62 0.65
C LEU A 44 4.87 2.88 0.30
N LEU A 45 4.11 3.88 -0.15
CA LEU A 45 4.66 5.16 -0.54
C LEU A 45 5.08 5.97 0.69
N GLU A 46 4.17 6.14 1.64
CA GLU A 46 4.47 6.91 2.84
C GLU A 46 4.06 6.13 4.10
N ARG A 47 3.80 6.85 5.18
CA ARG A 47 3.41 6.24 6.45
C ARG A 47 2.12 6.84 7.00
N PRO A 48 1.55 6.23 8.05
CA PRO A 48 0.31 6.69 8.68
C PRO A 48 0.55 7.78 9.74
N SER A 49 1.69 8.47 9.67
CA SER A 49 2.00 9.52 10.62
C SER A 49 1.00 10.67 10.50
N GLU A 50 0.77 11.06 9.27
CA GLU A 50 -0.16 12.13 8.96
C GLU A 50 -1.59 11.63 9.07
N ARG A 51 -1.79 10.40 8.62
CA ARG A 51 -3.09 9.75 8.66
C ARG A 51 -3.01 8.45 9.47
N PRO A 52 -3.81 8.31 10.54
CA PRO A 52 -3.79 7.12 11.37
C PRO A 52 -4.82 6.09 10.92
N GLY A 53 -4.33 4.96 10.44
CA GLY A 53 -5.20 3.90 9.98
C GLY A 53 -5.10 3.63 8.49
N TRP A 54 -4.31 4.41 7.79
CA TRP A 54 -4.14 4.28 6.36
C TRP A 54 -2.72 3.83 5.94
N CYS A 55 -2.64 3.36 4.69
CA CYS A 55 -1.35 2.93 4.11
C CYS A 55 -1.43 2.93 2.58
N LEU A 56 -0.27 3.05 1.97
CA LEU A 56 -0.16 3.10 0.51
C LEU A 56 0.54 1.87 -0.06
N VAL A 57 0.35 1.62 -1.36
CA VAL A 57 0.96 0.45 -1.99
C VAL A 57 1.59 0.79 -3.35
N ARG A 58 2.90 0.56 -3.50
CA ARG A 58 3.62 0.80 -4.76
C ARG A 58 4.27 -0.49 -5.27
N THR A 59 4.18 -0.76 -6.57
CA THR A 59 4.81 -1.94 -7.13
C THR A 59 5.89 -1.55 -8.12
N THR A 60 7.05 -2.16 -7.96
CA THR A 60 8.20 -1.89 -8.83
C THR A 60 8.62 -3.12 -9.62
N GLU A 61 8.12 -4.30 -9.21
CA GLU A 61 8.46 -5.54 -9.91
C GLU A 61 7.48 -5.82 -11.06
N ARG A 62 6.72 -4.79 -11.44
CA ARG A 62 5.76 -4.88 -12.51
C ARG A 62 5.83 -3.56 -13.30
N SER A 63 6.58 -3.58 -14.39
CA SER A 63 6.75 -2.39 -15.20
C SER A 63 5.57 -2.22 -16.18
N PRO A 64 4.93 -1.02 -16.21
CA PRO A 64 5.29 0.14 -15.38
C PRO A 64 4.78 0.00 -13.95
N PRO A 65 5.50 0.59 -12.96
CA PRO A 65 5.09 0.54 -11.54
C PRO A 65 3.62 0.90 -11.35
N GLN A 66 3.11 0.63 -10.16
CA GLN A 66 1.74 0.90 -9.84
C GLN A 66 1.63 1.35 -8.39
N GLU A 67 0.96 2.47 -8.16
CA GLU A 67 0.82 2.97 -6.79
C GLU A 67 -0.63 2.95 -6.36
N GLY A 68 -0.83 2.75 -5.08
CA GLY A 68 -2.18 2.65 -4.56
C GLY A 68 -2.40 3.26 -3.19
N LEU A 69 -3.64 3.19 -2.74
CA LEU A 69 -4.05 3.71 -1.44
C LEU A 69 -5.15 2.88 -0.81
N VAL A 70 -4.97 2.55 0.45
CA VAL A 70 -5.93 1.76 1.20
C VAL A 70 -5.67 1.97 2.69
N PRO A 71 -6.54 1.47 3.58
CA PRO A 71 -6.32 1.63 4.99
C PRO A 71 -5.44 0.53 5.54
N SER A 72 -4.75 0.85 6.62
CA SER A 72 -3.85 -0.07 7.28
C SER A 72 -4.51 -1.43 7.53
N SER A 73 -5.84 -1.44 7.63
CA SER A 73 -6.58 -2.66 7.84
C SER A 73 -6.32 -3.64 6.69
N THR A 74 -6.10 -3.10 5.49
CA THR A 74 -5.83 -3.91 4.32
C THR A 74 -4.34 -3.94 4.01
N LEU A 75 -3.57 -3.15 4.75
CA LEU A 75 -2.14 -3.07 4.57
C LEU A 75 -1.42 -3.50 5.83
N CYS A 76 -0.12 -3.39 5.79
CA CYS A 76 0.73 -3.76 6.92
C CYS A 76 0.38 -2.95 8.16
N ILE A 77 0.08 -3.64 9.25
CA ILE A 77 -0.28 -2.97 10.50
C ILE A 77 0.84 -3.12 11.54
N SER A 78 0.61 -2.54 12.72
CA SER A 78 1.59 -2.62 13.80
C SER A 78 1.46 -3.92 14.57
N HIS A 79 2.17 -4.02 15.69
CA HIS A 79 2.12 -5.22 16.52
C HIS A 79 0.73 -5.45 17.09
N SER A 80 0.25 -6.69 16.99
CA SER A 80 -1.07 -7.04 17.49
C SER A 80 -1.17 -6.77 18.99
N SER A 14 13.43 10.30 7.65
CA SER A 14 12.68 9.07 7.89
C SER A 14 11.50 8.95 6.93
N GLY A 15 11.58 7.97 6.03
CA GLY A 15 10.52 7.76 5.07
C GLY A 15 10.96 6.92 3.88
N GLY A 16 10.61 7.37 2.68
CA GLY A 16 10.99 6.64 1.48
C GLY A 16 9.98 5.58 1.11
N CYS A 17 10.45 4.34 0.96
CA CYS A 17 9.59 3.23 0.61
C CYS A 17 9.87 2.04 1.50
N GLU A 18 8.82 1.42 2.01
CA GLU A 18 8.96 0.26 2.89
C GLU A 18 8.11 -0.88 2.38
N LEU A 19 8.55 -2.10 2.59
CA LEU A 19 7.80 -3.26 2.14
C LEU A 19 6.64 -3.54 3.08
N THR A 20 5.47 -3.71 2.48
CA THR A 20 4.26 -3.98 3.23
C THR A 20 3.39 -5.02 2.52
N VAL A 21 2.71 -5.84 3.30
CA VAL A 21 1.83 -6.87 2.75
C VAL A 21 0.38 -6.50 3.01
N VAL A 22 -0.48 -6.75 2.04
CA VAL A 22 -1.89 -6.42 2.19
C VAL A 22 -2.66 -7.53 2.90
N LEU A 23 -3.32 -7.16 3.98
CA LEU A 23 -4.09 -8.11 4.77
C LEU A 23 -5.40 -8.50 4.08
N GLN A 24 -5.92 -7.63 3.22
CA GLN A 24 -7.16 -7.90 2.53
C GLN A 24 -7.11 -7.40 1.09
N ASP A 25 -7.83 -8.06 0.19
CA ASP A 25 -7.85 -7.65 -1.21
C ASP A 25 -8.55 -6.31 -1.34
N PHE A 26 -8.10 -5.54 -2.30
CA PHE A 26 -8.67 -4.22 -2.56
C PHE A 26 -8.68 -3.90 -4.03
N SER A 27 -9.59 -3.05 -4.43
CA SER A 27 -9.70 -2.64 -5.79
C SER A 27 -9.68 -1.13 -5.84
N ALA A 28 -8.96 -0.59 -6.80
CA ALA A 28 -8.81 0.85 -6.97
C ALA A 28 -10.13 1.59 -6.94
N ALA A 29 -10.04 2.90 -7.16
CA ALA A 29 -11.21 3.77 -7.16
C ALA A 29 -10.82 5.22 -7.40
N HIS A 30 -9.63 5.61 -6.94
CA HIS A 30 -9.16 6.97 -7.10
C HIS A 30 -7.87 7.07 -7.91
N SER A 31 -7.39 8.29 -8.06
CA SER A 31 -6.18 8.61 -8.84
C SER A 31 -5.08 7.54 -8.75
N SER A 32 -4.32 7.55 -7.66
CA SER A 32 -3.24 6.60 -7.49
C SER A 32 -3.70 5.31 -6.81
N GLU A 33 -4.86 4.79 -7.21
CA GLU A 33 -5.37 3.57 -6.63
C GLU A 33 -5.17 2.38 -7.56
N LEU A 34 -5.14 1.20 -6.97
CA LEU A 34 -4.97 -0.02 -7.74
C LEU A 34 -5.56 -1.21 -6.99
N SER A 35 -5.75 -2.30 -7.72
CA SER A 35 -6.28 -3.51 -7.16
C SER A 35 -5.18 -4.38 -6.60
N ILE A 36 -5.40 -4.82 -5.38
CA ILE A 36 -4.45 -5.66 -4.67
C ILE A 36 -5.18 -6.85 -4.06
N GLN A 37 -4.41 -7.84 -3.65
CA GLN A 37 -4.94 -9.04 -3.04
C GLN A 37 -4.25 -9.37 -1.73
N VAL A 38 -4.99 -10.01 -0.85
CA VAL A 38 -4.47 -10.40 0.46
C VAL A 38 -3.32 -11.40 0.32
N GLY A 39 -2.17 -11.07 0.89
CA GLY A 39 -1.03 -11.99 0.84
C GLY A 39 0.15 -11.48 0.05
N GLN A 40 -0.11 -10.64 -0.94
CA GLN A 40 0.95 -10.12 -1.78
C GLN A 40 1.80 -9.10 -1.03
N THR A 41 2.94 -8.77 -1.62
CA THR A 41 3.84 -7.78 -1.04
C THR A 41 4.09 -6.62 -1.97
N VAL A 42 3.78 -5.45 -1.47
CA VAL A 42 4.06 -4.24 -2.20
C VAL A 42 4.58 -3.21 -1.21
N GLU A 43 5.54 -2.44 -1.66
CA GLU A 43 6.17 -1.44 -0.82
C GLU A 43 5.30 -0.19 -0.69
N LEU A 44 5.10 0.25 0.54
CA LEU A 44 4.32 1.44 0.80
C LEU A 44 5.08 2.69 0.44
N LEU A 45 4.32 3.68 -0.01
CA LEU A 45 4.86 4.96 -0.43
C LEU A 45 5.24 5.82 0.77
N GLU A 46 4.29 6.02 1.70
CA GLU A 46 4.55 6.82 2.87
C GLU A 46 4.07 6.11 4.13
N ARG A 47 3.76 6.87 5.17
CA ARG A 47 3.29 6.32 6.44
C ARG A 47 2.13 7.14 6.99
N PRO A 48 1.43 6.64 8.04
CA PRO A 48 0.30 7.34 8.65
C PRO A 48 0.70 8.63 9.37
N SER A 49 1.29 9.57 8.63
CA SER A 49 1.72 10.84 9.19
C SER A 49 0.56 11.83 9.20
N GLU A 50 -0.10 11.90 8.06
CA GLU A 50 -1.23 12.79 7.87
C GLU A 50 -2.49 12.16 8.42
N ARG A 51 -2.60 10.85 8.23
CA ARG A 51 -3.75 10.08 8.72
C ARG A 51 -3.28 8.81 9.42
N PRO A 52 -3.89 8.47 10.57
CA PRO A 52 -3.52 7.28 11.34
C PRO A 52 -4.42 6.10 11.02
N GLY A 53 -3.81 5.01 10.55
CA GLY A 53 -4.57 3.83 10.23
C GLY A 53 -4.57 3.48 8.75
N TRP A 54 -3.97 4.36 7.94
CA TRP A 54 -3.91 4.17 6.50
C TRP A 54 -2.52 3.74 6.02
N CYS A 55 -2.46 3.23 4.78
CA CYS A 55 -1.20 2.81 4.18
C CYS A 55 -1.27 2.81 2.65
N LEU A 56 -0.11 2.93 2.04
CA LEU A 56 0.01 2.99 0.59
C LEU A 56 0.71 1.75 0.03
N VAL A 57 0.53 1.49 -1.27
CA VAL A 57 1.15 0.34 -1.91
C VAL A 57 1.74 0.69 -3.29
N ARG A 58 3.02 0.41 -3.49
CA ARG A 58 3.69 0.69 -4.79
C ARG A 58 3.87 -0.60 -5.60
N THR A 59 3.63 -0.52 -6.91
CA THR A 59 3.79 -1.67 -7.77
C THR A 59 5.17 -1.65 -8.38
N THR A 60 5.90 -2.75 -8.25
CA THR A 60 7.26 -2.84 -8.79
C THR A 60 7.39 -3.97 -9.81
N GLU A 61 6.43 -4.90 -9.83
CA GLU A 61 6.46 -6.02 -10.77
C GLU A 61 5.73 -5.67 -12.07
N ARG A 62 5.48 -4.38 -12.29
CA ARG A 62 4.81 -3.90 -13.46
C ARG A 62 5.42 -2.56 -13.86
N SER A 63 6.35 -2.60 -14.81
CA SER A 63 7.02 -1.39 -15.27
C SER A 63 6.18 -0.65 -16.31
N PRO A 64 5.94 0.67 -16.13
CA PRO A 64 6.45 1.45 -15.00
C PRO A 64 5.67 1.20 -13.71
N PRO A 65 6.30 1.37 -12.52
CA PRO A 65 5.64 1.15 -11.23
C PRO A 65 4.24 1.76 -11.18
N GLN A 66 3.48 1.33 -10.18
CA GLN A 66 2.14 1.81 -9.98
C GLN A 66 1.99 2.20 -8.52
N GLU A 67 0.90 2.84 -8.15
CA GLU A 67 0.73 3.25 -6.76
C GLU A 67 -0.69 2.98 -6.29
N GLY A 68 -0.80 2.65 -5.01
CA GLY A 68 -2.10 2.36 -4.44
C GLY A 68 -2.31 2.93 -3.06
N LEU A 69 -3.58 3.04 -2.67
CA LEU A 69 -3.93 3.57 -1.37
C LEU A 69 -5.06 2.78 -0.72
N VAL A 70 -4.86 2.45 0.54
CA VAL A 70 -5.84 1.70 1.32
C VAL A 70 -5.53 1.91 2.79
N PRO A 71 -6.38 1.44 3.71
CA PRO A 71 -6.12 1.60 5.11
C PRO A 71 -5.25 0.47 5.64
N SER A 72 -4.53 0.76 6.70
CA SER A 72 -3.64 -0.21 7.34
C SER A 72 -4.35 -1.54 7.59
N SER A 73 -5.68 -1.50 7.71
CA SER A 73 -6.45 -2.72 7.93
C SER A 73 -6.22 -3.69 6.78
N THR A 74 -6.00 -3.16 5.58
CA THR A 74 -5.76 -3.97 4.40
C THR A 74 -4.27 -4.05 4.07
N LEU A 75 -3.46 -3.30 4.81
CA LEU A 75 -2.04 -3.26 4.61
C LEU A 75 -1.33 -3.73 5.87
N CYS A 76 -0.01 -3.69 5.83
CA CYS A 76 0.81 -4.11 6.97
C CYS A 76 0.45 -3.34 8.23
N ILE A 77 0.03 -4.07 9.26
CA ILE A 77 -0.34 -3.46 10.53
C ILE A 77 0.75 -3.64 11.58
N SER A 78 0.57 -3.00 12.73
CA SER A 78 1.55 -3.09 13.82
C SER A 78 2.91 -2.58 13.37
N HIS A 79 3.05 -1.26 13.32
CA HIS A 79 4.31 -0.64 12.91
C HIS A 79 5.20 -0.37 14.12
N SER A 80 4.59 -0.10 15.26
CA SER A 80 5.33 0.18 16.48
C SER A 80 6.18 -1.02 16.89
N SER A 14 9.61 13.38 4.33
CA SER A 14 9.09 12.02 4.17
C SER A 14 10.15 11.00 4.54
N GLY A 15 9.74 9.74 4.59
CA GLY A 15 10.67 8.67 4.94
C GLY A 15 11.20 7.93 3.72
N GLY A 16 10.29 7.54 2.83
CA GLY A 16 10.68 6.84 1.63
C GLY A 16 9.71 5.74 1.24
N CYS A 17 10.22 4.52 1.07
CA CYS A 17 9.38 3.39 0.71
C CYS A 17 9.73 2.19 1.58
N GLU A 18 8.70 1.54 2.09
CA GLU A 18 8.88 0.37 2.95
C GLU A 18 8.04 -0.78 2.43
N LEU A 19 8.53 -2.00 2.62
CA LEU A 19 7.80 -3.17 2.17
C LEU A 19 6.64 -3.48 3.10
N THR A 20 5.47 -3.65 2.52
CA THR A 20 4.27 -3.95 3.27
C THR A 20 3.40 -4.98 2.56
N VAL A 21 2.73 -5.80 3.34
CA VAL A 21 1.86 -6.83 2.80
C VAL A 21 0.40 -6.46 3.05
N VAL A 22 -0.46 -6.69 2.08
CA VAL A 22 -1.87 -6.37 2.23
C VAL A 22 -2.63 -7.48 2.93
N LEU A 23 -3.32 -7.11 4.00
CA LEU A 23 -4.10 -8.06 4.78
C LEU A 23 -5.39 -8.45 4.07
N GLN A 24 -5.91 -7.56 3.23
CA GLN A 24 -7.15 -7.84 2.51
C GLN A 24 -7.09 -7.35 1.07
N ASP A 25 -7.77 -8.03 0.17
CA ASP A 25 -7.78 -7.62 -1.24
C ASP A 25 -8.51 -6.31 -1.39
N PHE A 26 -8.07 -5.52 -2.35
CA PHE A 26 -8.67 -4.23 -2.62
C PHE A 26 -8.65 -3.94 -4.11
N SER A 27 -9.60 -3.14 -4.54
CA SER A 27 -9.68 -2.75 -5.92
C SER A 27 -9.68 -1.24 -6.01
N ALA A 28 -8.92 -0.71 -6.94
CA ALA A 28 -8.79 0.72 -7.12
C ALA A 28 -10.10 1.48 -7.16
N ALA A 29 -9.99 2.77 -7.40
CA ALA A 29 -11.12 3.69 -7.47
C ALA A 29 -10.62 5.13 -7.53
N HIS A 30 -9.48 5.37 -6.87
CA HIS A 30 -8.88 6.70 -6.85
C HIS A 30 -7.77 6.84 -7.89
N SER A 31 -7.30 8.06 -8.06
CA SER A 31 -6.25 8.36 -9.03
C SER A 31 -5.05 7.42 -8.90
N SER A 32 -4.45 7.39 -7.72
CA SER A 32 -3.28 6.56 -7.48
C SER A 32 -3.68 5.23 -6.82
N GLU A 33 -4.82 4.68 -7.22
CA GLU A 33 -5.29 3.43 -6.66
C GLU A 33 -5.10 2.28 -7.63
N LEU A 34 -5.05 1.08 -7.08
CA LEU A 34 -4.90 -0.12 -7.87
C LEU A 34 -5.48 -1.31 -7.12
N SER A 35 -5.66 -2.42 -7.84
CA SER A 35 -6.20 -3.61 -7.26
C SER A 35 -5.12 -4.46 -6.65
N ILE A 36 -5.30 -4.76 -5.38
CA ILE A 36 -4.37 -5.58 -4.63
C ILE A 36 -5.07 -6.78 -4.03
N GLN A 37 -4.29 -7.75 -3.60
CA GLN A 37 -4.82 -8.96 -3.02
C GLN A 37 -4.15 -9.29 -1.70
N VAL A 38 -4.91 -9.93 -0.82
CA VAL A 38 -4.42 -10.33 0.50
C VAL A 38 -3.26 -11.32 0.37
N GLY A 39 -2.15 -11.02 1.06
CA GLY A 39 -1.01 -11.92 1.04
C GLY A 39 0.17 -11.43 0.25
N GLN A 40 -0.09 -10.64 -0.77
CA GLN A 40 0.98 -10.12 -1.62
C GLN A 40 1.81 -9.06 -0.88
N THR A 41 2.94 -8.73 -1.49
CA THR A 41 3.83 -7.73 -0.92
C THR A 41 4.06 -6.58 -1.89
N VAL A 42 3.81 -5.39 -1.39
CA VAL A 42 4.06 -4.20 -2.14
C VAL A 42 4.58 -3.14 -1.16
N GLU A 43 5.53 -2.37 -1.63
CA GLU A 43 6.15 -1.35 -0.81
C GLU A 43 5.28 -0.11 -0.69
N LEU A 44 5.09 0.36 0.54
CA LEU A 44 4.29 1.54 0.78
C LEU A 44 5.03 2.81 0.42
N LEU A 45 4.24 3.77 -0.02
CA LEU A 45 4.75 5.07 -0.44
C LEU A 45 5.03 5.95 0.78
N GLU A 46 4.06 6.03 1.68
CA GLU A 46 4.18 6.82 2.89
C GLU A 46 3.29 6.24 3.99
N ARG A 47 3.84 6.17 5.19
CA ARG A 47 3.13 5.63 6.34
C ARG A 47 2.21 6.69 6.98
N PRO A 48 1.31 6.27 7.90
CA PRO A 48 0.36 7.19 8.57
C PRO A 48 1.06 8.34 9.31
N SER A 49 1.52 9.34 8.55
CA SER A 49 2.20 10.48 9.15
C SER A 49 1.19 11.53 9.58
N GLU A 50 0.27 11.83 8.68
CA GLU A 50 -0.77 12.80 8.93
C GLU A 50 -2.07 12.10 9.29
N ARG A 51 -2.31 10.98 8.62
CA ARG A 51 -3.51 10.17 8.86
C ARG A 51 -3.10 8.84 9.49
N PRO A 52 -3.68 8.50 10.67
CA PRO A 52 -3.37 7.26 11.36
C PRO A 52 -4.36 6.16 11.03
N GLY A 53 -3.86 5.07 10.46
CA GLY A 53 -4.72 3.97 10.11
C GLY A 53 -4.69 3.63 8.63
N TRP A 54 -4.03 4.47 7.84
CA TRP A 54 -3.95 4.30 6.41
C TRP A 54 -2.57 3.78 5.95
N CYS A 55 -2.52 3.28 4.72
CA CYS A 55 -1.26 2.80 4.13
C CYS A 55 -1.33 2.81 2.62
N LEU A 56 -0.17 2.90 2.01
CA LEU A 56 -0.05 2.96 0.56
C LEU A 56 0.67 1.74 -0.01
N VAL A 57 0.48 1.48 -1.30
CA VAL A 57 1.11 0.34 -1.95
C VAL A 57 1.69 0.71 -3.32
N ARG A 58 2.98 0.44 -3.52
CA ARG A 58 3.65 0.73 -4.79
C ARG A 58 3.82 -0.57 -5.61
N THR A 59 3.58 -0.50 -6.91
CA THR A 59 3.70 -1.67 -7.76
C THR A 59 5.06 -1.67 -8.45
N THR A 60 5.80 -2.75 -8.29
CA THR A 60 7.12 -2.87 -8.88
C THR A 60 7.20 -4.02 -9.88
N GLU A 61 6.20 -4.91 -9.87
CA GLU A 61 6.18 -6.04 -10.80
C GLU A 61 5.52 -5.67 -12.12
N ARG A 62 5.30 -4.38 -12.33
CA ARG A 62 4.70 -3.87 -13.53
C ARG A 62 5.33 -2.54 -13.90
N SER A 63 6.31 -2.58 -14.79
CA SER A 63 7.02 -1.38 -15.20
C SER A 63 6.26 -0.63 -16.30
N PRO A 64 6.07 0.71 -16.17
CA PRO A 64 6.56 1.51 -15.03
C PRO A 64 5.73 1.27 -13.76
N PRO A 65 6.34 1.46 -12.56
CA PRO A 65 5.64 1.26 -11.28
C PRO A 65 4.24 1.85 -11.27
N GLN A 66 3.48 1.42 -10.28
CA GLN A 66 2.12 1.87 -10.10
C GLN A 66 1.94 2.21 -8.63
N GLU A 67 0.83 2.84 -8.26
CA GLU A 67 0.65 3.22 -6.86
C GLU A 67 -0.76 2.93 -6.38
N GLY A 68 -0.86 2.63 -5.11
CA GLY A 68 -2.16 2.30 -4.53
C GLY A 68 -2.38 2.90 -3.16
N LEU A 69 -3.65 3.00 -2.77
CA LEU A 69 -4.02 3.55 -1.47
C LEU A 69 -5.15 2.76 -0.82
N VAL A 70 -4.95 2.44 0.45
CA VAL A 70 -5.92 1.70 1.24
C VAL A 70 -5.61 1.93 2.71
N PRO A 71 -6.46 1.49 3.64
CA PRO A 71 -6.18 1.68 5.03
C PRO A 71 -5.31 0.57 5.58
N SER A 72 -4.59 0.87 6.64
CA SER A 72 -3.69 -0.07 7.29
C SER A 72 -4.37 -1.41 7.56
N SER A 73 -5.71 -1.38 7.69
CA SER A 73 -6.47 -2.60 7.92
C SER A 73 -6.23 -3.59 6.79
N THR A 74 -6.02 -3.08 5.58
CA THR A 74 -5.78 -3.90 4.42
C THR A 74 -4.29 -3.99 4.10
N LEU A 75 -3.48 -3.24 4.85
CA LEU A 75 -2.06 -3.20 4.66
C LEU A 75 -1.36 -3.66 5.92
N CYS A 76 -0.04 -3.61 5.89
CA CYS A 76 0.77 -4.02 7.04
C CYS A 76 0.43 -3.19 8.27
N ILE A 77 0.55 -3.80 9.44
CA ILE A 77 0.25 -3.12 10.70
C ILE A 77 1.34 -3.35 11.73
N SER A 78 1.82 -4.59 11.81
CA SER A 78 2.87 -4.94 12.76
C SER A 78 2.42 -4.68 14.19
N HIS A 79 1.97 -5.73 14.88
CA HIS A 79 1.52 -5.61 16.25
C HIS A 79 2.68 -5.31 17.19
N SER A 80 3.65 -6.22 17.23
CA SER A 80 4.82 -6.05 18.08
C SER A 80 5.64 -4.83 17.65
N SER A 14 7.45 10.12 -2.92
CA SER A 14 7.72 9.34 -1.71
C SER A 14 9.20 9.00 -1.60
N GLY A 15 9.95 9.86 -0.92
CA GLY A 15 11.38 9.64 -0.75
C GLY A 15 11.67 8.33 -0.04
N GLY A 16 10.74 7.88 0.79
CA GLY A 16 10.93 6.64 1.52
C GLY A 16 10.05 5.52 1.00
N CYS A 17 10.62 4.33 0.90
CA CYS A 17 9.89 3.16 0.41
C CYS A 17 10.16 1.96 1.31
N GLU A 18 9.09 1.35 1.78
CA GLU A 18 9.20 0.18 2.65
C GLU A 18 8.33 -0.93 2.12
N LEU A 19 8.75 -2.17 2.36
CA LEU A 19 7.98 -3.32 1.89
C LEU A 19 6.79 -3.54 2.80
N THR A 20 5.65 -3.79 2.20
CA THR A 20 4.41 -3.99 2.94
C THR A 20 3.57 -5.11 2.33
N VAL A 21 2.81 -5.81 3.18
CA VAL A 21 1.94 -6.88 2.74
C VAL A 21 0.49 -6.51 3.00
N VAL A 22 -0.36 -6.67 1.98
CA VAL A 22 -1.77 -6.36 2.12
C VAL A 22 -2.54 -7.49 2.80
N LEU A 23 -3.22 -7.13 3.88
CA LEU A 23 -3.99 -8.09 4.65
C LEU A 23 -5.31 -8.48 3.96
N GLN A 24 -5.85 -7.60 3.12
CA GLN A 24 -7.10 -7.92 2.44
C GLN A 24 -7.05 -7.45 0.98
N ASP A 25 -7.83 -8.09 0.12
CA ASP A 25 -7.84 -7.70 -1.29
C ASP A 25 -8.51 -6.33 -1.41
N PHE A 26 -8.04 -5.57 -2.37
CA PHE A 26 -8.57 -4.24 -2.61
C PHE A 26 -8.57 -3.91 -4.08
N SER A 27 -9.47 -3.03 -4.47
CA SER A 27 -9.56 -2.59 -5.82
C SER A 27 -9.53 -1.08 -5.86
N ALA A 28 -8.79 -0.54 -6.81
CA ALA A 28 -8.63 0.89 -6.96
C ALA A 28 -9.94 1.67 -6.95
N ALA A 29 -9.82 2.97 -7.17
CA ALA A 29 -10.96 3.87 -7.20
C ALA A 29 -10.48 5.32 -7.30
N HIS A 30 -9.32 5.61 -6.73
CA HIS A 30 -8.76 6.96 -6.76
C HIS A 30 -7.60 7.06 -7.75
N SER A 31 -7.07 8.27 -7.87
CA SER A 31 -5.97 8.58 -8.77
C SER A 31 -4.84 7.55 -8.70
N SER A 32 -4.14 7.54 -7.57
CA SER A 32 -3.04 6.62 -7.38
C SER A 32 -3.49 5.31 -6.72
N GLU A 33 -4.64 4.80 -7.15
CA GLU A 33 -5.16 3.56 -6.58
C GLU A 33 -4.97 2.39 -7.54
N LEU A 34 -4.92 1.20 -6.97
CA LEU A 34 -4.77 -0.01 -7.76
C LEU A 34 -5.37 -1.20 -7.03
N SER A 35 -5.58 -2.28 -7.76
CA SER A 35 -6.15 -3.49 -7.19
C SER A 35 -5.06 -4.39 -6.64
N ILE A 36 -5.30 -4.84 -5.43
CA ILE A 36 -4.39 -5.71 -4.73
C ILE A 36 -5.13 -6.91 -4.15
N GLN A 37 -4.37 -7.87 -3.67
CA GLN A 37 -4.93 -9.08 -3.09
C GLN A 37 -4.34 -9.35 -1.71
N VAL A 38 -5.02 -10.16 -0.93
CA VAL A 38 -4.57 -10.50 0.41
C VAL A 38 -3.37 -11.47 0.37
N GLY A 39 -2.24 -11.03 0.93
CA GLY A 39 -1.07 -11.89 0.99
C GLY A 39 0.10 -11.44 0.15
N GLN A 40 -0.14 -10.62 -0.86
CA GLN A 40 0.92 -10.14 -1.70
C GLN A 40 1.80 -9.14 -1.00
N THR A 41 2.94 -8.83 -1.61
CA THR A 41 3.87 -7.86 -1.03
C THR A 41 4.10 -6.69 -1.95
N VAL A 42 3.71 -5.52 -1.49
CA VAL A 42 3.96 -4.31 -2.20
C VAL A 42 4.50 -3.29 -1.20
N GLU A 43 5.48 -2.54 -1.63
CA GLU A 43 6.12 -1.57 -0.77
C GLU A 43 5.28 -0.30 -0.64
N LEU A 44 5.09 0.14 0.60
CA LEU A 44 4.33 1.34 0.86
C LEU A 44 5.12 2.59 0.51
N LEU A 45 4.38 3.59 0.07
CA LEU A 45 4.94 4.87 -0.33
C LEU A 45 5.32 5.70 0.90
N GLU A 46 4.34 6.00 1.75
CA GLU A 46 4.58 6.79 2.93
C GLU A 46 3.94 6.12 4.17
N ARG A 47 3.64 6.90 5.19
CA ARG A 47 3.06 6.38 6.42
C ARG A 47 1.93 7.29 6.94
N PRO A 48 1.14 6.82 7.93
CA PRO A 48 0.04 7.61 8.51
C PRO A 48 0.53 8.88 9.20
N SER A 49 0.92 9.87 8.40
CA SER A 49 1.41 11.14 8.93
C SER A 49 0.26 12.08 9.26
N GLU A 50 -0.64 12.21 8.30
CA GLU A 50 -1.79 13.06 8.44
C GLU A 50 -3.01 12.26 8.90
N ARG A 51 -3.10 11.04 8.37
CA ARG A 51 -4.19 10.13 8.72
C ARG A 51 -3.63 8.89 9.43
N PRO A 52 -4.19 8.51 10.60
CA PRO A 52 -3.73 7.36 11.35
C PRO A 52 -4.55 6.12 11.07
N GLY A 53 -3.91 5.09 10.55
CA GLY A 53 -4.59 3.86 10.25
C GLY A 53 -4.56 3.49 8.78
N TRP A 54 -4.03 4.38 7.96
CA TRP A 54 -3.96 4.16 6.53
C TRP A 54 -2.56 3.77 6.05
N CYS A 55 -2.47 3.26 4.82
CA CYS A 55 -1.18 2.87 4.24
C CYS A 55 -1.23 2.87 2.72
N LEU A 56 -0.07 3.03 2.11
CA LEU A 56 0.05 3.06 0.67
C LEU A 56 0.74 1.81 0.13
N VAL A 57 0.56 1.55 -1.16
CA VAL A 57 1.15 0.37 -1.80
C VAL A 57 1.73 0.70 -3.20
N ARG A 58 3.01 0.37 -3.42
CA ARG A 58 3.66 0.63 -4.71
C ARG A 58 3.76 -0.66 -5.54
N THR A 59 3.51 -0.56 -6.84
CA THR A 59 3.57 -1.71 -7.72
C THR A 59 4.91 -1.75 -8.42
N THR A 60 5.60 -2.88 -8.33
CA THR A 60 6.91 -3.05 -8.95
C THR A 60 6.92 -4.20 -9.96
N GLU A 61 5.88 -5.03 -9.95
CA GLU A 61 5.80 -6.15 -10.90
C GLU A 61 5.14 -5.73 -12.21
N ARG A 62 4.98 -4.42 -12.39
CA ARG A 62 4.39 -3.87 -13.59
C ARG A 62 5.11 -2.57 -13.91
N SER A 63 6.08 -2.65 -14.81
CA SER A 63 6.85 -1.47 -15.19
C SER A 63 6.13 -0.65 -16.28
N PRO A 64 6.03 0.69 -16.12
CA PRO A 64 6.55 1.43 -14.96
C PRO A 64 5.73 1.21 -13.69
N PRO A 65 6.33 1.35 -12.49
CA PRO A 65 5.63 1.16 -11.22
C PRO A 65 4.26 1.82 -11.20
N GLN A 66 3.44 1.37 -10.27
CA GLN A 66 2.12 1.87 -10.08
C GLN A 66 1.97 2.22 -8.61
N GLU A 67 0.89 2.90 -8.22
CA GLU A 67 0.74 3.28 -6.82
C GLU A 67 -0.66 2.99 -6.33
N GLY A 68 -0.75 2.68 -5.05
CA GLY A 68 -2.05 2.36 -4.47
C GLY A 68 -2.24 2.93 -3.08
N LEU A 69 -3.50 2.99 -2.66
CA LEU A 69 -3.85 3.51 -1.34
C LEU A 69 -4.96 2.69 -0.69
N VAL A 70 -4.75 2.37 0.58
CA VAL A 70 -5.71 1.59 1.35
C VAL A 70 -5.44 1.82 2.82
N PRO A 71 -6.31 1.34 3.73
CA PRO A 71 -6.08 1.51 5.13
C PRO A 71 -5.19 0.41 5.69
N SER A 72 -4.49 0.73 6.76
CA SER A 72 -3.59 -0.20 7.42
C SER A 72 -4.27 -1.55 7.69
N SER A 73 -5.59 -1.52 7.81
CA SER A 73 -6.35 -2.74 8.05
C SER A 73 -6.13 -3.73 6.92
N THR A 74 -5.98 -3.21 5.70
CA THR A 74 -5.74 -4.03 4.53
C THR A 74 -4.26 -4.06 4.16
N LEU A 75 -3.45 -3.33 4.92
CA LEU A 75 -2.04 -3.27 4.68
C LEU A 75 -1.29 -3.72 5.93
N CYS A 76 0.01 -3.64 5.88
CA CYS A 76 0.87 -4.04 6.99
C CYS A 76 0.55 -3.22 8.24
N ILE A 77 0.69 -3.84 9.40
CA ILE A 77 0.42 -3.17 10.67
C ILE A 77 1.49 -3.50 11.70
N SER A 78 1.73 -2.56 12.61
CA SER A 78 2.73 -2.75 13.65
C SER A 78 2.38 -1.96 14.91
N HIS A 79 1.08 -1.93 15.24
CA HIS A 79 0.61 -1.21 16.41
C HIS A 79 -0.83 -1.59 16.75
N SER A 80 -1.75 -1.21 15.87
CA SER A 80 -3.16 -1.52 16.07
C SER A 80 -3.49 -2.91 15.56
N SER A 14 14.31 9.21 5.87
CA SER A 14 15.21 8.25 5.25
C SER A 14 14.44 7.11 4.60
N GLY A 15 13.29 6.78 5.18
CA GLY A 15 12.48 5.70 4.65
C GLY A 15 11.43 6.19 3.68
N GLY A 16 11.83 6.42 2.43
CA GLY A 16 10.91 6.88 1.42
C GLY A 16 9.85 5.84 1.07
N CYS A 17 10.30 4.61 0.87
CA CYS A 17 9.40 3.51 0.54
C CYS A 17 9.72 2.31 1.40
N GLU A 18 8.68 1.66 1.90
CA GLU A 18 8.85 0.48 2.74
C GLU A 18 8.02 -0.67 2.22
N LEU A 19 8.51 -1.88 2.41
CA LEU A 19 7.79 -3.06 1.93
C LEU A 19 6.64 -3.39 2.87
N THR A 20 5.47 -3.59 2.27
CA THR A 20 4.26 -3.90 3.01
C THR A 20 3.43 -4.96 2.27
N VAL A 21 2.65 -5.72 3.03
CA VAL A 21 1.81 -6.75 2.45
C VAL A 21 0.35 -6.46 2.78
N VAL A 22 -0.50 -6.49 1.77
CA VAL A 22 -1.91 -6.21 1.98
C VAL A 22 -2.58 -7.33 2.76
N LEU A 23 -3.26 -6.95 3.84
CA LEU A 23 -3.94 -7.90 4.68
C LEU A 23 -5.27 -8.34 4.06
N GLN A 24 -5.82 -7.51 3.18
CA GLN A 24 -7.08 -7.82 2.53
C GLN A 24 -7.07 -7.33 1.09
N ASP A 25 -7.80 -8.00 0.21
CA ASP A 25 -7.85 -7.59 -1.19
C ASP A 25 -8.57 -6.26 -1.32
N PHE A 26 -8.14 -5.48 -2.27
CA PHE A 26 -8.72 -4.17 -2.54
C PHE A 26 -8.73 -3.87 -4.02
N SER A 27 -9.67 -3.05 -4.44
CA SER A 27 -9.77 -2.66 -5.80
C SER A 27 -9.77 -1.14 -5.88
N ALA A 28 -9.03 -0.61 -6.84
CA ALA A 28 -8.90 0.82 -7.02
C ALA A 28 -10.24 1.56 -7.06
N ALA A 29 -10.14 2.86 -7.30
CA ALA A 29 -11.29 3.74 -7.38
C ALA A 29 -10.85 5.20 -7.44
N HIS A 30 -9.70 5.50 -6.83
CA HIS A 30 -9.18 6.86 -6.82
C HIS A 30 -8.00 7.02 -7.78
N SER A 31 -7.50 8.24 -7.84
CA SER A 31 -6.38 8.61 -8.72
C SER A 31 -5.28 7.55 -8.75
N SER A 32 -4.47 7.51 -7.70
CA SER A 32 -3.38 6.55 -7.62
C SER A 32 -3.80 5.28 -6.92
N GLU A 33 -4.98 4.75 -7.26
CA GLU A 33 -5.48 3.54 -6.66
C GLU A 33 -5.29 2.34 -7.59
N LEU A 34 -5.19 1.16 -7.01
CA LEU A 34 -5.01 -0.05 -7.79
C LEU A 34 -5.62 -1.24 -7.06
N SER A 35 -5.81 -2.34 -7.78
CA SER A 35 -6.37 -3.53 -7.21
C SER A 35 -5.27 -4.41 -6.64
N ILE A 36 -5.43 -4.73 -5.37
CA ILE A 36 -4.49 -5.57 -4.65
C ILE A 36 -5.20 -6.76 -4.04
N GLN A 37 -4.43 -7.75 -3.65
CA GLN A 37 -4.96 -8.96 -3.06
C GLN A 37 -4.22 -9.32 -1.78
N VAL A 38 -4.96 -9.91 -0.85
CA VAL A 38 -4.40 -10.32 0.44
C VAL A 38 -3.28 -11.34 0.25
N GLY A 39 -2.08 -10.99 0.72
CA GLY A 39 -0.96 -11.91 0.63
C GLY A 39 0.21 -11.41 -0.19
N GLN A 40 -0.05 -10.48 -1.09
CA GLN A 40 1.00 -9.96 -1.94
C GLN A 40 1.86 -8.94 -1.22
N THR A 41 2.98 -8.59 -1.84
CA THR A 41 3.89 -7.61 -1.28
C THR A 41 4.10 -6.44 -2.21
N VAL A 42 3.85 -5.27 -1.69
CA VAL A 42 4.10 -4.06 -2.41
C VAL A 42 4.60 -3.01 -1.41
N GLU A 43 5.53 -2.21 -1.87
CA GLU A 43 6.14 -1.20 -1.04
C GLU A 43 5.25 0.04 -0.87
N LEU A 44 4.99 0.41 0.36
CA LEU A 44 4.18 1.58 0.64
C LEU A 44 4.92 2.85 0.28
N LEU A 45 4.14 3.82 -0.15
CA LEU A 45 4.65 5.13 -0.55
C LEU A 45 5.08 5.94 0.66
N GLU A 46 4.16 6.18 1.59
CA GLU A 46 4.45 6.96 2.76
C GLU A 46 4.06 6.21 4.05
N ARG A 47 3.78 6.96 5.11
CA ARG A 47 3.41 6.37 6.40
C ARG A 47 2.12 6.98 6.93
N PRO A 48 1.54 6.39 8.00
CA PRO A 48 0.30 6.87 8.60
C PRO A 48 0.52 7.99 9.63
N SER A 49 1.61 8.74 9.50
CA SER A 49 1.90 9.82 10.42
C SER A 49 0.89 10.94 10.26
N GLU A 50 0.64 11.30 9.02
CA GLU A 50 -0.30 12.33 8.68
C GLU A 50 -1.72 11.81 8.82
N ARG A 51 -1.89 10.56 8.42
CA ARG A 51 -3.18 9.87 8.50
C ARG A 51 -3.06 8.62 9.35
N PRO A 52 -3.84 8.50 10.44
CA PRO A 52 -3.79 7.34 11.32
C PRO A 52 -4.78 6.27 10.93
N GLY A 53 -4.25 5.13 10.48
CA GLY A 53 -5.10 4.03 10.08
C GLY A 53 -5.02 3.70 8.61
N TRP A 54 -4.25 4.49 7.86
CA TRP A 54 -4.11 4.31 6.43
C TRP A 54 -2.69 3.88 6.00
N CYS A 55 -2.61 3.38 4.76
CA CYS A 55 -1.33 2.97 4.18
C CYS A 55 -1.41 2.93 2.66
N LEU A 56 -0.25 3.09 2.04
CA LEU A 56 -0.15 3.11 0.59
C LEU A 56 0.57 1.88 0.05
N VAL A 57 0.38 1.58 -1.24
CA VAL A 57 1.02 0.43 -1.85
C VAL A 57 1.55 0.73 -3.27
N ARG A 58 2.85 0.54 -3.50
CA ARG A 58 3.46 0.74 -4.82
C ARG A 58 3.91 -0.59 -5.45
N THR A 59 3.73 -0.72 -6.76
CA THR A 59 4.18 -1.93 -7.45
C THR A 59 5.50 -1.69 -8.12
N THR A 60 6.43 -2.62 -7.94
CA THR A 60 7.75 -2.51 -8.54
C THR A 60 8.03 -3.68 -9.49
N GLU A 61 7.29 -4.78 -9.35
CA GLU A 61 7.46 -5.94 -10.21
C GLU A 61 6.53 -5.87 -11.43
N ARG A 62 6.07 -4.65 -11.74
CA ARG A 62 5.20 -4.41 -12.86
C ARG A 62 5.61 -3.08 -13.49
N SER A 63 6.40 -3.17 -14.55
CA SER A 63 6.90 -1.96 -15.22
C SER A 63 5.86 -1.43 -16.22
N PRO A 64 5.48 -0.13 -16.12
CA PRO A 64 5.98 0.81 -15.10
C PRO A 64 5.31 0.62 -13.74
N PRO A 65 6.02 0.96 -12.62
CA PRO A 65 5.47 0.82 -11.26
C PRO A 65 4.05 1.35 -11.15
N GLN A 66 3.39 1.03 -10.05
CA GLN A 66 2.04 1.46 -9.82
C GLN A 66 1.94 1.93 -8.39
N GLU A 67 0.85 2.61 -8.05
CA GLU A 67 0.69 3.09 -6.69
C GLU A 67 -0.74 2.91 -6.24
N GLY A 68 -0.91 2.69 -4.96
CA GLY A 68 -2.24 2.45 -4.41
C GLY A 68 -2.47 3.13 -3.08
N LEU A 69 -3.74 3.13 -2.66
CA LEU A 69 -4.13 3.72 -1.39
C LEU A 69 -5.24 2.93 -0.73
N VAL A 70 -5.03 2.60 0.53
CA VAL A 70 -6.00 1.84 1.31
C VAL A 70 -5.70 2.05 2.78
N PRO A 71 -6.54 1.53 3.69
CA PRO A 71 -6.28 1.69 5.10
C PRO A 71 -5.40 0.59 5.65
N SER A 72 -4.72 0.90 6.75
CA SER A 72 -3.81 -0.02 7.41
C SER A 72 -4.42 -1.41 7.57
N SER A 73 -5.75 -1.46 7.67
CA SER A 73 -6.45 -2.74 7.82
C SER A 73 -6.12 -3.67 6.65
N THR A 74 -5.90 -3.07 5.48
CA THR A 74 -5.59 -3.82 4.28
C THR A 74 -4.11 -3.70 3.91
N LEU A 75 -3.31 -3.10 4.80
CA LEU A 75 -1.91 -2.92 4.55
C LEU A 75 -1.10 -3.19 5.81
N CYS A 76 -0.08 -4.02 5.67
CA CYS A 76 0.79 -4.38 6.79
C CYS A 76 1.45 -3.13 7.36
N ILE A 77 1.16 -2.84 8.62
CA ILE A 77 1.71 -1.67 9.29
C ILE A 77 2.61 -2.06 10.45
N SER A 78 2.21 -3.10 11.17
CA SER A 78 2.97 -3.59 12.31
C SER A 78 4.35 -4.09 11.87
N HIS A 79 4.41 -4.67 10.68
CA HIS A 79 5.65 -5.19 10.13
C HIS A 79 6.22 -6.28 11.04
N SER A 80 5.78 -7.51 10.84
CA SER A 80 6.24 -8.64 11.64
C SER A 80 7.47 -9.29 11.01
N SER A 14 17.65 10.53 -1.32
CA SER A 14 16.29 10.78 -0.86
C SER A 14 15.36 9.64 -1.29
N GLY A 15 14.34 9.40 -0.48
CA GLY A 15 13.40 8.34 -0.79
C GLY A 15 12.79 7.72 0.46
N GLY A 16 11.50 7.40 0.40
CA GLY A 16 10.84 6.80 1.53
C GLY A 16 9.85 5.71 1.13
N CYS A 17 10.36 4.49 1.00
CA CYS A 17 9.53 3.36 0.63
C CYS A 17 9.82 2.16 1.52
N GLU A 18 8.77 1.53 2.01
CA GLU A 18 8.91 0.38 2.89
C GLU A 18 8.07 -0.77 2.36
N LEU A 19 8.53 -1.98 2.59
CA LEU A 19 7.80 -3.16 2.13
C LEU A 19 6.63 -3.45 3.05
N THR A 20 5.47 -3.63 2.45
CA THR A 20 4.25 -3.91 3.19
C THR A 20 3.40 -4.94 2.47
N VAL A 21 2.69 -5.75 3.24
CA VAL A 21 1.83 -6.78 2.70
C VAL A 21 0.38 -6.42 2.96
N VAL A 22 -0.49 -6.68 2.00
CA VAL A 22 -1.89 -6.35 2.16
C VAL A 22 -2.66 -7.47 2.85
N LEU A 23 -3.32 -7.11 3.93
CA LEU A 23 -4.09 -8.07 4.71
C LEU A 23 -5.39 -8.46 4.00
N GLN A 24 -5.91 -7.57 3.16
CA GLN A 24 -7.15 -7.85 2.45
C GLN A 24 -7.09 -7.32 1.01
N ASP A 25 -7.79 -8.00 0.10
CA ASP A 25 -7.79 -7.58 -1.29
C ASP A 25 -8.53 -6.25 -1.42
N PHE A 26 -8.09 -5.45 -2.37
CA PHE A 26 -8.69 -4.16 -2.63
C PHE A 26 -8.68 -3.84 -4.11
N SER A 27 -9.62 -3.03 -4.52
CA SER A 27 -9.72 -2.63 -5.89
C SER A 27 -9.74 -1.11 -5.96
N ALA A 28 -8.99 -0.57 -6.90
CA ALA A 28 -8.87 0.86 -7.06
C ALA A 28 -10.21 1.59 -7.09
N ALA A 29 -10.11 2.90 -7.32
CA ALA A 29 -11.27 3.79 -7.38
C ALA A 29 -10.83 5.25 -7.42
N HIS A 30 -9.68 5.53 -6.79
CA HIS A 30 -9.16 6.89 -6.75
C HIS A 30 -7.97 7.08 -7.71
N SER A 31 -7.47 8.31 -7.74
CA SER A 31 -6.36 8.69 -8.61
C SER A 31 -5.25 7.63 -8.65
N SER A 32 -4.45 7.58 -7.61
CA SER A 32 -3.35 6.62 -7.55
C SER A 32 -3.78 5.31 -6.88
N GLU A 33 -4.96 4.81 -7.22
CA GLU A 33 -5.46 3.58 -6.66
C GLU A 33 -5.27 2.42 -7.61
N LEU A 34 -5.14 1.22 -7.05
CA LEU A 34 -4.96 0.02 -7.84
C LEU A 34 -5.55 -1.17 -7.12
N SER A 35 -5.73 -2.27 -7.84
CA SER A 35 -6.28 -3.47 -7.27
C SER A 35 -5.18 -4.34 -6.69
N ILE A 36 -5.35 -4.66 -5.43
CA ILE A 36 -4.41 -5.48 -4.69
C ILE A 36 -5.11 -6.69 -4.11
N GLN A 37 -4.34 -7.68 -3.69
CA GLN A 37 -4.86 -8.90 -3.12
C GLN A 37 -4.17 -9.25 -1.81
N VAL A 38 -4.93 -9.88 -0.93
CA VAL A 38 -4.42 -10.29 0.37
C VAL A 38 -3.25 -11.28 0.23
N GLY A 39 -2.15 -11.00 0.91
CA GLY A 39 -1.01 -11.90 0.87
C GLY A 39 0.17 -11.39 0.08
N GLN A 40 -0.08 -10.58 -0.93
CA GLN A 40 0.97 -10.06 -1.76
C GLN A 40 1.81 -9.03 -1.02
N THR A 41 2.96 -8.70 -1.60
CA THR A 41 3.85 -7.71 -1.03
C THR A 41 4.11 -6.57 -1.98
N VAL A 42 3.86 -5.38 -1.49
CA VAL A 42 4.15 -4.19 -2.22
C VAL A 42 4.67 -3.15 -1.24
N GLU A 43 5.59 -2.35 -1.72
CA GLU A 43 6.20 -1.33 -0.90
C GLU A 43 5.31 -0.10 -0.76
N LEU A 44 5.08 0.32 0.48
CA LEU A 44 4.27 1.48 0.74
C LEU A 44 5.01 2.75 0.41
N LEU A 45 4.23 3.72 -0.04
CA LEU A 45 4.75 5.03 -0.43
C LEU A 45 5.12 5.86 0.79
N GLU A 46 4.19 6.01 1.73
CA GLU A 46 4.43 6.78 2.92
C GLU A 46 3.80 6.08 4.13
N ARG A 47 3.88 6.74 5.27
CA ARG A 47 3.34 6.20 6.51
C ARG A 47 2.18 7.05 7.04
N PRO A 48 1.44 6.54 8.05
CA PRO A 48 0.31 7.26 8.65
C PRO A 48 0.76 8.53 9.39
N SER A 49 1.31 9.48 8.65
CA SER A 49 1.79 10.73 9.25
C SER A 49 0.66 11.74 9.39
N GLU A 50 -0.09 11.90 8.31
CA GLU A 50 -1.20 12.83 8.27
C GLU A 50 -2.43 12.18 8.89
N ARG A 51 -2.58 10.89 8.61
CA ARG A 51 -3.70 10.11 9.14
C ARG A 51 -3.19 8.79 9.72
N PRO A 52 -3.66 8.38 10.90
CA PRO A 52 -3.24 7.14 11.53
C PRO A 52 -4.22 6.01 11.27
N GLY A 53 -3.78 5.03 10.51
CA GLY A 53 -4.62 3.90 10.19
C GLY A 53 -4.58 3.54 8.73
N TRP A 54 -4.04 4.43 7.91
CA TRP A 54 -3.96 4.22 6.47
C TRP A 54 -2.56 3.74 6.00
N CYS A 55 -2.52 3.23 4.77
CA CYS A 55 -1.26 2.77 4.17
C CYS A 55 -1.34 2.77 2.64
N LEU A 56 -0.18 2.86 2.02
CA LEU A 56 -0.08 2.91 0.58
C LEU A 56 0.64 1.70 0.01
N VAL A 57 0.45 1.43 -1.29
CA VAL A 57 1.09 0.27 -1.92
C VAL A 57 1.65 0.59 -3.33
N ARG A 58 2.97 0.41 -3.52
CA ARG A 58 3.61 0.64 -4.82
C ARG A 58 4.00 -0.71 -5.48
N THR A 59 3.88 -0.82 -6.80
CA THR A 59 4.27 -2.05 -7.47
C THR A 59 5.48 -1.81 -8.35
N THR A 60 6.47 -2.71 -8.22
CA THR A 60 7.70 -2.61 -8.99
C THR A 60 7.85 -3.78 -9.96
N GLU A 61 7.03 -4.83 -9.78
CA GLU A 61 7.08 -5.99 -10.67
C GLU A 61 6.20 -5.79 -11.91
N ARG A 62 5.76 -4.55 -12.12
CA ARG A 62 4.94 -4.20 -13.26
C ARG A 62 5.41 -2.86 -13.80
N SER A 63 6.24 -2.92 -14.83
CA SER A 63 6.79 -1.71 -15.42
C SER A 63 5.82 -1.09 -16.43
N PRO A 64 5.49 0.21 -16.29
CA PRO A 64 6.03 1.10 -15.24
C PRO A 64 5.35 0.86 -13.89
N PRO A 65 6.07 1.10 -12.76
CA PRO A 65 5.51 0.92 -11.41
C PRO A 65 4.15 1.57 -11.26
N GLN A 66 3.45 1.20 -10.20
CA GLN A 66 2.16 1.74 -9.92
C GLN A 66 2.03 1.99 -8.43
N GLU A 67 1.01 2.71 -8.02
CA GLU A 67 0.84 3.02 -6.61
C GLU A 67 -0.62 2.89 -6.20
N GLY A 68 -0.81 2.57 -4.94
CA GLY A 68 -2.15 2.37 -4.43
C GLY A 68 -2.39 2.98 -3.07
N LEU A 69 -3.66 3.04 -2.67
CA LEU A 69 -4.03 3.60 -1.38
C LEU A 69 -5.16 2.81 -0.74
N VAL A 70 -4.96 2.47 0.52
CA VAL A 70 -5.93 1.73 1.31
C VAL A 70 -5.63 1.94 2.78
N PRO A 71 -6.48 1.47 3.69
CA PRO A 71 -6.20 1.64 5.10
C PRO A 71 -5.33 0.51 5.61
N SER A 72 -4.60 0.79 6.68
CA SER A 72 -3.71 -0.17 7.31
C SER A 72 -4.39 -1.51 7.55
N SER A 73 -5.72 -1.49 7.68
CA SER A 73 -6.49 -2.70 7.88
C SER A 73 -6.25 -3.68 6.74
N THR A 74 -6.03 -3.13 5.54
CA THR A 74 -5.79 -3.94 4.36
C THR A 74 -4.30 -4.01 4.03
N LEU A 75 -3.50 -3.24 4.76
CA LEU A 75 -2.08 -3.21 4.56
C LEU A 75 -1.36 -3.66 5.82
N CYS A 76 -0.05 -3.59 5.79
CA CYS A 76 0.78 -4.00 6.93
C CYS A 76 0.41 -3.19 8.17
N ILE A 77 0.22 -3.89 9.29
CA ILE A 77 -0.12 -3.25 10.55
C ILE A 77 0.92 -3.54 11.62
N SER A 78 1.09 -2.60 12.55
CA SER A 78 2.05 -2.76 13.63
C SER A 78 3.47 -2.90 13.07
N HIS A 79 4.20 -1.79 13.03
CA HIS A 79 5.57 -1.79 12.52
C HIS A 79 6.55 -1.31 13.58
N SER A 80 7.77 -1.83 13.55
CA SER A 80 8.79 -1.44 14.51
C SER A 80 9.15 0.02 14.36
N SER A 14 11.99 8.16 -5.98
CA SER A 14 11.15 7.75 -4.86
C SER A 14 11.98 7.58 -3.59
N GLY A 15 11.92 8.55 -2.70
CA GLY A 15 12.67 8.50 -1.46
C GLY A 15 11.79 8.21 -0.26
N GLY A 16 11.91 7.01 0.30
CA GLY A 16 11.12 6.64 1.45
C GLY A 16 10.04 5.64 1.11
N CYS A 17 10.44 4.42 0.75
CA CYS A 17 9.50 3.37 0.41
C CYS A 17 9.88 2.07 1.11
N GLU A 18 8.87 1.42 1.67
CA GLU A 18 9.08 0.15 2.38
C GLU A 18 8.12 -0.90 1.86
N LEU A 19 8.59 -2.14 1.82
CA LEU A 19 7.79 -3.25 1.33
C LEU A 19 6.80 -3.73 2.38
N THR A 20 5.56 -3.95 1.94
CA THR A 20 4.51 -4.42 2.83
C THR A 20 3.60 -5.43 2.12
N VAL A 21 3.00 -6.31 2.89
CA VAL A 21 2.09 -7.32 2.35
C VAL A 21 0.67 -6.99 2.76
N VAL A 22 -0.22 -6.83 1.78
CA VAL A 22 -1.60 -6.50 2.06
C VAL A 22 -2.27 -7.61 2.86
N LEU A 23 -3.19 -7.22 3.72
CA LEU A 23 -3.92 -8.17 4.55
C LEU A 23 -5.30 -8.47 3.96
N GLN A 24 -5.79 -7.57 3.10
CA GLN A 24 -7.09 -7.75 2.49
C GLN A 24 -7.07 -7.24 1.05
N ASP A 25 -7.88 -7.85 0.20
CA ASP A 25 -7.94 -7.44 -1.20
C ASP A 25 -8.61 -6.08 -1.29
N PHE A 26 -8.17 -5.30 -2.26
CA PHE A 26 -8.73 -3.96 -2.47
C PHE A 26 -8.76 -3.63 -3.94
N SER A 27 -9.68 -2.75 -4.31
CA SER A 27 -9.81 -2.31 -5.66
C SER A 27 -9.78 -0.80 -5.70
N ALA A 28 -9.08 -0.25 -6.68
CA ALA A 28 -8.93 1.19 -6.83
C ALA A 28 -10.25 1.94 -6.74
N ALA A 29 -10.15 3.25 -6.93
CA ALA A 29 -11.31 4.14 -6.88
C ALA A 29 -10.86 5.60 -6.99
N HIS A 30 -9.66 5.89 -6.48
CA HIS A 30 -9.14 7.25 -6.53
C HIS A 30 -8.05 7.39 -7.60
N SER A 31 -7.55 8.63 -7.72
CA SER A 31 -6.51 8.98 -8.69
C SER A 31 -5.45 7.90 -8.87
N SER A 32 -4.50 7.84 -7.92
CA SER A 32 -3.43 6.86 -7.99
C SER A 32 -3.77 5.59 -7.23
N GLU A 33 -5.02 5.13 -7.34
CA GLU A 33 -5.45 3.92 -6.67
C GLU A 33 -5.32 2.71 -7.58
N LEU A 34 -5.19 1.54 -6.98
CA LEU A 34 -5.09 0.31 -7.73
C LEU A 34 -5.65 -0.87 -6.95
N SER A 35 -5.90 -1.96 -7.67
CA SER A 35 -6.45 -3.14 -7.09
C SER A 35 -5.36 -4.08 -6.61
N ILE A 36 -5.54 -4.55 -5.39
CA ILE A 36 -4.62 -5.47 -4.77
C ILE A 36 -5.36 -6.67 -4.17
N GLN A 37 -4.60 -7.68 -3.80
CA GLN A 37 -5.14 -8.88 -3.23
C GLN A 37 -4.39 -9.30 -1.98
N VAL A 38 -5.13 -9.84 -1.03
CA VAL A 38 -4.54 -10.29 0.23
C VAL A 38 -3.46 -11.35 0.02
N GLY A 39 -2.23 -11.03 0.41
CA GLY A 39 -1.14 -11.99 0.29
C GLY A 39 0.01 -11.53 -0.59
N GLN A 40 -0.23 -10.53 -1.42
CA GLN A 40 0.80 -10.03 -2.30
C GLN A 40 1.74 -9.08 -1.59
N THR A 41 2.76 -8.62 -2.31
CA THR A 41 3.73 -7.69 -1.75
C THR A 41 3.76 -6.38 -2.52
N VAL A 42 3.50 -5.31 -1.81
CA VAL A 42 3.56 -3.98 -2.38
C VAL A 42 4.09 -3.02 -1.34
N GLU A 43 5.11 -2.28 -1.72
CA GLU A 43 5.78 -1.36 -0.80
C GLU A 43 5.06 -0.02 -0.65
N LEU A 44 4.77 0.39 0.59
CA LEU A 44 4.11 1.65 0.82
C LEU A 44 4.97 2.84 0.48
N LEU A 45 4.28 3.90 0.04
CA LEU A 45 4.93 5.14 -0.36
C LEU A 45 5.23 5.99 0.87
N GLU A 46 4.19 6.36 1.62
CA GLU A 46 4.36 7.17 2.80
C GLU A 46 3.82 6.44 4.04
N ARG A 47 3.52 7.19 5.09
CA ARG A 47 3.02 6.61 6.33
C ARG A 47 1.89 7.46 6.92
N PRO A 48 1.16 6.93 7.94
CA PRO A 48 0.06 7.66 8.59
C PRO A 48 0.53 8.93 9.29
N SER A 49 0.87 9.95 8.50
CA SER A 49 1.35 11.21 9.06
C SER A 49 0.18 12.11 9.44
N GLU A 50 -0.76 12.24 8.53
CA GLU A 50 -1.92 13.06 8.72
C GLU A 50 -3.09 12.21 9.23
N ARG A 51 -3.18 11.01 8.68
CA ARG A 51 -4.22 10.06 9.07
C ARG A 51 -3.59 8.81 9.70
N PRO A 52 -4.09 8.38 10.88
CA PRO A 52 -3.56 7.20 11.57
C PRO A 52 -4.38 5.97 11.30
N GLY A 53 -3.78 5.00 10.63
CA GLY A 53 -4.47 3.77 10.33
C GLY A 53 -4.47 3.43 8.85
N TRP A 54 -3.96 4.34 8.03
CA TRP A 54 -3.92 4.16 6.59
C TRP A 54 -2.51 3.86 6.05
N CYS A 55 -2.45 3.37 4.80
CA CYS A 55 -1.17 3.09 4.15
C CYS A 55 -1.31 3.04 2.63
N LEU A 56 -0.20 3.30 1.97
CA LEU A 56 -0.13 3.31 0.51
C LEU A 56 0.58 2.07 0.01
N VAL A 57 0.43 1.74 -1.28
CA VAL A 57 1.11 0.55 -1.81
C VAL A 57 1.67 0.79 -3.22
N ARG A 58 2.99 0.64 -3.36
CA ARG A 58 3.67 0.80 -4.63
C ARG A 58 4.29 -0.51 -5.09
N THR A 59 4.33 -0.76 -6.41
CA THR A 59 4.92 -1.97 -6.92
C THR A 59 5.97 -1.69 -7.98
N THR A 60 7.08 -2.40 -7.88
CA THR A 60 8.20 -2.25 -8.81
C THR A 60 8.46 -3.53 -9.60
N GLU A 61 7.84 -4.64 -9.19
CA GLU A 61 7.99 -5.90 -9.91
C GLU A 61 7.01 -6.02 -11.07
N ARG A 62 6.35 -4.91 -11.40
CA ARG A 62 5.41 -4.87 -12.49
C ARG A 62 5.62 -3.54 -13.22
N SER A 63 6.39 -3.60 -14.30
CA SER A 63 6.70 -2.41 -15.08
C SER A 63 5.58 -2.08 -16.07
N PRO A 64 5.07 -0.82 -16.10
CA PRO A 64 5.53 0.27 -15.22
C PRO A 64 5.00 0.12 -13.79
N PRO A 65 5.73 0.67 -12.78
CA PRO A 65 5.31 0.60 -11.38
C PRO A 65 3.86 0.99 -11.19
N GLN A 66 3.31 0.66 -10.04
CA GLN A 66 1.94 0.95 -9.73
C GLN A 66 1.82 1.34 -8.27
N GLU A 67 1.18 2.48 -8.00
CA GLU A 67 1.02 2.93 -6.63
C GLU A 67 -0.45 2.99 -6.27
N GLY A 68 -0.72 2.75 -5.00
CA GLY A 68 -2.10 2.73 -4.54
C GLY A 68 -2.31 3.14 -3.10
N LEU A 69 -3.55 2.97 -2.66
CA LEU A 69 -3.94 3.34 -1.31
C LEU A 69 -4.99 2.41 -0.71
N VAL A 70 -4.79 2.11 0.58
CA VAL A 70 -5.68 1.25 1.34
C VAL A 70 -5.42 1.53 2.81
N PRO A 71 -6.36 1.30 3.73
CA PRO A 71 -6.08 1.56 5.11
C PRO A 71 -5.21 0.44 5.68
N SER A 72 -4.52 0.73 6.77
CA SER A 72 -3.62 -0.22 7.42
C SER A 72 -4.25 -1.63 7.50
N SER A 73 -5.58 -1.70 7.54
CA SER A 73 -6.28 -2.98 7.61
C SER A 73 -5.83 -3.89 6.46
N THR A 74 -5.63 -3.31 5.29
CA THR A 74 -5.19 -4.06 4.11
C THR A 74 -3.69 -3.90 3.91
N LEU A 75 -2.98 -3.54 4.95
CA LEU A 75 -1.56 -3.36 4.89
C LEU A 75 -0.88 -3.88 6.15
N CYS A 76 0.32 -4.39 5.98
CA CYS A 76 1.10 -4.96 7.09
C CYS A 76 1.16 -4.01 8.28
N ILE A 77 0.87 -4.53 9.46
CA ILE A 77 0.88 -3.73 10.69
C ILE A 77 1.88 -4.29 11.69
N SER A 78 1.95 -3.66 12.86
CA SER A 78 2.86 -4.10 13.91
C SER A 78 2.14 -5.01 14.90
N HIS A 79 0.91 -4.63 15.27
CA HIS A 79 0.11 -5.42 16.21
C HIS A 79 0.78 -5.47 17.58
N SER A 80 -0.03 -5.36 18.62
CA SER A 80 0.48 -5.40 19.99
C SER A 80 0.18 -6.75 20.64
N SER A 14 15.07 7.14 -5.27
CA SER A 14 13.73 6.92 -4.74
C SER A 14 13.76 6.53 -3.27
N GLY A 15 13.67 7.52 -2.40
CA GLY A 15 13.70 7.26 -0.96
C GLY A 15 12.34 7.44 -0.32
N GLY A 16 12.12 6.75 0.80
CA GLY A 16 10.86 6.84 1.50
C GLY A 16 9.86 5.81 1.04
N CYS A 17 10.35 4.59 0.78
CA CYS A 17 9.50 3.50 0.35
C CYS A 17 9.84 2.24 1.13
N GLU A 18 8.81 1.59 1.65
CA GLU A 18 8.99 0.37 2.42
C GLU A 18 8.10 -0.73 1.88
N LEU A 19 8.55 -1.96 1.98
CA LEU A 19 7.76 -3.10 1.50
C LEU A 19 6.67 -3.42 2.50
N THR A 20 5.46 -3.57 1.98
CA THR A 20 4.31 -3.89 2.82
C THR A 20 3.41 -4.91 2.15
N VAL A 21 2.77 -5.74 2.95
CA VAL A 21 1.87 -6.76 2.44
C VAL A 21 0.43 -6.39 2.77
N VAL A 22 -0.47 -6.67 1.85
CA VAL A 22 -1.87 -6.35 2.07
C VAL A 22 -2.60 -7.49 2.77
N LEU A 23 -3.27 -7.14 3.86
CA LEU A 23 -4.01 -8.12 4.65
C LEU A 23 -5.33 -8.49 3.99
N GLN A 24 -5.87 -7.62 3.15
CA GLN A 24 -7.14 -7.89 2.49
C GLN A 24 -7.13 -7.35 1.06
N ASP A 25 -7.88 -8.00 0.17
CA ASP A 25 -7.93 -7.57 -1.22
C ASP A 25 -8.63 -6.22 -1.31
N PHE A 26 -8.20 -5.42 -2.27
CA PHE A 26 -8.76 -4.10 -2.50
C PHE A 26 -8.78 -3.76 -3.96
N SER A 27 -9.69 -2.89 -4.33
CA SER A 27 -9.80 -2.45 -5.69
C SER A 27 -9.76 -0.93 -5.72
N ALA A 28 -9.03 -0.40 -6.70
CA ALA A 28 -8.87 1.04 -6.85
C ALA A 28 -10.18 1.82 -6.79
N ALA A 29 -10.05 3.12 -7.02
CA ALA A 29 -11.18 4.04 -7.01
C ALA A 29 -10.70 5.46 -7.27
N HIS A 30 -9.51 5.77 -6.76
CA HIS A 30 -8.94 7.11 -6.93
C HIS A 30 -7.85 7.11 -8.01
N SER A 31 -7.32 8.29 -8.27
CA SER A 31 -6.28 8.49 -9.27
C SER A 31 -5.11 7.55 -9.09
N SER A 32 -4.47 7.61 -7.92
CA SER A 32 -3.33 6.77 -7.64
C SER A 32 -3.73 5.49 -6.92
N GLU A 33 -4.90 4.94 -7.26
CA GLU A 33 -5.36 3.72 -6.65
C GLU A 33 -5.21 2.53 -7.57
N LEU A 34 -5.15 1.35 -6.97
CA LEU A 34 -5.03 0.13 -7.74
C LEU A 34 -5.60 -1.05 -6.95
N SER A 35 -5.84 -2.14 -7.68
CA SER A 35 -6.39 -3.34 -7.10
C SER A 35 -5.30 -4.22 -6.55
N ILE A 36 -5.52 -4.65 -5.33
CA ILE A 36 -4.58 -5.52 -4.63
C ILE A 36 -5.30 -6.73 -4.07
N GLN A 37 -4.53 -7.71 -3.67
CA GLN A 37 -5.04 -8.94 -3.10
C GLN A 37 -4.33 -9.29 -1.80
N VAL A 38 -5.04 -9.97 -0.93
CA VAL A 38 -4.50 -10.39 0.35
C VAL A 38 -3.34 -11.37 0.19
N GLY A 39 -2.15 -11.00 0.66
CA GLY A 39 -1.01 -11.88 0.59
C GLY A 39 0.12 -11.38 -0.28
N GLN A 40 -0.18 -10.52 -1.23
CA GLN A 40 0.82 -10.01 -2.13
C GLN A 40 1.76 -9.02 -1.43
N THR A 41 2.78 -8.60 -2.16
CA THR A 41 3.75 -7.64 -1.64
C THR A 41 3.79 -6.39 -2.51
N VAL A 42 3.63 -5.25 -1.86
CA VAL A 42 3.71 -3.97 -2.51
C VAL A 42 4.25 -2.96 -1.51
N GLU A 43 5.27 -2.23 -1.92
CA GLU A 43 5.94 -1.29 -1.03
C GLU A 43 5.21 0.03 -0.88
N LEU A 44 4.84 0.36 0.36
CA LEU A 44 4.15 1.59 0.66
C LEU A 44 4.95 2.83 0.31
N LEU A 45 4.19 3.86 -0.05
CA LEU A 45 4.74 5.15 -0.41
C LEU A 45 5.11 5.96 0.83
N GLU A 46 4.16 6.10 1.75
CA GLU A 46 4.38 6.84 2.97
C GLU A 46 3.74 6.09 4.14
N ARG A 47 3.76 6.70 5.30
CA ARG A 47 3.21 6.10 6.52
C ARG A 47 2.11 6.98 7.11
N PRO A 48 1.35 6.45 8.11
CA PRO A 48 0.26 7.19 8.76
C PRO A 48 0.77 8.38 9.58
N SER A 49 1.39 9.34 8.91
CA SER A 49 1.92 10.52 9.57
C SER A 49 0.82 11.56 9.75
N GLU A 50 -0.03 11.65 8.74
CA GLU A 50 -1.14 12.59 8.75
C GLU A 50 -2.44 11.84 8.99
N ARG A 51 -2.53 10.67 8.39
CA ARG A 51 -3.70 9.82 8.54
C ARG A 51 -3.35 8.59 9.38
N PRO A 52 -4.03 8.38 10.53
CA PRO A 52 -3.75 7.25 11.40
C PRO A 52 -4.61 6.05 11.08
N GLY A 53 -3.98 4.98 10.62
CA GLY A 53 -4.70 3.78 10.27
C GLY A 53 -4.71 3.47 8.79
N TRP A 54 -4.04 4.32 8.02
CA TRP A 54 -3.97 4.17 6.58
C TRP A 54 -2.59 3.73 6.08
N CYS A 55 -2.54 3.25 4.83
CA CYS A 55 -1.28 2.84 4.22
C CYS A 55 -1.37 2.85 2.69
N LEU A 56 -0.22 2.99 2.07
CA LEU A 56 -0.13 3.04 0.63
C LEU A 56 0.61 1.84 0.08
N VAL A 57 0.46 1.58 -1.22
CA VAL A 57 1.15 0.44 -1.82
C VAL A 57 1.69 0.79 -3.22
N ARG A 58 3.00 0.65 -3.38
CA ARG A 58 3.67 0.92 -4.65
C ARG A 58 4.34 -0.36 -5.17
N THR A 59 4.36 -0.56 -6.49
CA THR A 59 5.00 -1.75 -7.03
C THR A 59 6.03 -1.40 -8.09
N THR A 60 7.19 -2.06 -7.98
CA THR A 60 8.29 -1.85 -8.90
C THR A 60 8.59 -3.10 -9.71
N GLU A 61 8.05 -4.25 -9.28
CA GLU A 61 8.26 -5.51 -10.01
C GLU A 61 7.22 -5.71 -11.10
N ARG A 62 6.50 -4.64 -11.44
CA ARG A 62 5.49 -4.66 -12.47
C ARG A 62 5.63 -3.37 -13.28
N SER A 63 6.33 -3.47 -14.40
CA SER A 63 6.57 -2.33 -15.25
C SER A 63 5.37 -2.07 -16.18
N PRO A 64 4.82 -0.84 -16.19
CA PRO A 64 5.28 0.30 -15.37
C PRO A 64 4.79 0.22 -13.92
N PRO A 65 5.57 0.77 -12.95
CA PRO A 65 5.19 0.77 -11.53
C PRO A 65 3.73 1.10 -11.32
N GLN A 66 3.24 0.83 -10.11
CA GLN A 66 1.88 1.08 -9.77
C GLN A 66 1.76 1.46 -8.31
N GLU A 67 1.01 2.51 -8.01
CA GLU A 67 0.84 2.95 -6.63
C GLU A 67 -0.61 2.92 -6.22
N GLY A 68 -0.83 2.66 -4.94
CA GLY A 68 -2.18 2.56 -4.44
C GLY A 68 -2.39 3.15 -3.06
N LEU A 69 -3.64 3.08 -2.61
CA LEU A 69 -4.03 3.61 -1.31
C LEU A 69 -5.12 2.78 -0.65
N VAL A 70 -4.91 2.45 0.61
CA VAL A 70 -5.87 1.68 1.39
C VAL A 70 -5.58 1.89 2.87
N PRO A 71 -6.43 1.41 3.78
CA PRO A 71 -6.17 1.57 5.18
C PRO A 71 -5.29 0.45 5.70
N SER A 72 -4.56 0.75 6.77
CA SER A 72 -3.65 -0.21 7.39
C SER A 72 -4.32 -1.56 7.63
N SER A 73 -5.65 -1.54 7.77
CA SER A 73 -6.40 -2.77 7.97
C SER A 73 -6.17 -3.75 6.81
N THR A 74 -5.97 -3.20 5.62
CA THR A 74 -5.73 -3.99 4.43
C THR A 74 -4.25 -4.04 4.08
N LEU A 75 -3.44 -3.31 4.82
CA LEU A 75 -2.03 -3.25 4.61
C LEU A 75 -1.30 -3.72 5.86
N CYS A 76 0.02 -3.69 5.80
CA CYS A 76 0.83 -4.11 6.93
C CYS A 76 0.56 -3.21 8.15
N ILE A 77 0.71 -3.78 9.34
CA ILE A 77 0.48 -3.03 10.56
C ILE A 77 1.59 -3.25 11.57
N SER A 78 1.79 -2.26 12.43
CA SER A 78 2.83 -2.34 13.46
C SER A 78 2.23 -2.38 14.86
N HIS A 79 1.79 -3.56 15.27
CA HIS A 79 1.19 -3.75 16.58
C HIS A 79 2.11 -4.55 17.49
N SER A 80 3.42 -4.40 17.29
CA SER A 80 4.40 -5.12 18.09
C SER A 80 4.53 -4.49 19.47
N SER A 14 17.69 5.97 2.06
CA SER A 14 17.24 7.36 2.06
C SER A 14 15.85 7.49 1.43
N GLY A 15 15.56 6.60 0.48
CA GLY A 15 14.26 6.64 -0.18
C GLY A 15 13.11 6.45 0.79
N GLY A 16 11.94 6.94 0.41
CA GLY A 16 10.77 6.81 1.26
C GLY A 16 9.84 5.71 0.79
N CYS A 17 10.37 4.50 0.67
CA CYS A 17 9.57 3.36 0.24
C CYS A 17 9.86 2.15 1.13
N GLU A 18 8.81 1.53 1.62
CA GLU A 18 8.95 0.36 2.48
C GLU A 18 8.09 -0.77 1.96
N LEU A 19 8.54 -1.99 2.16
CA LEU A 19 7.79 -3.15 1.70
C LEU A 19 6.63 -3.44 2.64
N THR A 20 5.46 -3.61 2.08
CA THR A 20 4.27 -3.90 2.85
C THR A 20 3.39 -4.93 2.14
N VAL A 21 2.73 -5.76 2.92
CA VAL A 21 1.84 -6.77 2.39
C VAL A 21 0.40 -6.43 2.73
N VAL A 22 -0.50 -6.60 1.77
CA VAL A 22 -1.90 -6.29 2.00
C VAL A 22 -2.62 -7.42 2.71
N LEU A 23 -3.25 -7.09 3.82
CA LEU A 23 -3.97 -8.06 4.63
C LEU A 23 -5.30 -8.45 3.97
N GLN A 24 -5.86 -7.57 3.16
CA GLN A 24 -7.12 -7.85 2.50
C GLN A 24 -7.13 -7.30 1.07
N ASP A 25 -7.86 -7.96 0.18
CA ASP A 25 -7.92 -7.52 -1.21
C ASP A 25 -8.66 -6.20 -1.31
N PHE A 26 -8.24 -5.39 -2.26
CA PHE A 26 -8.83 -4.09 -2.50
C PHE A 26 -8.83 -3.76 -3.98
N SER A 27 -9.77 -2.93 -4.37
CA SER A 27 -9.87 -2.52 -5.75
C SER A 27 -9.84 -1.00 -5.80
N ALA A 28 -9.10 -0.47 -6.75
CA ALA A 28 -8.94 0.95 -6.92
C ALA A 28 -10.25 1.73 -6.90
N ALA A 29 -10.13 3.03 -7.12
CA ALA A 29 -11.27 3.95 -7.14
C ALA A 29 -10.80 5.38 -7.29
N HIS A 30 -9.62 5.67 -6.72
CA HIS A 30 -9.06 7.02 -6.80
C HIS A 30 -7.92 7.12 -7.81
N SER A 31 -7.39 8.32 -7.95
CA SER A 31 -6.31 8.61 -8.89
C SER A 31 -5.21 7.57 -8.86
N SER A 32 -4.43 7.56 -7.80
CA SER A 32 -3.33 6.62 -7.66
C SER A 32 -3.76 5.34 -6.94
N GLU A 33 -4.95 4.84 -7.26
CA GLU A 33 -5.45 3.63 -6.64
C GLU A 33 -5.29 2.43 -7.57
N LEU A 34 -5.23 1.24 -6.99
CA LEU A 34 -5.10 0.04 -7.78
C LEU A 34 -5.70 -1.14 -7.03
N SER A 35 -5.92 -2.24 -7.76
CA SER A 35 -6.48 -3.42 -7.18
C SER A 35 -5.39 -4.31 -6.62
N ILE A 36 -5.53 -4.61 -5.34
CA ILE A 36 -4.59 -5.44 -4.63
C ILE A 36 -5.29 -6.65 -4.04
N GLN A 37 -4.52 -7.64 -3.67
CA GLN A 37 -5.04 -8.86 -3.10
C GLN A 37 -4.31 -9.24 -1.82
N VAL A 38 -5.04 -9.89 -0.92
CA VAL A 38 -4.48 -10.33 0.35
C VAL A 38 -3.34 -11.33 0.15
N GLY A 39 -2.17 -11.01 0.71
CA GLY A 39 -1.04 -11.91 0.61
C GLY A 39 0.11 -11.40 -0.22
N GLN A 40 -0.18 -10.52 -1.17
CA GLN A 40 0.85 -9.99 -2.03
C GLN A 40 1.72 -8.96 -1.32
N THR A 41 2.84 -8.63 -1.95
CA THR A 41 3.76 -7.64 -1.41
C THR A 41 3.97 -6.49 -2.35
N VAL A 42 3.78 -5.31 -1.82
CA VAL A 42 4.03 -4.10 -2.56
C VAL A 42 4.57 -3.07 -1.58
N GLU A 43 5.48 -2.26 -2.07
CA GLU A 43 6.12 -1.25 -1.26
C GLU A 43 5.25 -0.02 -1.06
N LEU A 44 4.99 0.32 0.20
CA LEU A 44 4.19 1.47 0.53
C LEU A 44 4.94 2.75 0.24
N LEU A 45 4.17 3.76 -0.13
CA LEU A 45 4.69 5.07 -0.47
C LEU A 45 5.09 5.85 0.78
N GLU A 46 4.13 6.09 1.68
CA GLU A 46 4.39 6.82 2.89
C GLU A 46 3.88 6.06 4.11
N ARG A 47 3.63 6.77 5.20
CA ARG A 47 3.16 6.16 6.43
C ARG A 47 2.04 7.00 7.07
N PRO A 48 1.35 6.45 8.10
CA PRO A 48 0.27 7.15 8.80
C PRO A 48 0.77 8.36 9.59
N SER A 49 1.35 9.34 8.89
CA SER A 49 1.87 10.53 9.53
C SER A 49 0.77 11.56 9.75
N GLU A 50 0.00 11.79 8.70
CA GLU A 50 -1.09 12.73 8.73
C GLU A 50 -2.35 12.08 9.26
N ARG A 51 -2.53 10.82 8.89
CA ARG A 51 -3.69 10.04 9.34
C ARG A 51 -3.23 8.69 9.89
N PRO A 52 -3.76 8.25 11.06
CA PRO A 52 -3.39 7.00 11.67
C PRO A 52 -4.39 5.90 11.35
N GLY A 53 -3.96 4.94 10.56
CA GLY A 53 -4.82 3.85 10.18
C GLY A 53 -4.78 3.55 8.70
N TRP A 54 -4.14 4.43 7.94
CA TRP A 54 -4.04 4.29 6.50
C TRP A 54 -2.64 3.86 6.04
N CYS A 55 -2.56 3.38 4.79
CA CYS A 55 -1.30 2.96 4.19
C CYS A 55 -1.39 2.94 2.67
N LEU A 56 -0.24 3.04 2.04
CA LEU A 56 -0.15 3.06 0.59
C LEU A 56 0.55 1.82 0.04
N VAL A 57 0.31 1.52 -1.24
CA VAL A 57 0.93 0.36 -1.85
C VAL A 57 1.44 0.67 -3.27
N ARG A 58 2.74 0.49 -3.51
CA ARG A 58 3.32 0.72 -4.84
C ARG A 58 3.99 -0.57 -5.38
N THR A 59 3.92 -0.77 -6.69
CA THR A 59 4.55 -1.94 -7.29
C THR A 59 5.74 -1.53 -8.14
N THR A 60 6.86 -2.21 -7.93
CA THR A 60 8.08 -1.92 -8.67
C THR A 60 8.54 -3.13 -9.49
N GLU A 61 8.01 -4.32 -9.19
CA GLU A 61 8.36 -5.52 -9.94
C GLU A 61 7.40 -5.73 -11.13
N ARG A 62 6.71 -4.67 -11.51
CA ARG A 62 5.78 -4.69 -12.61
C ARG A 62 5.94 -3.39 -13.37
N SER A 63 6.71 -3.43 -14.44
CA SER A 63 6.97 -2.24 -15.24
C SER A 63 5.82 -1.96 -16.22
N PRO A 64 5.23 -0.74 -16.20
CA PRO A 64 5.63 0.37 -15.31
C PRO A 64 5.04 0.21 -13.89
N PRO A 65 5.77 0.67 -12.85
CA PRO A 65 5.30 0.59 -11.46
C PRO A 65 3.90 1.16 -11.31
N GLN A 66 3.31 0.96 -10.14
CA GLN A 66 1.99 1.44 -9.88
C GLN A 66 1.90 1.89 -8.43
N GLU A 67 0.86 2.62 -8.09
CA GLU A 67 0.70 3.09 -6.72
C GLU A 67 -0.74 2.92 -6.27
N GLY A 68 -0.92 2.71 -4.98
CA GLY A 68 -2.25 2.50 -4.44
C GLY A 68 -2.47 3.13 -3.08
N LEU A 69 -3.73 3.09 -2.64
CA LEU A 69 -4.11 3.64 -1.35
C LEU A 69 -5.21 2.82 -0.69
N VAL A 70 -5.00 2.50 0.58
CA VAL A 70 -5.95 1.74 1.36
C VAL A 70 -5.65 1.95 2.83
N PRO A 71 -6.48 1.45 3.75
CA PRO A 71 -6.21 1.61 5.15
C PRO A 71 -5.30 0.51 5.66
N SER A 72 -4.52 0.83 6.69
CA SER A 72 -3.59 -0.10 7.30
C SER A 72 -4.23 -1.46 7.56
N SER A 73 -5.54 -1.47 7.76
CA SER A 73 -6.27 -2.71 8.00
C SER A 73 -6.07 -3.68 6.84
N THR A 74 -5.94 -3.14 5.64
CA THR A 74 -5.73 -3.94 4.45
C THR A 74 -4.25 -3.99 4.06
N LEU A 75 -3.43 -3.24 4.78
CA LEU A 75 -2.02 -3.19 4.53
C LEU A 75 -1.25 -3.66 5.75
N CYS A 76 0.06 -3.60 5.66
CA CYS A 76 0.92 -4.03 6.76
C CYS A 76 0.66 -3.18 8.01
N ILE A 77 0.38 -3.85 9.12
CA ILE A 77 0.12 -3.16 10.39
C ILE A 77 1.28 -3.33 11.35
N SER A 78 1.85 -4.51 11.36
CA SER A 78 2.98 -4.83 12.22
C SER A 78 3.49 -6.24 11.98
N HIS A 79 4.78 -6.36 11.70
CA HIS A 79 5.39 -7.66 11.44
C HIS A 79 6.64 -7.87 12.30
N SER A 80 7.52 -6.87 12.30
CA SER A 80 8.75 -6.94 13.07
C SER A 80 8.49 -6.63 14.54
N SER A 14 10.71 12.67 -3.87
CA SER A 14 10.18 12.29 -2.57
C SER A 14 10.52 10.83 -2.23
N GLY A 15 11.61 10.65 -1.50
CA GLY A 15 12.03 9.31 -1.13
C GLY A 15 11.21 8.74 0.03
N GLY A 16 11.44 7.48 0.34
CA GLY A 16 10.72 6.83 1.42
C GLY A 16 9.80 5.73 0.94
N CYS A 17 10.34 4.53 0.78
CA CYS A 17 9.56 3.39 0.32
C CYS A 17 9.87 2.17 1.19
N GLU A 18 8.82 1.52 1.67
CA GLU A 18 8.98 0.35 2.50
C GLU A 18 8.13 -0.78 1.97
N LEU A 19 8.60 -2.00 2.15
CA LEU A 19 7.84 -3.16 1.67
C LEU A 19 6.72 -3.48 2.63
N THR A 20 5.53 -3.65 2.08
CA THR A 20 4.34 -3.95 2.86
C THR A 20 3.48 -4.98 2.14
N VAL A 21 2.72 -5.73 2.92
CA VAL A 21 1.83 -6.74 2.37
C VAL A 21 0.39 -6.40 2.71
N VAL A 22 -0.51 -6.59 1.76
CA VAL A 22 -1.89 -6.29 1.98
C VAL A 22 -2.58 -7.41 2.75
N LEU A 23 -3.30 -7.03 3.80
CA LEU A 23 -3.99 -7.98 4.64
C LEU A 23 -5.33 -8.39 4.03
N GLN A 24 -5.88 -7.55 3.15
CA GLN A 24 -7.15 -7.84 2.53
C GLN A 24 -7.16 -7.34 1.07
N ASP A 25 -7.93 -8.00 0.22
CA ASP A 25 -8.00 -7.59 -1.18
C ASP A 25 -8.70 -6.23 -1.27
N PHE A 26 -8.27 -5.45 -2.24
CA PHE A 26 -8.82 -4.13 -2.47
C PHE A 26 -8.86 -3.80 -3.94
N SER A 27 -9.77 -2.93 -4.31
CA SER A 27 -9.91 -2.49 -5.66
C SER A 27 -9.87 -0.97 -5.72
N ALA A 28 -9.16 -0.43 -6.68
CA ALA A 28 -9.00 0.99 -6.85
C ALA A 28 -10.33 1.75 -6.82
N ALA A 29 -10.22 3.06 -7.04
CA ALA A 29 -11.37 3.96 -7.06
C ALA A 29 -10.91 5.41 -7.17
N HIS A 30 -9.74 5.71 -6.62
CA HIS A 30 -9.20 7.06 -6.65
C HIS A 30 -8.06 7.20 -7.66
N SER A 31 -7.55 8.42 -7.76
CA SER A 31 -6.48 8.75 -8.70
C SER A 31 -5.39 7.69 -8.77
N SER A 32 -4.52 7.64 -7.78
CA SER A 32 -3.45 6.67 -7.74
C SER A 32 -3.84 5.40 -7.01
N GLU A 33 -5.06 4.90 -7.27
CA GLU A 33 -5.53 3.70 -6.63
C GLU A 33 -5.39 2.50 -7.54
N LEU A 34 -5.28 1.32 -6.95
CA LEU A 34 -5.15 0.09 -7.71
C LEU A 34 -5.73 -1.09 -6.95
N SER A 35 -5.96 -2.17 -7.67
CA SER A 35 -6.52 -3.38 -7.11
C SER A 35 -5.42 -4.28 -6.57
N ILE A 36 -5.62 -4.73 -5.36
CA ILE A 36 -4.68 -5.61 -4.69
C ILE A 36 -5.41 -6.80 -4.08
N GLN A 37 -4.63 -7.79 -3.69
CA GLN A 37 -5.15 -9.01 -3.10
C GLN A 37 -4.41 -9.35 -1.82
N VAL A 38 -5.12 -9.96 -0.89
CA VAL A 38 -4.55 -10.36 0.39
C VAL A 38 -3.41 -11.37 0.21
N GLY A 39 -2.22 -11.01 0.66
CA GLY A 39 -1.09 -11.92 0.58
C GLY A 39 0.07 -11.42 -0.26
N GLN A 40 -0.21 -10.53 -1.20
CA GLN A 40 0.82 -10.00 -2.06
C GLN A 40 1.69 -8.97 -1.36
N THR A 41 2.81 -8.65 -1.98
CA THR A 41 3.73 -7.65 -1.43
C THR A 41 3.92 -6.49 -2.39
N VAL A 42 3.79 -5.31 -1.84
CA VAL A 42 4.04 -4.11 -2.57
C VAL A 42 4.57 -3.07 -1.58
N GLU A 43 5.49 -2.25 -2.06
CA GLU A 43 6.13 -1.25 -1.23
C GLU A 43 5.25 -0.03 -1.03
N LEU A 44 5.01 0.31 0.24
CA LEU A 44 4.22 1.47 0.59
C LEU A 44 4.96 2.75 0.31
N LEU A 45 4.17 3.76 -0.05
CA LEU A 45 4.69 5.08 -0.38
C LEU A 45 5.07 5.87 0.87
N GLU A 46 4.12 6.02 1.80
CA GLU A 46 4.38 6.75 3.02
C GLU A 46 3.75 6.03 4.21
N ARG A 47 3.83 6.65 5.37
CA ARG A 47 3.30 6.09 6.60
C ARG A 47 2.15 6.93 7.15
N PRO A 48 1.42 6.43 8.16
CA PRO A 48 0.29 7.16 8.78
C PRO A 48 0.73 8.42 9.53
N SER A 49 1.32 9.36 8.79
CA SER A 49 1.78 10.62 9.38
C SER A 49 0.66 11.63 9.45
N GLU A 50 -0.04 11.76 8.34
CA GLU A 50 -1.15 12.69 8.23
C GLU A 50 -2.40 12.08 8.86
N ARG A 51 -2.55 10.78 8.65
CA ARG A 51 -3.69 10.04 9.20
C ARG A 51 -3.20 8.72 9.79
N PRO A 52 -3.71 8.33 10.98
CA PRO A 52 -3.34 7.10 11.63
C PRO A 52 -4.34 5.99 11.37
N GLY A 53 -3.93 5.02 10.57
CA GLY A 53 -4.79 3.92 10.22
C GLY A 53 -4.75 3.57 8.75
N TRP A 54 -4.12 4.42 7.96
CA TRP A 54 -4.00 4.24 6.53
C TRP A 54 -2.61 3.77 6.08
N CYS A 55 -2.53 3.27 4.84
CA CYS A 55 -1.26 2.84 4.26
C CYS A 55 -1.36 2.82 2.73
N LEU A 56 -0.22 2.95 2.10
CA LEU A 56 -0.14 2.99 0.65
C LEU A 56 0.56 1.77 0.08
N VAL A 57 0.32 1.49 -1.20
CA VAL A 57 0.94 0.33 -1.85
C VAL A 57 1.44 0.66 -3.26
N ARG A 58 2.75 0.49 -3.50
CA ARG A 58 3.34 0.73 -4.81
C ARG A 58 4.04 -0.54 -5.34
N THR A 59 3.99 -0.75 -6.66
CA THR A 59 4.65 -1.92 -7.25
C THR A 59 5.81 -1.47 -8.11
N THR A 60 6.96 -2.12 -7.92
CA THR A 60 8.17 -1.80 -8.67
C THR A 60 8.67 -3.01 -9.48
N GLU A 61 8.17 -4.20 -9.15
CA GLU A 61 8.57 -5.41 -9.87
C GLU A 61 7.64 -5.68 -11.05
N ARG A 62 6.90 -4.65 -11.47
CA ARG A 62 5.98 -4.73 -12.58
C ARG A 62 6.09 -3.41 -13.35
N SER A 63 6.87 -3.43 -14.41
CA SER A 63 7.08 -2.24 -15.22
C SER A 63 5.92 -2.03 -16.20
N PRO A 64 5.28 -0.83 -16.20
CA PRO A 64 5.62 0.30 -15.32
C PRO A 64 5.04 0.13 -13.90
N PRO A 65 5.75 0.65 -12.87
CA PRO A 65 5.28 0.57 -11.48
C PRO A 65 3.87 1.10 -11.33
N GLN A 66 3.29 0.89 -10.16
CA GLN A 66 1.96 1.33 -9.89
C GLN A 66 1.88 1.79 -8.44
N GLU A 67 0.88 2.59 -8.12
CA GLU A 67 0.74 3.07 -6.75
C GLU A 67 -0.70 2.97 -6.29
N GLY A 68 -0.88 2.73 -5.01
CA GLY A 68 -2.22 2.56 -4.47
C GLY A 68 -2.42 3.18 -3.11
N LEU A 69 -3.68 3.18 -2.66
CA LEU A 69 -4.05 3.74 -1.36
C LEU A 69 -5.16 2.94 -0.70
N VAL A 70 -4.95 2.60 0.56
CA VAL A 70 -5.92 1.84 1.34
C VAL A 70 -5.62 2.04 2.82
N PRO A 71 -6.45 1.51 3.72
CA PRO A 71 -6.20 1.66 5.13
C PRO A 71 -5.34 0.53 5.67
N SER A 72 -4.64 0.81 6.75
CA SER A 72 -3.76 -0.15 7.41
C SER A 72 -4.42 -1.52 7.56
N SER A 73 -5.74 -1.54 7.65
CA SER A 73 -6.47 -2.80 7.80
C SER A 73 -6.16 -3.73 6.62
N THR A 74 -5.89 -3.12 5.46
CA THR A 74 -5.60 -3.87 4.24
C THR A 74 -4.11 -3.77 3.88
N LEU A 75 -3.31 -3.17 4.76
CA LEU A 75 -1.90 -3.01 4.51
C LEU A 75 -1.10 -3.33 5.77
N CYS A 76 -0.04 -4.09 5.60
CA CYS A 76 0.82 -4.47 6.73
C CYS A 76 1.37 -3.24 7.43
N ILE A 77 1.10 -3.13 8.73
CA ILE A 77 1.57 -1.99 9.52
C ILE A 77 2.26 -2.43 10.80
N SER A 78 1.73 -3.47 11.43
CA SER A 78 2.29 -4.01 12.67
C SER A 78 2.18 -2.99 13.79
N HIS A 79 2.75 -3.31 14.94
CA HIS A 79 2.72 -2.42 16.10
C HIS A 79 1.28 -2.16 16.54
N SER A 80 0.70 -3.13 17.24
CA SER A 80 -0.68 -3.00 17.71
C SER A 80 -0.82 -1.82 18.67
N SER A 14 14.94 11.03 -2.21
CA SER A 14 13.54 11.19 -1.83
C SER A 14 12.80 9.85 -1.86
N GLY A 15 13.52 8.79 -1.52
CA GLY A 15 12.91 7.47 -1.52
C GLY A 15 11.76 7.35 -0.54
N GLY A 16 12.04 6.81 0.63
CA GLY A 16 11.02 6.65 1.64
C GLY A 16 9.96 5.64 1.25
N CYS A 17 10.39 4.39 1.03
CA CYS A 17 9.49 3.32 0.66
C CYS A 17 9.77 2.09 1.50
N GLU A 18 8.72 1.44 1.97
CA GLU A 18 8.86 0.25 2.80
C GLU A 18 8.02 -0.87 2.24
N LEU A 19 8.48 -2.09 2.40
CA LEU A 19 7.74 -3.24 1.91
C LEU A 19 6.57 -3.57 2.83
N THR A 20 5.41 -3.75 2.23
CA THR A 20 4.21 -4.06 2.99
C THR A 20 3.37 -5.10 2.25
N VAL A 21 2.69 -5.94 3.01
CA VAL A 21 1.83 -6.97 2.46
C VAL A 21 0.39 -6.64 2.80
N VAL A 22 -0.49 -6.69 1.81
CA VAL A 22 -1.87 -6.37 2.03
C VAL A 22 -2.62 -7.50 2.73
N LEU A 23 -3.26 -7.15 3.84
CA LEU A 23 -4.01 -8.12 4.62
C LEU A 23 -5.33 -8.50 3.96
N GLN A 24 -5.86 -7.62 3.11
CA GLN A 24 -7.12 -7.89 2.44
C GLN A 24 -7.11 -7.34 1.02
N ASP A 25 -7.85 -7.98 0.12
CA ASP A 25 -7.91 -7.53 -1.27
C ASP A 25 -8.61 -6.18 -1.34
N PHE A 26 -8.18 -5.39 -2.30
CA PHE A 26 -8.76 -4.06 -2.50
C PHE A 26 -8.78 -3.72 -3.98
N SER A 27 -9.71 -2.86 -4.35
CA SER A 27 -9.84 -2.42 -5.70
C SER A 27 -9.81 -0.90 -5.73
N ALA A 28 -9.11 -0.34 -6.71
CA ALA A 28 -8.97 1.09 -6.86
C ALA A 28 -10.29 1.84 -6.81
N ALA A 29 -10.20 3.14 -7.04
CA ALA A 29 -11.35 4.03 -7.04
C ALA A 29 -10.90 5.49 -7.12
N HIS A 30 -9.72 5.79 -6.57
CA HIS A 30 -9.20 7.14 -6.58
C HIS A 30 -8.07 7.31 -7.61
N SER A 31 -7.57 8.54 -7.69
CA SER A 31 -6.50 8.90 -8.63
C SER A 31 -5.41 7.83 -8.76
N SER A 32 -4.52 7.77 -7.77
CA SER A 32 -3.45 6.79 -7.81
C SER A 32 -3.82 5.52 -7.07
N GLU A 33 -5.05 5.03 -7.29
CA GLU A 33 -5.51 3.81 -6.65
C GLU A 33 -5.36 2.61 -7.57
N LEU A 34 -5.22 1.44 -6.98
CA LEU A 34 -5.10 0.22 -7.75
C LEU A 34 -5.65 -0.97 -6.98
N SER A 35 -5.89 -2.05 -7.70
CA SER A 35 -6.42 -3.26 -7.13
C SER A 35 -5.32 -4.15 -6.59
N ILE A 36 -5.52 -4.60 -5.37
CA ILE A 36 -4.57 -5.47 -4.70
C ILE A 36 -5.29 -6.68 -4.11
N GLN A 37 -4.51 -7.67 -3.73
CA GLN A 37 -5.04 -8.89 -3.17
C GLN A 37 -4.31 -9.26 -1.88
N VAL A 38 -5.04 -9.93 -0.99
CA VAL A 38 -4.49 -10.36 0.29
C VAL A 38 -3.35 -11.36 0.09
N GLY A 39 -2.18 -11.05 0.65
CA GLY A 39 -1.05 -11.96 0.54
C GLY A 39 0.11 -11.44 -0.26
N GLN A 40 -0.15 -10.54 -1.18
CA GLN A 40 0.90 -9.99 -2.02
C GLN A 40 1.78 -9.00 -1.28
N THR A 41 2.90 -8.66 -1.89
CA THR A 41 3.82 -7.70 -1.31
C THR A 41 4.04 -6.51 -2.23
N VAL A 42 3.78 -5.35 -1.70
CA VAL A 42 4.02 -4.13 -2.41
C VAL A 42 4.55 -3.09 -1.42
N GLU A 43 5.50 -2.30 -1.89
CA GLU A 43 6.14 -1.30 -1.06
C GLU A 43 5.29 -0.04 -0.89
N LEU A 44 5.09 0.37 0.36
CA LEU A 44 4.33 1.56 0.68
C LEU A 44 5.09 2.81 0.32
N LEU A 45 4.32 3.81 -0.06
CA LEU A 45 4.86 5.12 -0.45
C LEU A 45 5.25 5.95 0.77
N GLU A 46 4.31 6.15 1.70
CA GLU A 46 4.58 6.93 2.87
C GLU A 46 4.09 6.21 4.13
N ARG A 47 3.76 6.98 5.17
CA ARG A 47 3.30 6.41 6.44
C ARG A 47 2.10 7.19 6.99
N PRO A 48 1.44 6.65 8.05
CA PRO A 48 0.27 7.31 8.67
C PRO A 48 0.62 8.63 9.35
N SER A 49 1.10 9.60 8.55
CA SER A 49 1.46 10.91 9.07
C SER A 49 0.24 11.82 9.15
N GLU A 50 -0.50 11.84 8.07
CA GLU A 50 -1.69 12.66 7.97
C GLU A 50 -2.85 11.98 8.68
N ARG A 51 -2.90 10.67 8.56
CA ARG A 51 -3.94 9.87 9.20
C ARG A 51 -3.34 8.61 9.78
N PRO A 52 -3.74 8.20 11.01
CA PRO A 52 -3.23 7.01 11.65
C PRO A 52 -4.15 5.83 11.43
N GLY A 53 -3.71 4.93 10.58
CA GLY A 53 -4.51 3.76 10.27
C GLY A 53 -4.48 3.40 8.80
N TRP A 54 -4.01 4.32 7.98
CA TRP A 54 -3.94 4.15 6.55
C TRP A 54 -2.54 3.76 6.05
N CYS A 55 -2.48 3.27 4.81
CA CYS A 55 -1.19 2.90 4.19
C CYS A 55 -1.27 2.89 2.68
N LEU A 56 -0.12 3.05 2.05
CA LEU A 56 -0.03 3.09 0.60
C LEU A 56 0.65 1.85 0.04
N VAL A 57 0.42 1.56 -1.24
CA VAL A 57 1.03 0.38 -1.87
C VAL A 57 1.58 0.71 -3.26
N ARG A 58 2.89 0.48 -3.46
CA ARG A 58 3.53 0.70 -4.76
C ARG A 58 4.20 -0.59 -5.27
N THR A 59 4.15 -0.82 -6.58
CA THR A 59 4.79 -2.01 -7.15
C THR A 59 5.88 -1.60 -8.14
N THR A 60 7.05 -2.21 -8.00
CA THR A 60 8.18 -1.92 -8.86
C THR A 60 8.56 -3.14 -9.70
N GLU A 61 8.04 -4.32 -9.34
CA GLU A 61 8.34 -5.55 -10.09
C GLU A 61 7.35 -5.74 -11.25
N ARG A 62 6.60 -4.68 -11.57
CA ARG A 62 5.64 -4.69 -12.64
C ARG A 62 5.76 -3.38 -13.39
N SER A 63 6.52 -3.40 -14.48
CA SER A 63 6.75 -2.20 -15.28
C SER A 63 5.59 -1.95 -16.26
N PRO A 64 4.98 -0.74 -16.25
CA PRO A 64 5.36 0.38 -15.37
C PRO A 64 4.84 0.18 -13.93
N PRO A 65 5.54 0.73 -12.93
CA PRO A 65 5.12 0.63 -11.52
C PRO A 65 3.66 1.00 -11.33
N GLN A 66 3.14 0.70 -10.15
CA GLN A 66 1.78 0.98 -9.83
C GLN A 66 1.68 1.44 -8.38
N GLU A 67 0.99 2.55 -8.15
CA GLU A 67 0.87 3.09 -6.80
C GLU A 67 -0.57 3.02 -6.34
N GLY A 68 -0.75 2.76 -5.05
CA GLY A 68 -2.09 2.63 -4.52
C GLY A 68 -2.29 3.22 -3.13
N LEU A 69 -3.52 3.14 -2.66
CA LEU A 69 -3.89 3.66 -1.35
C LEU A 69 -4.99 2.82 -0.70
N VAL A 70 -4.78 2.49 0.56
CA VAL A 70 -5.75 1.71 1.33
C VAL A 70 -5.48 1.91 2.80
N PRO A 71 -6.33 1.39 3.69
CA PRO A 71 -6.10 1.54 5.10
C PRO A 71 -5.20 0.42 5.62
N SER A 72 -4.48 0.71 6.68
CA SER A 72 -3.57 -0.24 7.30
C SER A 72 -4.27 -1.59 7.54
N SER A 73 -5.59 -1.56 7.68
CA SER A 73 -6.35 -2.79 7.90
C SER A 73 -6.13 -3.75 6.73
N THR A 74 -5.93 -3.19 5.54
CA THR A 74 -5.69 -4.00 4.35
C THR A 74 -4.22 -4.05 3.99
N LEU A 75 -3.41 -3.30 4.73
CA LEU A 75 -1.98 -3.26 4.51
C LEU A 75 -1.26 -3.74 5.75
N CYS A 76 0.06 -3.70 5.70
CA CYS A 76 0.89 -4.13 6.82
C CYS A 76 0.50 -3.44 8.12
N ILE A 77 0.31 -4.23 9.18
CA ILE A 77 -0.07 -3.70 10.48
C ILE A 77 0.99 -4.00 11.52
N SER A 78 1.51 -5.22 11.47
CA SER A 78 2.53 -5.67 12.41
C SER A 78 3.29 -6.87 11.87
N HIS A 79 4.49 -7.09 12.38
CA HIS A 79 5.31 -8.21 11.94
C HIS A 79 5.63 -8.11 10.46
N SER A 80 6.88 -7.84 10.13
CA SER A 80 7.31 -7.72 8.75
C SER A 80 8.04 -8.98 8.29
N SER A 14 18.14 6.94 5.01
CA SER A 14 16.99 6.05 4.85
C SER A 14 15.69 6.83 4.88
N GLY A 15 14.58 6.12 4.68
CA GLY A 15 13.28 6.76 4.69
C GLY A 15 12.75 7.02 3.29
N GLY A 16 11.56 6.50 2.99
CA GLY A 16 10.97 6.69 1.68
C GLY A 16 9.89 5.68 1.39
N CYS A 17 10.29 4.43 1.14
CA CYS A 17 9.35 3.37 0.85
C CYS A 17 9.70 2.14 1.68
N GLU A 18 8.67 1.47 2.17
CA GLU A 18 8.86 0.28 2.99
C GLU A 18 8.03 -0.87 2.44
N LEU A 19 8.53 -2.08 2.59
CA LEU A 19 7.81 -3.25 2.10
C LEU A 19 6.67 -3.63 3.05
N THR A 20 5.50 -3.81 2.48
CA THR A 20 4.32 -4.18 3.24
C THR A 20 3.47 -5.20 2.50
N VAL A 21 2.73 -5.99 3.25
CA VAL A 21 1.86 -7.01 2.69
C VAL A 21 0.41 -6.68 2.99
N VAL A 22 -0.42 -6.64 1.96
CA VAL A 22 -1.82 -6.32 2.15
C VAL A 22 -2.55 -7.43 2.90
N LEU A 23 -3.25 -7.04 3.95
CA LEU A 23 -3.98 -7.98 4.78
C LEU A 23 -5.30 -8.39 4.12
N GLN A 24 -5.82 -7.57 3.21
CA GLN A 24 -7.07 -7.89 2.55
C GLN A 24 -7.04 -7.42 1.09
N ASP A 25 -7.84 -8.06 0.23
CA ASP A 25 -7.87 -7.66 -1.18
C ASP A 25 -8.54 -6.31 -1.31
N PHE A 26 -8.10 -5.55 -2.28
CA PHE A 26 -8.64 -4.23 -2.53
C PHE A 26 -8.66 -3.91 -4.01
N SER A 27 -9.57 -3.04 -4.40
CA SER A 27 -9.68 -2.63 -5.76
C SER A 27 -9.64 -1.12 -5.82
N ALA A 28 -8.94 -0.59 -6.81
CA ALA A 28 -8.80 0.86 -6.98
C ALA A 28 -10.13 1.59 -6.93
N ALA A 29 -10.04 2.90 -7.16
CA ALA A 29 -11.23 3.76 -7.15
C ALA A 29 -10.85 5.21 -7.41
N HIS A 30 -9.66 5.61 -6.99
CA HIS A 30 -9.20 6.98 -7.18
C HIS A 30 -7.91 7.06 -7.99
N SER A 31 -7.43 8.29 -8.16
CA SER A 31 -6.23 8.61 -8.94
C SER A 31 -5.13 7.55 -8.85
N SER A 32 -4.37 7.58 -7.77
CA SER A 32 -3.27 6.63 -7.59
C SER A 32 -3.71 5.34 -6.89
N GLU A 33 -4.88 4.82 -7.26
CA GLU A 33 -5.38 3.60 -6.67
C GLU A 33 -5.18 2.41 -7.59
N LEU A 34 -5.14 1.24 -7.00
CA LEU A 34 -4.99 0.01 -7.75
C LEU A 34 -5.56 -1.17 -6.98
N SER A 35 -5.75 -2.28 -7.70
CA SER A 35 -6.31 -3.47 -7.12
C SER A 35 -5.21 -4.39 -6.61
N ILE A 36 -5.41 -4.84 -5.39
CA ILE A 36 -4.46 -5.73 -4.73
C ILE A 36 -5.19 -6.94 -4.15
N GLN A 37 -4.43 -7.88 -3.65
CA GLN A 37 -4.96 -9.09 -3.07
C GLN A 37 -4.29 -9.40 -1.73
N VAL A 38 -5.03 -10.06 -0.85
CA VAL A 38 -4.52 -10.43 0.46
C VAL A 38 -3.37 -11.45 0.35
N GLY A 39 -2.18 -11.08 0.80
CA GLY A 39 -1.06 -12.00 0.77
C GLY A 39 0.12 -11.52 -0.03
N GLN A 40 -0.10 -10.58 -0.94
CA GLN A 40 0.97 -10.07 -1.76
C GLN A 40 1.83 -9.06 -1.02
N THR A 41 2.96 -8.72 -1.62
CA THR A 41 3.87 -7.74 -1.02
C THR A 41 4.10 -6.56 -1.94
N VAL A 42 3.78 -5.40 -1.44
CA VAL A 42 4.02 -4.18 -2.16
C VAL A 42 4.52 -3.14 -1.16
N GLU A 43 5.49 -2.38 -1.59
CA GLU A 43 6.11 -1.37 -0.76
C GLU A 43 5.26 -0.11 -0.64
N LEU A 44 5.12 0.38 0.59
CA LEU A 44 4.35 1.58 0.84
C LEU A 44 5.10 2.81 0.42
N LEU A 45 4.33 3.79 -0.04
CA LEU A 45 4.86 5.07 -0.50
C LEU A 45 5.24 5.96 0.69
N GLU A 46 4.30 6.16 1.61
CA GLU A 46 4.55 6.99 2.76
C GLU A 46 4.10 6.27 4.05
N ARG A 47 3.75 7.04 5.07
CA ARG A 47 3.32 6.46 6.35
C ARG A 47 2.10 7.18 6.90
N PRO A 48 1.44 6.61 7.93
CA PRO A 48 0.25 7.21 8.55
C PRO A 48 0.60 8.39 9.48
N SER A 49 1.31 9.37 8.95
CA SER A 49 1.69 10.54 9.73
C SER A 49 0.56 11.55 9.72
N GLU A 50 0.04 11.79 8.53
CA GLU A 50 -1.05 12.71 8.32
C GLU A 50 -2.37 12.00 8.59
N ARG A 51 -2.42 10.74 8.20
CA ARG A 51 -3.60 9.91 8.38
C ARG A 51 -3.25 8.68 9.22
N PRO A 52 -3.88 8.51 10.40
CA PRO A 52 -3.62 7.38 11.27
C PRO A 52 -4.54 6.20 11.00
N GLY A 53 -3.97 5.14 10.47
CA GLY A 53 -4.74 3.96 10.16
C GLY A 53 -4.73 3.58 8.69
N TRP A 54 -4.05 4.38 7.89
CA TRP A 54 -3.96 4.17 6.45
C TRP A 54 -2.56 3.78 5.98
N CYS A 55 -2.48 3.26 4.76
CA CYS A 55 -1.20 2.88 4.15
C CYS A 55 -1.28 2.87 2.63
N LEU A 56 -0.12 3.04 2.02
CA LEU A 56 -0.01 3.08 0.57
C LEU A 56 0.69 1.85 0.02
N VAL A 57 0.49 1.57 -1.27
CA VAL A 57 1.10 0.41 -1.90
C VAL A 57 1.69 0.74 -3.29
N ARG A 58 2.99 0.44 -3.49
CA ARG A 58 3.65 0.70 -4.77
C ARG A 58 3.82 -0.60 -5.57
N THR A 59 3.60 -0.53 -6.89
CA THR A 59 3.74 -1.68 -7.75
C THR A 59 5.13 -1.69 -8.37
N THR A 60 5.84 -2.79 -8.22
CA THR A 60 7.19 -2.91 -8.76
C THR A 60 7.31 -4.06 -9.76
N GLU A 61 6.33 -4.97 -9.77
CA GLU A 61 6.35 -6.09 -10.71
C GLU A 61 5.62 -5.76 -12.01
N ARG A 62 5.41 -4.47 -12.25
CA ARG A 62 4.76 -3.98 -13.44
C ARG A 62 5.39 -2.66 -13.84
N SER A 63 6.33 -2.72 -14.78
CA SER A 63 7.02 -1.53 -15.24
C SER A 63 6.21 -0.79 -16.30
N PRO A 64 5.99 0.54 -16.15
CA PRO A 64 6.49 1.34 -15.01
C PRO A 64 5.69 1.10 -13.73
N PRO A 65 6.31 1.29 -12.55
CA PRO A 65 5.64 1.09 -11.25
C PRO A 65 4.23 1.68 -11.22
N GLN A 66 3.49 1.31 -10.19
CA GLN A 66 2.14 1.77 -10.01
C GLN A 66 2.00 2.19 -8.55
N GLU A 67 0.90 2.84 -8.19
CA GLU A 67 0.73 3.26 -6.81
C GLU A 67 -0.68 3.01 -6.33
N GLY A 68 -0.80 2.70 -5.06
CA GLY A 68 -2.11 2.42 -4.49
C GLY A 68 -2.31 3.00 -3.11
N LEU A 69 -3.57 3.05 -2.69
CA LEU A 69 -3.93 3.59 -1.38
C LEU A 69 -5.03 2.78 -0.73
N VAL A 70 -4.83 2.45 0.54
CA VAL A 70 -5.79 1.69 1.31
C VAL A 70 -5.50 1.90 2.78
N PRO A 71 -6.35 1.41 3.69
CA PRO A 71 -6.11 1.59 5.10
C PRO A 71 -5.24 0.48 5.67
N SER A 72 -4.59 0.79 6.78
CA SER A 72 -3.72 -0.15 7.47
C SER A 72 -4.38 -1.51 7.67
N SER A 73 -5.71 -1.51 7.72
CA SER A 73 -6.45 -2.77 7.88
C SER A 73 -6.14 -3.72 6.74
N THR A 74 -5.89 -3.15 5.57
CA THR A 74 -5.58 -3.93 4.37
C THR A 74 -4.11 -3.84 4.01
N LEU A 75 -3.30 -3.24 4.89
CA LEU A 75 -1.88 -3.09 4.66
C LEU A 75 -1.11 -3.39 5.93
N CYS A 76 -0.07 -4.18 5.81
CA CYS A 76 0.77 -4.55 6.94
C CYS A 76 1.32 -3.31 7.63
N ILE A 77 1.12 -3.21 8.95
CA ILE A 77 1.59 -2.08 9.71
C ILE A 77 2.26 -2.52 11.02
N SER A 78 2.90 -1.59 11.70
CA SER A 78 3.57 -1.88 12.96
C SER A 78 3.45 -0.71 13.93
N HIS A 79 3.87 0.47 13.49
CA HIS A 79 3.81 1.66 14.32
C HIS A 79 2.37 1.97 14.73
N SER A 80 1.52 2.21 13.74
CA SER A 80 0.11 2.51 14.00
C SER A 80 -0.76 1.28 13.79
N SER A 14 10.97 13.59 -0.57
CA SER A 14 11.71 13.12 0.58
C SER A 14 10.93 12.03 1.32
N GLY A 15 10.20 11.22 0.56
CA GLY A 15 9.42 10.15 1.16
C GLY A 15 10.12 8.81 1.09
N GLY A 16 9.86 7.94 2.06
CA GLY A 16 10.48 6.64 2.08
C GLY A 16 9.51 5.53 1.70
N CYS A 17 10.00 4.54 0.96
CA CYS A 17 9.19 3.42 0.54
C CYS A 17 9.64 2.16 1.26
N GLU A 18 8.65 1.45 1.79
CA GLU A 18 8.91 0.22 2.52
C GLU A 18 8.05 -0.91 1.98
N LEU A 19 8.55 -2.12 2.06
CA LEU A 19 7.80 -3.28 1.56
C LEU A 19 6.71 -3.64 2.56
N THR A 20 5.51 -3.80 2.03
CA THR A 20 4.35 -4.14 2.84
C THR A 20 3.47 -5.16 2.13
N VAL A 21 2.73 -5.93 2.90
CA VAL A 21 1.84 -6.94 2.37
C VAL A 21 0.40 -6.61 2.71
N VAL A 22 -0.45 -6.56 1.70
CA VAL A 22 -1.84 -6.25 1.91
C VAL A 22 -2.55 -7.35 2.68
N LEU A 23 -3.19 -6.97 3.77
CA LEU A 23 -3.89 -7.91 4.61
C LEU A 23 -5.24 -8.32 4.00
N GLN A 24 -5.77 -7.50 3.09
CA GLN A 24 -7.05 -7.81 2.47
C GLN A 24 -7.05 -7.35 1.00
N ASP A 25 -7.90 -7.97 0.18
CA ASP A 25 -7.98 -7.58 -1.22
C ASP A 25 -8.63 -6.21 -1.32
N PHE A 26 -8.21 -5.44 -2.30
CA PHE A 26 -8.75 -4.11 -2.52
C PHE A 26 -8.81 -3.78 -3.99
N SER A 27 -9.72 -2.89 -4.35
CA SER A 27 -9.87 -2.46 -5.70
C SER A 27 -9.83 -0.93 -5.73
N ALA A 28 -9.12 -0.41 -6.71
CA ALA A 28 -8.97 1.03 -6.87
C ALA A 28 -10.29 1.79 -6.83
N ALA A 29 -10.18 3.10 -7.05
CA ALA A 29 -11.33 4.00 -7.04
C ALA A 29 -10.86 5.45 -7.13
N HIS A 30 -9.69 5.73 -6.58
CA HIS A 30 -9.14 7.08 -6.60
C HIS A 30 -8.02 7.24 -7.63
N SER A 31 -7.49 8.45 -7.71
CA SER A 31 -6.42 8.81 -8.64
C SER A 31 -5.33 7.72 -8.73
N SER A 32 -4.47 7.67 -7.73
CA SER A 32 -3.39 6.69 -7.71
C SER A 32 -3.80 5.41 -7.00
N GLU A 33 -5.01 4.92 -7.27
CA GLU A 33 -5.50 3.71 -6.66
C GLU A 33 -5.38 2.52 -7.60
N LEU A 34 -5.24 1.33 -7.01
CA LEU A 34 -5.12 0.12 -7.79
C LEU A 34 -5.72 -1.06 -7.03
N SER A 35 -5.96 -2.14 -7.76
CA SER A 35 -6.53 -3.34 -7.19
C SER A 35 -5.43 -4.27 -6.71
N ILE A 36 -5.61 -4.73 -5.49
CA ILE A 36 -4.65 -5.63 -4.86
C ILE A 36 -5.38 -6.83 -4.27
N GLN A 37 -4.59 -7.78 -3.78
CA GLN A 37 -5.12 -8.99 -3.20
C GLN A 37 -4.42 -9.31 -1.88
N VAL A 38 -5.12 -9.98 -0.99
CA VAL A 38 -4.57 -10.37 0.30
C VAL A 38 -3.45 -11.39 0.17
N GLY A 39 -2.23 -11.01 0.55
CA GLY A 39 -1.11 -11.95 0.49
C GLY A 39 0.04 -11.50 -0.37
N GLN A 40 -0.19 -10.52 -1.24
CA GLN A 40 0.85 -10.04 -2.11
C GLN A 40 1.77 -9.05 -1.42
N THR A 41 2.87 -8.70 -2.09
CA THR A 41 3.83 -7.76 -1.54
C THR A 41 3.98 -6.54 -2.44
N VAL A 42 3.70 -5.39 -1.88
CA VAL A 42 3.90 -4.16 -2.57
C VAL A 42 4.43 -3.13 -1.57
N GLU A 43 5.37 -2.34 -2.02
CA GLU A 43 6.02 -1.34 -1.17
C GLU A 43 5.17 -0.09 -0.98
N LEU A 44 4.91 0.25 0.29
CA LEU A 44 4.14 1.43 0.61
C LEU A 44 4.91 2.70 0.30
N LEU A 45 4.14 3.71 -0.08
CA LEU A 45 4.68 5.01 -0.45
C LEU A 45 5.11 5.80 0.80
N GLU A 46 4.16 6.06 1.70
CA GLU A 46 4.45 6.81 2.89
C GLU A 46 3.93 6.06 4.14
N ARG A 47 3.65 6.81 5.20
CA ARG A 47 3.16 6.23 6.44
C ARG A 47 2.02 7.06 7.04
N PRO A 48 1.32 6.54 8.08
CA PRO A 48 0.21 7.24 8.73
C PRO A 48 0.68 8.49 9.49
N SER A 49 1.26 9.45 8.76
CA SER A 49 1.73 10.68 9.37
C SER A 49 0.61 11.70 9.47
N GLU A 50 -0.11 11.85 8.37
CA GLU A 50 -1.21 12.78 8.28
C GLU A 50 -2.46 12.17 8.90
N ARG A 51 -2.61 10.87 8.68
CA ARG A 51 -3.75 10.13 9.22
C ARG A 51 -3.29 8.79 9.80
N PRO A 52 -3.80 8.40 10.97
CA PRO A 52 -3.44 7.15 11.62
C PRO A 52 -4.46 6.06 11.33
N GLY A 53 -4.05 5.10 10.52
CA GLY A 53 -4.93 4.01 10.15
C GLY A 53 -4.87 3.67 8.68
N TRP A 54 -4.22 4.53 7.90
CA TRP A 54 -4.09 4.35 6.48
C TRP A 54 -2.68 3.90 6.03
N CYS A 55 -2.60 3.39 4.81
CA CYS A 55 -1.32 2.97 4.22
C CYS A 55 -1.41 2.92 2.71
N LEU A 56 -0.27 3.05 2.07
CA LEU A 56 -0.18 3.05 0.62
C LEU A 56 0.51 1.82 0.08
N VAL A 57 0.27 1.51 -1.20
CA VAL A 57 0.89 0.34 -1.81
C VAL A 57 1.42 0.64 -3.23
N ARG A 58 2.72 0.43 -3.44
CA ARG A 58 3.33 0.66 -4.76
C ARG A 58 4.04 -0.61 -5.27
N THR A 59 4.02 -0.84 -6.58
CA THR A 59 4.68 -2.02 -7.14
C THR A 59 5.83 -1.60 -8.04
N THR A 60 6.97 -2.26 -7.84
CA THR A 60 8.17 -1.96 -8.62
C THR A 60 8.59 -3.17 -9.47
N GLU A 61 8.04 -4.35 -9.15
CA GLU A 61 8.37 -5.56 -9.91
C GLU A 61 7.43 -5.73 -11.12
N ARG A 62 6.74 -4.66 -11.47
CA ARG A 62 5.83 -4.64 -12.60
C ARG A 62 6.00 -3.32 -13.34
N SER A 63 6.79 -3.34 -14.39
CA SER A 63 7.06 -2.13 -15.15
C SER A 63 5.94 -1.87 -16.17
N PRO A 64 5.34 -0.64 -16.17
CA PRO A 64 5.70 0.46 -15.25
C PRO A 64 5.11 0.26 -13.85
N PRO A 65 5.80 0.76 -12.79
CA PRO A 65 5.31 0.65 -11.41
C PRO A 65 3.87 1.09 -11.28
N GLN A 66 3.30 0.85 -10.10
CA GLN A 66 1.94 1.21 -9.83
C GLN A 66 1.85 1.68 -8.39
N GLU A 67 0.89 2.55 -8.11
CA GLU A 67 0.73 3.07 -6.76
C GLU A 67 -0.71 2.94 -6.31
N GLY A 68 -0.89 2.70 -5.02
CA GLY A 68 -2.23 2.52 -4.49
C GLY A 68 -2.44 3.13 -3.12
N LEU A 69 -3.68 3.06 -2.65
CA LEU A 69 -4.06 3.60 -1.36
C LEU A 69 -5.14 2.77 -0.68
N VAL A 70 -4.93 2.47 0.60
CA VAL A 70 -5.87 1.70 1.39
C VAL A 70 -5.60 1.94 2.87
N PRO A 71 -6.40 1.40 3.78
CA PRO A 71 -6.17 1.59 5.18
C PRO A 71 -5.26 0.51 5.75
N SER A 72 -4.52 0.89 6.79
CA SER A 72 -3.57 0.00 7.46
C SER A 72 -4.17 -1.39 7.70
N SER A 73 -5.49 -1.46 7.86
CA SER A 73 -6.16 -2.73 8.10
C SER A 73 -5.89 -3.69 6.94
N THR A 74 -5.73 -3.14 5.75
CA THR A 74 -5.47 -3.91 4.55
C THR A 74 -4.01 -3.78 4.12
N LEU A 75 -3.18 -3.19 4.97
CA LEU A 75 -1.78 -3.00 4.68
C LEU A 75 -0.93 -3.31 5.89
N CYS A 76 0.08 -4.13 5.68
CA CYS A 76 1.01 -4.51 6.75
C CYS A 76 1.68 -3.28 7.33
N ILE A 77 1.38 -2.97 8.59
CA ILE A 77 1.95 -1.82 9.26
C ILE A 77 2.87 -2.23 10.41
N SER A 78 3.69 -1.29 10.87
CA SER A 78 4.61 -1.55 11.96
C SER A 78 4.21 -0.80 13.22
N HIS A 79 3.54 0.34 13.05
CA HIS A 79 3.09 1.15 14.17
C HIS A 79 4.28 1.67 14.97
N SER A 80 4.05 2.74 15.74
CA SER A 80 5.11 3.33 16.55
C SER A 80 5.65 2.33 17.56
N SER A 14 11.84 5.53 8.24
CA SER A 14 12.30 4.51 7.30
C SER A 14 13.11 5.12 6.17
N GLY A 15 12.44 5.92 5.33
CA GLY A 15 13.12 6.56 4.22
C GLY A 15 12.14 7.15 3.22
N GLY A 16 11.78 6.37 2.20
CA GLY A 16 10.85 6.84 1.19
C GLY A 16 9.83 5.79 0.81
N CYS A 17 10.28 4.57 0.63
CA CYS A 17 9.39 3.46 0.27
C CYS A 17 9.72 2.24 1.11
N GLU A 18 8.68 1.59 1.61
CA GLU A 18 8.85 0.40 2.44
C GLU A 18 8.02 -0.74 1.90
N LEU A 19 8.50 -1.95 2.06
CA LEU A 19 7.77 -3.12 1.58
C LEU A 19 6.64 -3.47 2.55
N THR A 20 5.46 -3.65 1.98
CA THR A 20 4.28 -3.98 2.77
C THR A 20 3.42 -4.99 2.03
N VAL A 21 2.67 -5.77 2.79
CA VAL A 21 1.79 -6.79 2.23
C VAL A 21 0.35 -6.46 2.61
N VAL A 22 -0.54 -6.47 1.62
CA VAL A 22 -1.93 -6.15 1.87
C VAL A 22 -2.62 -7.26 2.66
N LEU A 23 -3.18 -6.87 3.80
CA LEU A 23 -3.88 -7.81 4.66
C LEU A 23 -5.20 -8.26 4.05
N GLN A 24 -5.77 -7.45 3.16
CA GLN A 24 -7.03 -7.79 2.52
C GLN A 24 -7.04 -7.33 1.06
N ASP A 25 -7.86 -7.95 0.23
CA ASP A 25 -7.93 -7.56 -1.17
C ASP A 25 -8.64 -6.22 -1.28
N PHE A 26 -8.22 -5.44 -2.25
CA PHE A 26 -8.81 -4.13 -2.48
C PHE A 26 -8.85 -3.81 -3.95
N SER A 27 -9.78 -2.97 -4.33
CA SER A 27 -9.92 -2.55 -5.69
C SER A 27 -9.90 -1.03 -5.75
N ALA A 28 -9.18 -0.50 -6.71
CA ALA A 28 -9.02 0.94 -6.87
C ALA A 28 -10.33 1.69 -6.84
N ALA A 29 -10.23 3.00 -7.05
CA ALA A 29 -11.37 3.90 -7.05
C ALA A 29 -10.91 5.36 -7.09
N HIS A 30 -9.72 5.62 -6.53
CA HIS A 30 -9.18 6.97 -6.50
C HIS A 30 -8.05 7.16 -7.52
N SER A 31 -7.54 8.38 -7.58
CA SER A 31 -6.48 8.76 -8.51
C SER A 31 -5.40 7.69 -8.66
N SER A 32 -4.53 7.59 -7.67
CA SER A 32 -3.46 6.61 -7.71
C SER A 32 -3.83 5.32 -6.99
N GLU A 33 -5.05 4.82 -7.25
CA GLU A 33 -5.52 3.60 -6.63
C GLU A 33 -5.39 2.41 -7.57
N LEU A 34 -5.31 1.22 -7.01
CA LEU A 34 -5.20 0.02 -7.80
C LEU A 34 -5.78 -1.17 -7.06
N SER A 35 -6.01 -2.26 -7.78
CA SER A 35 -6.57 -3.45 -7.20
C SER A 35 -5.48 -4.35 -6.67
N ILE A 36 -5.60 -4.67 -5.41
CA ILE A 36 -4.65 -5.52 -4.72
C ILE A 36 -5.35 -6.72 -4.11
N GLN A 37 -4.56 -7.70 -3.72
CA GLN A 37 -5.07 -8.92 -3.13
C GLN A 37 -4.34 -9.26 -1.84
N VAL A 38 -5.06 -9.88 -0.93
CA VAL A 38 -4.50 -10.27 0.36
C VAL A 38 -3.37 -11.28 0.21
N GLY A 39 -2.18 -10.93 0.69
CA GLY A 39 -1.05 -11.86 0.62
C GLY A 39 0.10 -11.37 -0.25
N GLN A 40 -0.17 -10.47 -1.17
CA GLN A 40 0.85 -9.97 -2.05
C GLN A 40 1.74 -8.95 -1.37
N THR A 41 2.84 -8.60 -2.03
CA THR A 41 3.78 -7.62 -1.50
C THR A 41 3.95 -6.46 -2.45
N VAL A 42 3.73 -5.27 -1.91
CA VAL A 42 3.93 -4.06 -2.65
C VAL A 42 4.45 -3.02 -1.66
N GLU A 43 5.38 -2.21 -2.12
CA GLU A 43 6.02 -1.22 -1.27
C GLU A 43 5.16 0.03 -1.08
N LEU A 44 4.89 0.36 0.18
CA LEU A 44 4.11 1.53 0.51
C LEU A 44 4.85 2.80 0.18
N LEU A 45 4.06 3.79 -0.20
CA LEU A 45 4.57 5.11 -0.56
C LEU A 45 5.03 5.89 0.67
N GLU A 46 4.11 6.14 1.60
CA GLU A 46 4.43 6.87 2.79
C GLU A 46 3.98 6.12 4.04
N ARG A 47 3.69 6.83 5.13
CA ARG A 47 3.27 6.22 6.38
C ARG A 47 2.04 6.90 6.97
N PRO A 48 1.41 6.29 8.00
CA PRO A 48 0.23 6.84 8.66
C PRO A 48 0.56 7.87 9.73
N SER A 49 1.55 8.72 9.48
CA SER A 49 1.93 9.75 10.44
C SER A 49 0.93 10.89 10.38
N GLU A 50 0.64 11.31 9.17
CA GLU A 50 -0.30 12.37 8.91
C GLU A 50 -1.72 11.84 9.03
N ARG A 51 -1.90 10.62 8.55
CA ARG A 51 -3.20 9.95 8.60
C ARG A 51 -3.11 8.67 9.43
N PRO A 52 -3.94 8.53 10.49
CA PRO A 52 -3.90 7.35 11.34
C PRO A 52 -4.90 6.30 10.90
N GLY A 53 -4.37 5.17 10.43
CA GLY A 53 -5.23 4.08 9.99
C GLY A 53 -5.12 3.78 8.52
N TRP A 54 -4.33 4.58 7.81
CA TRP A 54 -4.14 4.42 6.38
C TRP A 54 -2.73 3.97 5.98
N CYS A 55 -2.63 3.46 4.75
CA CYS A 55 -1.35 3.03 4.18
C CYS A 55 -1.44 2.98 2.67
N LEU A 56 -0.31 3.10 2.03
CA LEU A 56 -0.24 3.10 0.58
C LEU A 56 0.48 1.88 0.03
N VAL A 57 0.23 1.56 -1.24
CA VAL A 57 0.87 0.40 -1.86
C VAL A 57 1.39 0.70 -3.27
N ARG A 58 2.68 0.52 -3.50
CA ARG A 58 3.30 0.75 -4.81
C ARG A 58 4.04 -0.50 -5.31
N THR A 59 3.99 -0.76 -6.62
CA THR A 59 4.70 -1.90 -7.19
C THR A 59 5.85 -1.43 -8.05
N THR A 60 7.02 -2.01 -7.82
CA THR A 60 8.22 -1.66 -8.58
C THR A 60 8.78 -2.85 -9.36
N GLU A 61 8.34 -4.07 -9.00
CA GLU A 61 8.79 -5.27 -9.69
C GLU A 61 7.87 -5.61 -10.86
N ARG A 62 7.09 -4.63 -11.31
CA ARG A 62 6.18 -4.77 -12.40
C ARG A 62 6.23 -3.49 -13.22
N SER A 63 7.01 -3.50 -14.28
CA SER A 63 7.17 -2.33 -15.13
C SER A 63 6.02 -2.19 -16.12
N PRO A 64 5.32 -1.04 -16.16
CA PRO A 64 5.61 0.14 -15.30
C PRO A 64 5.04 -0.01 -13.89
N PRO A 65 5.71 0.56 -12.86
CA PRO A 65 5.25 0.50 -11.47
C PRO A 65 3.81 0.98 -11.34
N GLN A 66 3.24 0.79 -10.15
CA GLN A 66 1.89 1.19 -9.89
C GLN A 66 1.79 1.69 -8.46
N GLU A 67 0.78 2.49 -8.16
CA GLU A 67 0.63 3.02 -6.82
C GLU A 67 -0.82 2.89 -6.36
N GLY A 68 -0.98 2.68 -5.07
CA GLY A 68 -2.31 2.50 -4.52
C GLY A 68 -2.53 3.14 -3.15
N LEU A 69 -3.78 3.08 -2.69
CA LEU A 69 -4.16 3.64 -1.40
C LEU A 69 -5.24 2.81 -0.72
N VAL A 70 -5.02 2.52 0.55
CA VAL A 70 -5.96 1.74 1.35
C VAL A 70 -5.68 2.00 2.82
N PRO A 71 -6.49 1.45 3.74
CA PRO A 71 -6.26 1.64 5.14
C PRO A 71 -5.33 0.59 5.72
N SER A 72 -4.61 0.96 6.76
CA SER A 72 -3.66 0.08 7.43
C SER A 72 -4.26 -1.30 7.69
N SER A 73 -5.59 -1.36 7.84
CA SER A 73 -6.27 -2.63 8.08
C SER A 73 -6.01 -3.60 6.94
N THR A 74 -5.85 -3.06 5.73
CA THR A 74 -5.60 -3.86 4.55
C THR A 74 -4.14 -3.77 4.11
N LEU A 75 -3.31 -3.11 4.91
CA LEU A 75 -1.90 -2.95 4.60
C LEU A 75 -1.06 -3.29 5.83
N CYS A 76 -0.03 -4.08 5.61
CA CYS A 76 0.87 -4.49 6.68
C CYS A 76 1.45 -3.28 7.39
N ILE A 77 1.26 -3.22 8.70
CA ILE A 77 1.76 -2.10 9.50
C ILE A 77 2.42 -2.59 10.79
N SER A 78 2.80 -1.65 11.64
CA SER A 78 3.45 -1.98 12.91
C SER A 78 2.44 -1.89 14.07
N HIS A 79 2.11 -3.03 14.63
CA HIS A 79 1.16 -3.09 15.74
C HIS A 79 1.80 -2.57 17.03
N SER A 80 1.72 -1.26 17.24
CA SER A 80 2.29 -0.65 18.43
C SER A 80 1.21 -0.36 19.47
N SER A 14 14.97 13.23 0.44
CA SER A 14 13.69 13.08 -0.25
C SER A 14 13.48 11.63 -0.70
N GLY A 15 12.48 10.98 -0.12
CA GLY A 15 12.20 9.59 -0.48
C GLY A 15 11.95 8.72 0.73
N GLY A 16 11.19 7.65 0.53
CA GLY A 16 10.88 6.75 1.63
C GLY A 16 9.87 5.69 1.25
N CYS A 17 10.33 4.47 1.07
CA CYS A 17 9.46 3.36 0.72
C CYS A 17 9.77 2.15 1.59
N GLU A 18 8.72 1.51 2.09
CA GLU A 18 8.89 0.34 2.94
C GLU A 18 8.05 -0.81 2.42
N LEU A 19 8.52 -2.03 2.62
CA LEU A 19 7.78 -3.19 2.17
C LEU A 19 6.62 -3.50 3.10
N THR A 20 5.44 -3.67 2.51
CA THR A 20 4.24 -3.95 3.27
C THR A 20 3.37 -4.98 2.55
N VAL A 21 2.72 -5.84 3.33
CA VAL A 21 1.85 -6.85 2.78
C VAL A 21 0.39 -6.49 3.05
N VAL A 22 -0.46 -6.66 2.05
CA VAL A 22 -1.86 -6.33 2.19
C VAL A 22 -2.63 -7.43 2.90
N LEU A 23 -3.30 -7.05 3.98
CA LEU A 23 -4.07 -7.99 4.77
C LEU A 23 -5.38 -8.38 4.09
N GLN A 24 -5.89 -7.53 3.20
CA GLN A 24 -7.13 -7.84 2.50
C GLN A 24 -7.07 -7.38 1.04
N ASP A 25 -7.82 -8.05 0.17
CA ASP A 25 -7.84 -7.67 -1.24
C ASP A 25 -8.52 -6.32 -1.39
N PHE A 26 -8.06 -5.56 -2.36
CA PHE A 26 -8.61 -4.24 -2.64
C PHE A 26 -8.60 -3.94 -4.11
N SER A 27 -9.50 -3.09 -4.53
CA SER A 27 -9.60 -2.69 -5.89
C SER A 27 -9.58 -1.17 -5.97
N ALA A 28 -8.83 -0.66 -6.92
CA ALA A 28 -8.68 0.77 -7.10
C ALA A 28 -10.00 1.53 -7.14
N ALA A 29 -9.88 2.83 -7.39
CA ALA A 29 -11.02 3.73 -7.47
C ALA A 29 -10.56 5.18 -7.60
N HIS A 30 -9.40 5.48 -7.00
CA HIS A 30 -8.86 6.83 -7.04
C HIS A 30 -7.67 6.93 -8.00
N SER A 31 -7.14 8.14 -8.11
CA SER A 31 -6.01 8.43 -8.99
C SER A 31 -4.88 7.42 -8.86
N SER A 32 -4.21 7.42 -7.71
CA SER A 32 -3.12 6.50 -7.48
C SER A 32 -3.58 5.21 -6.82
N GLU A 33 -4.71 4.67 -7.27
CA GLU A 33 -5.24 3.45 -6.72
C GLU A 33 -5.05 2.28 -7.66
N LEU A 34 -4.95 1.09 -7.08
CA LEU A 34 -4.79 -0.13 -7.85
C LEU A 34 -5.38 -1.31 -7.09
N SER A 35 -5.58 -2.41 -7.82
CA SER A 35 -6.14 -3.60 -7.23
C SER A 35 -5.06 -4.47 -6.64
N ILE A 36 -5.31 -4.89 -5.42
CA ILE A 36 -4.39 -5.74 -4.69
C ILE A 36 -5.13 -6.92 -4.07
N GLN A 37 -4.37 -7.89 -3.62
CA GLN A 37 -4.93 -9.08 -3.02
C GLN A 37 -4.27 -9.39 -1.68
N VAL A 38 -5.01 -10.07 -0.81
CA VAL A 38 -4.51 -10.42 0.51
C VAL A 38 -3.35 -11.43 0.42
N GLY A 39 -2.19 -11.05 0.93
CA GLY A 39 -1.05 -11.96 0.92
C GLY A 39 0.14 -11.47 0.13
N GLN A 40 -0.09 -10.60 -0.85
CA GLN A 40 0.97 -10.09 -1.67
C GLN A 40 1.81 -9.06 -0.94
N THR A 41 2.95 -8.72 -1.53
CA THR A 41 3.84 -7.73 -0.95
C THR A 41 4.07 -6.57 -1.90
N VAL A 42 3.78 -5.40 -1.42
CA VAL A 42 4.03 -4.19 -2.15
C VAL A 42 4.54 -3.14 -1.18
N GLU A 43 5.50 -2.38 -1.62
CA GLU A 43 6.11 -1.36 -0.80
C GLU A 43 5.25 -0.11 -0.66
N LEU A 44 5.08 0.36 0.57
CA LEU A 44 4.29 1.54 0.82
C LEU A 44 5.05 2.79 0.43
N LEU A 45 4.26 3.76 -0.01
CA LEU A 45 4.77 5.06 -0.45
C LEU A 45 5.16 5.92 0.75
N GLU A 46 4.24 6.08 1.70
CA GLU A 46 4.51 6.87 2.88
C GLU A 46 3.95 6.17 4.12
N ARG A 47 4.06 6.84 5.25
CA ARG A 47 3.60 6.30 6.53
C ARG A 47 2.33 7.01 7.02
N PRO A 48 1.67 6.46 8.06
CA PRO A 48 0.44 7.06 8.61
C PRO A 48 0.72 8.30 9.46
N SER A 49 1.38 9.29 8.87
CA SER A 49 1.70 10.52 9.57
C SER A 49 0.53 11.49 9.49
N GLU A 50 0.01 11.63 8.28
CA GLU A 50 -1.10 12.50 8.01
C GLU A 50 -2.41 11.82 8.39
N ARG A 51 -2.48 10.52 8.16
CA ARG A 51 -3.65 9.72 8.50
C ARG A 51 -3.25 8.53 9.38
N PRO A 52 -3.80 8.43 10.60
CA PRO A 52 -3.49 7.32 11.49
C PRO A 52 -4.41 6.14 11.24
N GLY A 53 -3.92 5.18 10.47
CA GLY A 53 -4.70 4.01 10.16
C GLY A 53 -4.67 3.67 8.68
N TRP A 54 -4.03 4.51 7.88
CA TRP A 54 -3.95 4.32 6.44
C TRP A 54 -2.56 3.84 5.99
N CYS A 55 -2.50 3.33 4.76
CA CYS A 55 -1.25 2.87 4.17
C CYS A 55 -1.31 2.86 2.65
N LEU A 56 -0.15 2.96 2.04
CA LEU A 56 -0.05 2.99 0.59
C LEU A 56 0.66 1.77 0.04
N VAL A 57 0.46 1.50 -1.25
CA VAL A 57 1.08 0.36 -1.90
C VAL A 57 1.66 0.72 -3.27
N ARG A 58 2.95 0.44 -3.48
CA ARG A 58 3.61 0.73 -4.77
C ARG A 58 3.76 -0.57 -5.58
N THR A 59 3.51 -0.48 -6.89
CA THR A 59 3.61 -1.63 -7.75
C THR A 59 4.96 -1.64 -8.45
N THR A 60 5.69 -2.74 -8.31
CA THR A 60 7.01 -2.87 -8.92
C THR A 60 7.06 -4.02 -9.92
N GLU A 61 6.05 -4.90 -9.90
CA GLU A 61 6.01 -6.01 -10.83
C GLU A 61 5.34 -5.63 -12.16
N ARG A 62 5.13 -4.33 -12.36
CA ARG A 62 4.52 -3.82 -13.55
C ARG A 62 5.20 -2.49 -13.90
N SER A 63 6.16 -2.54 -14.81
CA SER A 63 6.90 -1.36 -15.20
C SER A 63 6.15 -0.58 -16.30
N PRO A 64 6.00 0.77 -16.15
CA PRO A 64 6.50 1.54 -15.01
C PRO A 64 5.68 1.30 -13.74
N PRO A 65 6.29 1.48 -12.54
CA PRO A 65 5.59 1.28 -11.26
C PRO A 65 4.21 1.90 -11.24
N GLN A 66 3.40 1.43 -10.30
CA GLN A 66 2.06 1.90 -10.12
C GLN A 66 1.89 2.25 -8.65
N GLU A 67 0.81 2.89 -8.26
CA GLU A 67 0.64 3.26 -6.86
C GLU A 67 -0.77 2.96 -6.38
N GLY A 68 -0.86 2.65 -5.09
CA GLY A 68 -2.14 2.32 -4.50
C GLY A 68 -2.38 2.95 -3.15
N LEU A 69 -3.62 2.90 -2.70
CA LEU A 69 -4.01 3.46 -1.42
C LEU A 69 -5.12 2.66 -0.75
N VAL A 70 -4.90 2.37 0.52
CA VAL A 70 -5.86 1.62 1.33
C VAL A 70 -5.56 1.87 2.79
N PRO A 71 -6.41 1.43 3.72
CA PRO A 71 -6.14 1.64 5.12
C PRO A 71 -5.26 0.54 5.67
N SER A 72 -4.53 0.89 6.73
CA SER A 72 -3.61 -0.03 7.40
C SER A 72 -4.28 -1.38 7.68
N SER A 73 -5.61 -1.36 7.82
CA SER A 73 -6.36 -2.59 8.08
C SER A 73 -6.14 -3.60 6.95
N THR A 74 -5.99 -3.09 5.73
CA THR A 74 -5.76 -3.93 4.57
C THR A 74 -4.28 -3.98 4.20
N LEU A 75 -3.46 -3.26 4.97
CA LEU A 75 -2.05 -3.21 4.74
C LEU A 75 -1.31 -3.66 6.00
N CYS A 76 0.00 -3.63 5.93
CA CYS A 76 0.83 -4.03 7.06
C CYS A 76 0.56 -3.15 8.28
N ILE A 77 0.21 -3.78 9.39
CA ILE A 77 -0.08 -3.04 10.62
C ILE A 77 1.09 -3.13 11.59
N SER A 78 1.75 -4.27 11.59
CA SER A 78 2.88 -4.52 12.47
C SER A 78 4.19 -4.09 11.80
N HIS A 79 4.73 -2.95 12.23
CA HIS A 79 5.97 -2.43 11.69
C HIS A 79 7.18 -3.03 12.40
N SER A 80 8.23 -3.31 11.63
CA SER A 80 9.44 -3.89 12.19
C SER A 80 10.30 -2.82 12.87
N SER A 14 7.70 12.99 5.00
CA SER A 14 8.77 12.00 4.88
C SER A 14 9.13 11.77 3.41
N GLY A 15 9.99 10.78 3.16
CA GLY A 15 10.40 10.47 1.81
C GLY A 15 11.10 9.13 1.70
N GLY A 16 10.32 8.07 1.69
CA GLY A 16 10.89 6.73 1.59
C GLY A 16 9.85 5.67 1.27
N CYS A 17 10.30 4.45 1.08
CA CYS A 17 9.41 3.34 0.76
C CYS A 17 9.75 2.14 1.64
N GLU A 18 8.72 1.48 2.14
CA GLU A 18 8.90 0.31 3.00
C GLU A 18 8.08 -0.84 2.47
N LEU A 19 8.56 -2.05 2.66
CA LEU A 19 7.85 -3.24 2.20
C LEU A 19 6.70 -3.57 3.13
N THR A 20 5.53 -3.75 2.54
CA THR A 20 4.32 -4.09 3.29
C THR A 20 3.48 -5.11 2.54
N VAL A 21 2.70 -5.88 3.29
CA VAL A 21 1.85 -6.90 2.71
C VAL A 21 0.40 -6.57 3.00
N VAL A 22 -0.45 -6.65 1.99
CA VAL A 22 -1.85 -6.34 2.17
C VAL A 22 -2.58 -7.45 2.91
N LEU A 23 -3.30 -7.05 3.95
CA LEU A 23 -4.04 -8.01 4.76
C LEU A 23 -5.35 -8.40 4.08
N GLN A 24 -5.86 -7.56 3.19
CA GLN A 24 -7.09 -7.85 2.50
C GLN A 24 -7.03 -7.36 1.05
N ASP A 25 -7.74 -8.04 0.16
CA ASP A 25 -7.74 -7.65 -1.25
C ASP A 25 -8.46 -6.31 -1.40
N PHE A 26 -8.01 -5.54 -2.36
CA PHE A 26 -8.59 -4.24 -2.64
C PHE A 26 -8.59 -3.94 -4.11
N SER A 27 -9.51 -3.12 -4.54
CA SER A 27 -9.60 -2.72 -5.91
C SER A 27 -9.59 -1.21 -5.98
N ALA A 28 -8.85 -0.68 -6.94
CA ALA A 28 -8.70 0.75 -7.11
C ALA A 28 -10.03 1.50 -7.14
N ALA A 29 -9.92 2.80 -7.37
CA ALA A 29 -11.08 3.69 -7.44
C ALA A 29 -10.61 5.15 -7.51
N HIS A 30 -9.46 5.43 -6.89
CA HIS A 30 -8.92 6.79 -6.88
C HIS A 30 -7.73 6.93 -7.83
N SER A 31 -7.22 8.15 -7.90
CA SER A 31 -6.08 8.49 -8.76
C SER A 31 -4.96 7.45 -8.70
N SER A 32 -4.26 7.44 -7.58
CA SER A 32 -3.15 6.50 -7.41
C SER A 32 -3.61 5.20 -6.75
N GLU A 33 -4.75 4.66 -7.19
CA GLU A 33 -5.27 3.43 -6.64
C GLU A 33 -5.07 2.27 -7.60
N LEU A 34 -4.99 1.07 -7.05
CA LEU A 34 -4.83 -0.13 -7.85
C LEU A 34 -5.44 -1.32 -7.13
N SER A 35 -5.61 -2.42 -7.85
CA SER A 35 -6.18 -3.61 -7.28
C SER A 35 -5.10 -4.49 -6.70
N ILE A 36 -5.27 -4.81 -5.45
CA ILE A 36 -4.33 -5.65 -4.72
C ILE A 36 -5.04 -6.83 -4.09
N GLN A 37 -4.28 -7.81 -3.66
CA GLN A 37 -4.82 -9.01 -3.06
C GLN A 37 -4.11 -9.35 -1.75
N VAL A 38 -4.87 -9.93 -0.84
CA VAL A 38 -4.34 -10.33 0.46
C VAL A 38 -3.21 -11.35 0.32
N GLY A 39 -2.06 -11.06 0.92
CA GLY A 39 -0.94 -11.99 0.88
C GLY A 39 0.25 -11.51 0.08
N GLN A 40 0.01 -10.63 -0.87
CA GLN A 40 1.08 -10.13 -1.71
C GLN A 40 1.94 -9.11 -0.98
N THR A 41 3.07 -8.77 -1.59
CA THR A 41 3.98 -7.79 -1.00
C THR A 41 4.18 -6.61 -1.93
N VAL A 42 3.90 -5.44 -1.42
CA VAL A 42 4.12 -4.23 -2.13
C VAL A 42 4.62 -3.18 -1.15
N GLU A 43 5.57 -2.40 -1.60
CA GLU A 43 6.17 -1.38 -0.76
C GLU A 43 5.29 -0.15 -0.63
N LEU A 44 5.13 0.33 0.60
CA LEU A 44 4.33 1.50 0.86
C LEU A 44 5.06 2.77 0.47
N LEU A 45 4.26 3.73 0.02
CA LEU A 45 4.76 5.02 -0.41
C LEU A 45 5.13 5.90 0.79
N GLU A 46 4.18 6.07 1.72
CA GLU A 46 4.43 6.86 2.91
C GLU A 46 3.82 6.16 4.12
N ARG A 47 3.88 6.83 5.25
CA ARG A 47 3.36 6.28 6.51
C ARG A 47 2.16 7.06 7.02
N PRO A 48 1.44 6.53 8.04
CA PRO A 48 0.27 7.20 8.62
C PRO A 48 0.65 8.35 9.55
N SER A 49 1.42 9.30 9.03
CA SER A 49 1.84 10.46 9.83
C SER A 49 0.76 11.52 9.80
N GLU A 50 0.26 11.78 8.60
CA GLU A 50 -0.79 12.74 8.39
C GLU A 50 -2.15 12.08 8.60
N ARG A 51 -2.22 10.84 8.16
CA ARG A 51 -3.44 10.05 8.29
C ARG A 51 -3.18 8.80 9.16
N PRO A 52 -3.87 8.67 10.31
CA PRO A 52 -3.69 7.54 11.20
C PRO A 52 -4.65 6.41 10.89
N GLY A 53 -4.10 5.30 10.41
CA GLY A 53 -4.92 4.15 10.08
C GLY A 53 -4.85 3.76 8.62
N TRP A 54 -4.14 4.55 7.83
CA TRP A 54 -4.01 4.31 6.40
C TRP A 54 -2.61 3.84 5.99
N CYS A 55 -2.52 3.29 4.78
CA CYS A 55 -1.25 2.84 4.23
C CYS A 55 -1.31 2.82 2.71
N LEU A 56 -0.16 2.93 2.10
CA LEU A 56 -0.05 2.96 0.65
C LEU A 56 0.67 1.73 0.11
N VAL A 57 0.47 1.45 -1.18
CA VAL A 57 1.10 0.30 -1.81
C VAL A 57 1.65 0.64 -3.21
N ARG A 58 2.95 0.37 -3.44
CA ARG A 58 3.59 0.66 -4.73
C ARG A 58 3.73 -0.64 -5.55
N THR A 59 3.49 -0.55 -6.86
CA THR A 59 3.58 -1.71 -7.71
C THR A 59 4.92 -1.72 -8.43
N THR A 60 5.65 -2.82 -8.31
CA THR A 60 6.96 -2.94 -8.93
C THR A 60 7.01 -4.09 -9.94
N GLU A 61 5.99 -4.97 -9.92
CA GLU A 61 5.95 -6.09 -10.86
C GLU A 61 5.26 -5.69 -12.17
N ARG A 62 5.07 -4.39 -12.37
CA ARG A 62 4.46 -3.86 -13.56
C ARG A 62 5.13 -2.53 -13.90
N SER A 63 6.10 -2.58 -14.81
CA SER A 63 6.83 -1.38 -15.19
C SER A 63 6.07 -0.60 -16.28
N PRO A 64 5.93 0.75 -16.13
CA PRO A 64 6.45 1.50 -14.97
C PRO A 64 5.64 1.27 -13.70
N PRO A 65 6.25 1.45 -12.51
CA PRO A 65 5.56 1.24 -11.22
C PRO A 65 4.18 1.86 -11.20
N GLN A 66 3.38 1.39 -10.25
CA GLN A 66 2.04 1.86 -10.06
C GLN A 66 1.89 2.19 -8.59
N GLU A 67 0.79 2.83 -8.19
CA GLU A 67 0.62 3.19 -6.79
C GLU A 67 -0.78 2.89 -6.31
N GLY A 68 -0.89 2.58 -5.04
CA GLY A 68 -2.19 2.25 -4.47
C GLY A 68 -2.40 2.83 -3.09
N LEU A 69 -3.66 3.04 -2.74
CA LEU A 69 -4.02 3.60 -1.44
C LEU A 69 -5.15 2.81 -0.78
N VAL A 70 -4.95 2.50 0.48
CA VAL A 70 -5.92 1.76 1.28
C VAL A 70 -5.62 1.99 2.74
N PRO A 71 -6.48 1.53 3.67
CA PRO A 71 -6.22 1.72 5.07
C PRO A 71 -5.38 0.60 5.64
N SER A 72 -4.70 0.91 6.75
CA SER A 72 -3.84 -0.03 7.44
C SER A 72 -4.49 -1.41 7.61
N SER A 73 -5.82 -1.43 7.67
CA SER A 73 -6.55 -2.69 7.82
C SER A 73 -6.22 -3.64 6.68
N THR A 74 -5.92 -3.08 5.51
CA THR A 74 -5.60 -3.86 4.33
C THR A 74 -4.11 -3.81 4.01
N LEU A 75 -3.32 -3.18 4.88
CA LEU A 75 -1.89 -3.06 4.68
C LEU A 75 -1.15 -3.35 5.97
N CYS A 76 -0.13 -4.18 5.86
CA CYS A 76 0.71 -4.54 7.01
C CYS A 76 1.28 -3.30 7.68
N ILE A 77 0.90 -3.08 8.93
CA ILE A 77 1.38 -1.92 9.68
C ILE A 77 2.09 -2.33 10.96
N SER A 78 2.70 -1.36 11.64
CA SER A 78 3.41 -1.62 12.88
C SER A 78 2.99 -0.64 13.97
N HIS A 79 2.34 -1.16 15.01
CA HIS A 79 1.89 -0.33 16.12
C HIS A 79 3.00 -0.15 17.15
N SER A 80 3.03 1.02 17.78
CA SER A 80 4.04 1.33 18.79
C SER A 80 3.77 0.55 20.07
N SER A 14 11.06 8.26 -6.37
CA SER A 14 11.13 7.07 -5.53
C SER A 14 11.92 7.33 -4.26
N GLY A 15 11.22 7.77 -3.22
CA GLY A 15 11.88 8.05 -1.95
C GLY A 15 11.03 7.66 -0.76
N GLY A 16 11.67 7.04 0.23
CA GLY A 16 10.95 6.60 1.41
C GLY A 16 9.89 5.56 1.11
N CYS A 17 10.33 4.32 0.93
CA CYS A 17 9.43 3.22 0.64
C CYS A 17 9.77 2.02 1.51
N GLU A 18 8.74 1.38 2.05
CA GLU A 18 8.94 0.22 2.90
C GLU A 18 8.08 -0.94 2.42
N LEU A 19 8.57 -2.15 2.60
CA LEU A 19 7.83 -3.32 2.17
C LEU A 19 6.72 -3.65 3.15
N THR A 20 5.53 -3.85 2.62
CA THR A 20 4.35 -4.17 3.40
C THR A 20 3.50 -5.22 2.69
N VAL A 21 2.75 -5.98 3.47
CA VAL A 21 1.87 -7.00 2.92
C VAL A 21 0.43 -6.62 3.17
N VAL A 22 -0.41 -6.76 2.14
CA VAL A 22 -1.80 -6.42 2.28
C VAL A 22 -2.57 -7.50 3.02
N LEU A 23 -3.34 -7.06 4.01
CA LEU A 23 -4.13 -7.99 4.81
C LEU A 23 -5.46 -8.32 4.14
N GLN A 24 -5.90 -7.47 3.22
CA GLN A 24 -7.16 -7.72 2.54
C GLN A 24 -7.08 -7.27 1.07
N ASP A 25 -7.83 -7.95 0.21
CA ASP A 25 -7.82 -7.60 -1.21
C ASP A 25 -8.51 -6.26 -1.39
N PHE A 26 -8.05 -5.51 -2.38
CA PHE A 26 -8.61 -4.21 -2.67
C PHE A 26 -8.60 -3.94 -4.15
N SER A 27 -9.52 -3.10 -4.58
CA SER A 27 -9.62 -2.71 -5.94
C SER A 27 -9.64 -1.19 -6.02
N ALA A 28 -8.91 -0.64 -6.98
CA ALA A 28 -8.81 0.79 -7.17
C ALA A 28 -10.16 1.51 -7.18
N ALA A 29 -10.08 2.81 -7.43
CA ALA A 29 -11.24 3.67 -7.50
C ALA A 29 -10.82 5.11 -7.72
N HIS A 30 -9.68 5.48 -7.15
CA HIS A 30 -9.15 6.83 -7.30
C HIS A 30 -8.00 6.88 -8.31
N SER A 31 -7.52 8.08 -8.55
CA SER A 31 -6.44 8.33 -9.49
C SER A 31 -5.22 7.45 -9.23
N SER A 32 -4.67 7.55 -8.02
CA SER A 32 -3.50 6.77 -7.65
C SER A 32 -3.88 5.46 -6.98
N GLU A 33 -4.99 4.86 -7.40
CA GLU A 33 -5.45 3.61 -6.81
C GLU A 33 -5.19 2.43 -7.73
N LEU A 34 -5.10 1.26 -7.13
CA LEU A 34 -4.90 0.02 -7.86
C LEU A 34 -5.46 -1.17 -7.09
N SER A 35 -5.62 -2.28 -7.79
CA SER A 35 -6.15 -3.48 -7.21
C SER A 35 -5.05 -4.36 -6.64
N ILE A 36 -5.29 -4.82 -5.44
CA ILE A 36 -4.36 -5.68 -4.73
C ILE A 36 -5.09 -6.87 -4.12
N GLN A 37 -4.33 -7.85 -3.65
CA GLN A 37 -4.89 -9.04 -3.05
C GLN A 37 -4.20 -9.36 -1.73
N VAL A 38 -4.96 -9.94 -0.81
CA VAL A 38 -4.45 -10.30 0.50
C VAL A 38 -3.35 -11.35 0.40
N GLY A 39 -2.16 -11.03 0.90
CA GLY A 39 -1.06 -11.98 0.88
C GLY A 39 0.15 -11.53 0.08
N GLN A 40 -0.06 -10.66 -0.88
CA GLN A 40 1.01 -10.18 -1.71
C GLN A 40 1.89 -9.19 -0.97
N THR A 41 3.01 -8.82 -1.59
CA THR A 41 3.93 -7.86 -1.00
C THR A 41 4.10 -6.65 -1.88
N VAL A 42 3.73 -5.51 -1.34
CA VAL A 42 3.90 -4.27 -2.03
C VAL A 42 4.51 -3.26 -1.07
N GLU A 43 5.42 -2.48 -1.59
CA GLU A 43 6.11 -1.46 -0.81
C GLU A 43 5.23 -0.21 -0.64
N LEU A 44 5.16 0.30 0.58
CA LEU A 44 4.38 1.47 0.87
C LEU A 44 5.12 2.72 0.43
N LEU A 45 4.32 3.69 0.02
CA LEU A 45 4.83 4.98 -0.44
C LEU A 45 5.17 5.87 0.74
N GLU A 46 4.21 6.07 1.63
CA GLU A 46 4.41 6.89 2.81
C GLU A 46 3.88 6.16 4.04
N ARG A 47 3.87 6.85 5.16
CA ARG A 47 3.42 6.27 6.42
C ARG A 47 2.23 7.05 7.00
N PRO A 48 1.55 6.48 8.03
CA PRO A 48 0.40 7.13 8.65
C PRO A 48 0.80 8.26 9.61
N SER A 49 1.57 9.22 9.11
CA SER A 49 2.00 10.35 9.91
C SER A 49 0.92 11.42 9.94
N GLU A 50 0.41 11.71 8.76
CA GLU A 50 -0.63 12.68 8.59
C GLU A 50 -2.00 12.02 8.80
N ARG A 51 -2.09 10.79 8.35
CA ARG A 51 -3.31 10.00 8.47
C ARG A 51 -3.04 8.75 9.31
N PRO A 52 -3.69 8.59 10.48
CA PRO A 52 -3.49 7.45 11.34
C PRO A 52 -4.49 6.34 11.06
N GLY A 53 -3.98 5.26 10.48
CA GLY A 53 -4.84 4.14 10.15
C GLY A 53 -4.80 3.76 8.68
N TRP A 54 -4.06 4.52 7.89
CA TRP A 54 -3.95 4.30 6.47
C TRP A 54 -2.55 3.85 6.01
N CYS A 55 -2.48 3.32 4.79
CA CYS A 55 -1.22 2.89 4.20
C CYS A 55 -1.33 2.84 2.69
N LEU A 56 -0.21 2.97 2.02
CA LEU A 56 -0.18 2.97 0.56
C LEU A 56 0.55 1.76 0.01
N VAL A 57 0.29 1.43 -1.25
CA VAL A 57 0.92 0.27 -1.88
C VAL A 57 1.50 0.60 -3.26
N ARG A 58 2.80 0.37 -3.45
CA ARG A 58 3.45 0.63 -4.74
C ARG A 58 3.70 -0.69 -5.49
N THR A 59 3.93 -0.63 -6.80
CA THR A 59 4.19 -1.84 -7.55
C THR A 59 5.38 -1.65 -8.45
N THR A 60 6.38 -2.51 -8.24
CA THR A 60 7.62 -2.46 -9.02
C THR A 60 7.70 -3.62 -10.00
N GLU A 61 6.86 -4.65 -9.81
CA GLU A 61 6.86 -5.79 -10.70
C GLU A 61 5.97 -5.55 -11.93
N ARG A 62 5.53 -4.31 -12.10
CA ARG A 62 4.71 -3.92 -13.21
C ARG A 62 5.22 -2.57 -13.73
N SER A 63 6.05 -2.62 -14.75
CA SER A 63 6.63 -1.42 -15.32
C SER A 63 5.70 -0.79 -16.36
N PRO A 64 5.44 0.54 -16.28
CA PRO A 64 6.02 1.44 -15.26
C PRO A 64 5.37 1.23 -13.89
N PRO A 65 6.11 1.53 -12.79
CA PRO A 65 5.58 1.36 -11.43
C PRO A 65 4.21 1.98 -11.26
N GLN A 66 3.49 1.53 -10.24
CA GLN A 66 2.16 2.03 -9.96
C GLN A 66 1.98 2.11 -8.46
N GLU A 67 1.01 2.90 -8.01
CA GLU A 67 0.78 3.04 -6.58
C GLU A 67 -0.69 2.98 -6.24
N GLY A 68 -0.96 2.62 -4.99
CA GLY A 68 -2.33 2.47 -4.55
C GLY A 68 -2.58 3.01 -3.15
N LEU A 69 -3.84 2.96 -2.73
CA LEU A 69 -4.23 3.46 -1.41
C LEU A 69 -5.29 2.60 -0.74
N VAL A 70 -5.06 2.32 0.53
CA VAL A 70 -5.97 1.52 1.34
C VAL A 70 -5.65 1.79 2.80
N PRO A 71 -6.57 1.52 3.74
CA PRO A 71 -6.29 1.77 5.12
C PRO A 71 -5.46 0.63 5.72
N SER A 72 -4.80 0.92 6.83
CA SER A 72 -3.95 -0.03 7.52
C SER A 72 -4.60 -1.42 7.61
N SER A 73 -5.93 -1.46 7.61
CA SER A 73 -6.65 -2.74 7.69
C SER A 73 -6.21 -3.68 6.57
N THR A 74 -5.90 -3.12 5.41
CA THR A 74 -5.46 -3.91 4.26
C THR A 74 -3.95 -3.77 4.06
N LEU A 75 -3.25 -3.23 5.05
CA LEU A 75 -1.83 -3.03 4.93
C LEU A 75 -1.12 -3.33 6.24
N CYS A 76 -0.08 -4.12 6.14
CA CYS A 76 0.72 -4.51 7.31
C CYS A 76 1.34 -3.27 7.95
N ILE A 77 0.91 -2.95 9.17
CA ILE A 77 1.43 -1.79 9.88
C ILE A 77 2.20 -2.20 11.13
N SER A 78 1.73 -3.25 11.78
CA SER A 78 2.38 -3.74 12.99
C SER A 78 3.01 -5.11 12.74
N HIS A 79 2.36 -5.93 11.94
CA HIS A 79 2.86 -7.26 11.64
C HIS A 79 2.99 -8.11 12.90
N SER A 80 1.85 -8.54 13.43
CA SER A 80 1.83 -9.35 14.64
C SER A 80 2.61 -10.65 14.44
N SER A 14 17.39 1.85 2.06
CA SER A 14 16.00 2.04 2.47
C SER A 14 15.62 3.52 2.43
N GLY A 15 15.04 3.95 1.30
CA GLY A 15 14.65 5.33 1.16
C GLY A 15 13.35 5.64 1.86
N GLY A 16 12.39 6.18 1.12
CA GLY A 16 11.10 6.51 1.69
C GLY A 16 10.02 5.50 1.34
N CYS A 17 10.44 4.26 1.14
CA CYS A 17 9.53 3.18 0.80
C CYS A 17 9.83 1.95 1.64
N GLU A 18 8.78 1.31 2.14
CA GLU A 18 8.95 0.13 2.97
C GLU A 18 8.11 -1.01 2.44
N LEU A 19 8.58 -2.23 2.61
CA LEU A 19 7.85 -3.40 2.13
C LEU A 19 6.69 -3.72 3.07
N THR A 20 5.53 -3.89 2.49
CA THR A 20 4.32 -4.21 3.24
C THR A 20 3.47 -5.24 2.50
N VAL A 21 2.69 -5.99 3.26
CA VAL A 21 1.81 -7.00 2.69
C VAL A 21 0.37 -6.65 2.98
N VAL A 22 -0.48 -6.70 1.96
CA VAL A 22 -1.87 -6.37 2.14
C VAL A 22 -2.61 -7.47 2.88
N LEU A 23 -3.29 -7.07 3.95
CA LEU A 23 -4.03 -8.02 4.76
C LEU A 23 -5.34 -8.42 4.10
N GLN A 24 -5.85 -7.57 3.21
CA GLN A 24 -7.10 -7.85 2.52
C GLN A 24 -7.04 -7.36 1.08
N ASP A 25 -7.76 -8.02 0.19
CA ASP A 25 -7.78 -7.62 -1.22
C ASP A 25 -8.48 -6.27 -1.34
N PHE A 26 -8.03 -5.49 -2.29
CA PHE A 26 -8.60 -4.18 -2.55
C PHE A 26 -8.60 -3.86 -4.03
N SER A 27 -9.52 -3.02 -4.43
CA SER A 27 -9.62 -2.61 -5.79
C SER A 27 -9.58 -1.09 -5.85
N ALA A 28 -8.84 -0.57 -6.80
CA ALA A 28 -8.67 0.86 -6.96
C ALA A 28 -9.97 1.64 -6.97
N ALA A 29 -9.84 2.94 -7.21
CA ALA A 29 -10.97 3.86 -7.27
C ALA A 29 -10.47 5.30 -7.34
N HIS A 30 -9.32 5.57 -6.74
CA HIS A 30 -8.74 6.90 -6.73
C HIS A 30 -7.56 7.01 -7.69
N SER A 31 -7.02 8.22 -7.78
CA SER A 31 -5.89 8.52 -8.65
C SER A 31 -4.78 7.47 -8.56
N SER A 32 -4.10 7.43 -7.42
CA SER A 32 -3.00 6.50 -7.22
C SER A 32 -3.49 5.20 -6.59
N GLU A 33 -4.63 4.68 -7.05
CA GLU A 33 -5.18 3.46 -6.52
C GLU A 33 -5.01 2.31 -7.50
N LEU A 34 -4.95 1.10 -6.96
CA LEU A 34 -4.82 -0.08 -7.78
C LEU A 34 -5.44 -1.27 -7.06
N SER A 35 -5.65 -2.36 -7.79
CA SER A 35 -6.23 -3.55 -7.22
C SER A 35 -5.15 -4.45 -6.66
N ILE A 36 -5.31 -4.77 -5.40
CA ILE A 36 -4.38 -5.62 -4.68
C ILE A 36 -5.11 -6.80 -4.06
N GLN A 37 -4.34 -7.80 -3.66
CA GLN A 37 -4.88 -9.00 -3.07
C GLN A 37 -4.16 -9.36 -1.77
N VAL A 38 -4.91 -9.93 -0.85
CA VAL A 38 -4.38 -10.33 0.45
C VAL A 38 -3.26 -11.37 0.29
N GLY A 39 -2.08 -11.08 0.86
CA GLY A 39 -0.98 -12.02 0.79
C GLY A 39 0.21 -11.55 -0.02
N GLN A 40 -0.02 -10.65 -0.97
CA GLN A 40 1.04 -10.16 -1.81
C GLN A 40 1.94 -9.17 -1.07
N THR A 41 3.04 -8.83 -1.71
CA THR A 41 3.99 -7.88 -1.13
C THR A 41 4.18 -6.67 -2.02
N VAL A 42 3.86 -5.52 -1.48
CA VAL A 42 4.08 -4.29 -2.18
C VAL A 42 4.61 -3.27 -1.18
N GLU A 43 5.57 -2.50 -1.64
CA GLU A 43 6.21 -1.51 -0.81
C GLU A 43 5.35 -0.25 -0.67
N LEU A 44 5.15 0.19 0.57
CA LEU A 44 4.38 1.38 0.82
C LEU A 44 5.13 2.62 0.45
N LEU A 45 4.36 3.60 0.00
CA LEU A 45 4.90 4.89 -0.42
C LEU A 45 5.29 5.72 0.79
N GLU A 46 4.35 5.95 1.70
CA GLU A 46 4.61 6.73 2.89
C GLU A 46 3.97 6.06 4.11
N ARG A 47 3.70 6.84 5.15
CA ARG A 47 3.09 6.32 6.37
C ARG A 47 2.00 7.25 6.89
N PRO A 48 1.19 6.79 7.88
CA PRO A 48 0.11 7.60 8.46
C PRO A 48 0.61 8.88 9.12
N SER A 49 1.00 9.85 8.31
CA SER A 49 1.50 11.13 8.83
C SER A 49 0.37 12.08 9.13
N GLU A 50 -0.53 12.19 8.17
CA GLU A 50 -1.69 13.05 8.28
C GLU A 50 -2.91 12.26 8.74
N ARG A 51 -3.02 11.05 8.22
CA ARG A 51 -4.11 10.15 8.57
C ARG A 51 -3.56 8.93 9.32
N PRO A 52 -4.11 8.60 10.51
CA PRO A 52 -3.66 7.46 11.29
C PRO A 52 -4.51 6.23 11.07
N GLY A 53 -3.91 5.21 10.50
CA GLY A 53 -4.62 3.97 10.24
C GLY A 53 -4.61 3.57 8.78
N TRP A 54 -4.01 4.41 7.94
CA TRP A 54 -3.94 4.16 6.52
C TRP A 54 -2.54 3.73 6.06
N CYS A 55 -2.47 3.19 4.84
CA CYS A 55 -1.19 2.77 4.25
C CYS A 55 -1.24 2.76 2.73
N LEU A 56 -0.08 2.91 2.13
CA LEU A 56 0.05 2.95 0.69
C LEU A 56 0.76 1.72 0.13
N VAL A 57 0.58 1.46 -1.15
CA VAL A 57 1.18 0.30 -1.81
C VAL A 57 1.74 0.65 -3.19
N ARG A 58 3.03 0.37 -3.43
CA ARG A 58 3.67 0.65 -4.73
C ARG A 58 3.80 -0.64 -5.57
N THR A 59 3.53 -0.55 -6.87
CA THR A 59 3.61 -1.70 -7.74
C THR A 59 4.95 -1.70 -8.46
N THR A 60 5.68 -2.81 -8.35
CA THR A 60 7.00 -2.93 -8.98
C THR A 60 7.03 -4.07 -9.99
N GLU A 61 6.02 -4.95 -9.95
CA GLU A 61 5.97 -6.07 -10.89
C GLU A 61 5.30 -5.67 -12.21
N ARG A 62 5.09 -4.38 -12.40
CA ARG A 62 4.48 -3.85 -13.59
C ARG A 62 5.12 -2.52 -13.93
N SER A 63 6.08 -2.56 -14.84
CA SER A 63 6.81 -1.36 -15.23
C SER A 63 6.05 -0.58 -16.32
N PRO A 64 5.89 0.76 -16.16
CA PRO A 64 6.40 1.54 -15.02
C PRO A 64 5.59 1.28 -13.74
N PRO A 65 6.21 1.46 -12.55
CA PRO A 65 5.54 1.24 -11.27
C PRO A 65 4.14 1.85 -11.22
N GLN A 66 3.36 1.38 -10.27
CA GLN A 66 2.01 1.84 -10.07
C GLN A 66 1.88 2.18 -8.60
N GLU A 67 0.79 2.81 -8.18
CA GLU A 67 0.64 3.18 -6.78
C GLU A 67 -0.74 2.88 -6.27
N GLY A 68 -0.82 2.57 -5.00
CA GLY A 68 -2.09 2.23 -4.38
C GLY A 68 -2.29 2.85 -3.01
N LEU A 69 -3.55 3.05 -2.65
CA LEU A 69 -3.90 3.63 -1.36
C LEU A 69 -5.04 2.86 -0.69
N VAL A 70 -4.83 2.52 0.57
CA VAL A 70 -5.82 1.81 1.35
C VAL A 70 -5.52 2.00 2.82
N PRO A 71 -6.36 1.50 3.74
CA PRO A 71 -6.10 1.65 5.15
C PRO A 71 -5.26 0.51 5.70
N SER A 72 -4.60 0.78 6.81
CA SER A 72 -3.74 -0.19 7.47
C SER A 72 -4.42 -1.55 7.63
N SER A 73 -5.75 -1.54 7.69
CA SER A 73 -6.50 -2.77 7.83
C SER A 73 -6.20 -3.72 6.66
N THR A 74 -5.89 -3.13 5.51
CA THR A 74 -5.58 -3.89 4.31
C THR A 74 -4.10 -3.84 3.97
N LEU A 75 -3.30 -3.23 4.84
CA LEU A 75 -1.88 -3.11 4.61
C LEU A 75 -1.12 -3.39 5.91
N CYS A 76 -0.09 -4.21 5.79
CA CYS A 76 0.73 -4.56 6.95
C CYS A 76 1.32 -3.31 7.60
N ILE A 77 1.14 -3.18 8.91
CA ILE A 77 1.65 -2.02 9.63
C ILE A 77 2.35 -2.44 10.93
N SER A 78 3.02 -1.49 11.57
CA SER A 78 3.72 -1.75 12.81
C SER A 78 4.81 -2.80 12.61
N HIS A 79 5.44 -3.22 13.70
CA HIS A 79 6.49 -4.22 13.64
C HIS A 79 6.62 -4.97 14.97
N SER A 80 5.48 -5.21 15.60
CA SER A 80 5.46 -5.93 16.88
C SER A 80 5.84 -7.39 16.69
N SER A 14 15.65 11.10 -1.51
CA SER A 14 16.37 10.42 -0.44
C SER A 14 16.02 8.94 -0.39
N GLY A 15 14.87 8.62 0.21
CA GLY A 15 14.44 7.24 0.31
C GLY A 15 13.29 7.06 1.29
N GLY A 16 12.08 6.93 0.76
CA GLY A 16 10.92 6.76 1.60
C GLY A 16 10.00 5.66 1.10
N CYS A 17 10.54 4.45 1.00
CA CYS A 17 9.77 3.30 0.55
C CYS A 17 10.03 2.10 1.45
N GLU A 18 8.96 1.48 1.91
CA GLU A 18 9.06 0.32 2.79
C GLU A 18 8.22 -0.81 2.24
N LEU A 19 8.66 -2.04 2.48
CA LEU A 19 7.92 -3.20 2.01
C LEU A 19 6.72 -3.46 2.90
N THR A 20 5.58 -3.74 2.28
CA THR A 20 4.36 -3.99 2.99
C THR A 20 3.57 -5.13 2.35
N VAL A 21 2.77 -5.81 3.16
CA VAL A 21 1.95 -6.92 2.68
C VAL A 21 0.48 -6.62 2.97
N VAL A 22 -0.33 -6.58 1.93
CA VAL A 22 -1.75 -6.30 2.10
C VAL A 22 -2.47 -7.41 2.84
N LEU A 23 -3.20 -7.03 3.87
CA LEU A 23 -3.94 -7.98 4.69
C LEU A 23 -5.25 -8.40 4.03
N GLN A 24 -5.80 -7.56 3.16
CA GLN A 24 -7.05 -7.86 2.50
C GLN A 24 -7.02 -7.39 1.05
N ASP A 25 -7.80 -8.05 0.19
CA ASP A 25 -7.84 -7.66 -1.21
C ASP A 25 -8.51 -6.31 -1.34
N PHE A 26 -8.05 -5.54 -2.32
CA PHE A 26 -8.61 -4.22 -2.57
C PHE A 26 -8.63 -3.91 -4.04
N SER A 27 -9.54 -3.04 -4.43
CA SER A 27 -9.66 -2.63 -5.79
C SER A 27 -9.64 -1.11 -5.85
N ALA A 28 -8.91 -0.58 -6.82
CA ALA A 28 -8.76 0.84 -6.99
C ALA A 28 -10.09 1.60 -7.01
N ALA A 29 -9.98 2.90 -7.26
CA ALA A 29 -11.13 3.80 -7.32
C ALA A 29 -10.68 5.25 -7.41
N HIS A 30 -9.51 5.54 -6.81
CA HIS A 30 -8.98 6.89 -6.81
C HIS A 30 -7.80 7.03 -7.77
N SER A 31 -7.28 8.26 -7.84
CA SER A 31 -6.16 8.59 -8.72
C SER A 31 -5.05 7.53 -8.71
N SER A 32 -4.29 7.51 -7.63
CA SER A 32 -3.20 6.55 -7.49
C SER A 32 -3.66 5.26 -6.81
N GLU A 33 -4.81 4.74 -7.22
CA GLU A 33 -5.33 3.53 -6.64
C GLU A 33 -5.16 2.34 -7.59
N LEU A 34 -5.03 1.16 -7.00
CA LEU A 34 -4.88 -0.06 -7.77
C LEU A 34 -5.47 -1.25 -7.02
N SER A 35 -5.68 -2.33 -7.75
CA SER A 35 -6.24 -3.53 -7.20
C SER A 35 -5.15 -4.42 -6.64
N ILE A 36 -5.38 -4.87 -5.43
CA ILE A 36 -4.45 -5.74 -4.74
C ILE A 36 -5.18 -6.91 -4.10
N GLN A 37 -4.42 -7.90 -3.66
CA GLN A 37 -4.98 -9.09 -3.05
C GLN A 37 -4.35 -9.36 -1.70
N VAL A 38 -5.03 -10.13 -0.88
CA VAL A 38 -4.53 -10.47 0.45
C VAL A 38 -3.35 -11.45 0.39
N GLY A 39 -2.19 -11.04 0.91
CA GLY A 39 -1.04 -11.93 0.93
C GLY A 39 0.13 -11.49 0.09
N GLN A 40 -0.09 -10.57 -0.84
CA GLN A 40 0.98 -10.11 -1.69
C GLN A 40 1.87 -9.11 -0.96
N THR A 41 3.01 -8.80 -1.58
CA THR A 41 3.93 -7.84 -0.99
C THR A 41 4.16 -6.65 -1.89
N VAL A 42 3.72 -5.50 -1.43
CA VAL A 42 3.95 -4.28 -2.14
C VAL A 42 4.46 -3.25 -1.13
N GLU A 43 5.45 -2.50 -1.54
CA GLU A 43 6.05 -1.52 -0.68
C GLU A 43 5.21 -0.25 -0.56
N LEU A 44 5.03 0.23 0.66
CA LEU A 44 4.27 1.42 0.90
C LEU A 44 5.04 2.67 0.51
N LEU A 45 4.28 3.65 0.05
CA LEU A 45 4.82 4.92 -0.38
C LEU A 45 5.23 5.78 0.82
N GLU A 46 4.28 6.06 1.71
CA GLU A 46 4.56 6.87 2.87
C GLU A 46 4.06 6.17 4.14
N ARG A 47 3.74 6.94 5.17
CA ARG A 47 3.25 6.38 6.44
C ARG A 47 2.07 7.19 6.99
N PRO A 48 1.36 6.67 8.02
CA PRO A 48 0.23 7.37 8.62
C PRO A 48 0.63 8.65 9.37
N SER A 49 1.20 9.60 8.62
CA SER A 49 1.62 10.87 9.21
C SER A 49 0.47 11.84 9.29
N GLU A 50 -0.25 11.95 8.19
CA GLU A 50 -1.39 12.84 8.10
C GLU A 50 -2.62 12.18 8.69
N ARG A 51 -2.73 10.88 8.46
CA ARG A 51 -3.85 10.10 8.98
C ARG A 51 -3.35 8.81 9.63
N PRO A 52 -3.91 8.43 10.80
CA PRO A 52 -3.52 7.23 11.51
C PRO A 52 -4.45 6.08 11.23
N GLY A 53 -3.96 5.10 10.49
CA GLY A 53 -4.76 3.94 10.16
C GLY A 53 -4.71 3.59 8.70
N TRP A 54 -4.07 4.43 7.90
CA TRP A 54 -3.97 4.22 6.47
C TRP A 54 -2.57 3.78 6.00
N CYS A 55 -2.49 3.26 4.78
CA CYS A 55 -1.21 2.85 4.19
C CYS A 55 -1.29 2.83 2.67
N LEU A 56 -0.15 2.99 2.05
CA LEU A 56 -0.04 3.03 0.60
C LEU A 56 0.66 1.78 0.06
N VAL A 57 0.47 1.51 -1.23
CA VAL A 57 1.08 0.34 -1.85
C VAL A 57 1.69 0.67 -3.23
N ARG A 58 2.97 0.36 -3.42
CA ARG A 58 3.66 0.63 -4.69
C ARG A 58 3.80 -0.67 -5.51
N THR A 59 3.56 -0.59 -6.82
CA THR A 59 3.66 -1.75 -7.67
C THR A 59 5.02 -1.77 -8.35
N THR A 60 5.73 -2.89 -8.23
CA THR A 60 7.05 -3.02 -8.83
C THR A 60 7.11 -4.16 -9.84
N GLU A 61 6.11 -5.04 -9.83
CA GLU A 61 6.07 -6.16 -10.77
C GLU A 61 5.39 -5.77 -12.09
N ARG A 62 5.19 -4.48 -12.29
CA ARG A 62 4.57 -3.95 -13.48
C ARG A 62 5.24 -2.62 -13.83
N SER A 63 6.20 -2.68 -14.75
CA SER A 63 6.93 -1.49 -15.15
C SER A 63 6.16 -0.70 -16.22
N PRO A 64 6.03 0.64 -16.06
CA PRO A 64 6.56 1.40 -14.92
C PRO A 64 5.76 1.17 -13.65
N PRO A 65 6.38 1.37 -12.45
CA PRO A 65 5.71 1.20 -11.16
C PRO A 65 4.32 1.82 -11.13
N GLN A 66 3.53 1.37 -10.18
CA GLN A 66 2.18 1.85 -10.00
C GLN A 66 2.01 2.19 -8.53
N GLU A 67 0.92 2.84 -8.15
CA GLU A 67 0.75 3.21 -6.76
C GLU A 67 -0.68 2.95 -6.30
N GLY A 68 -0.80 2.64 -5.02
CA GLY A 68 -2.11 2.35 -4.45
C GLY A 68 -2.33 2.98 -3.09
N LEU A 69 -3.60 3.10 -2.70
CA LEU A 69 -3.96 3.68 -1.41
C LEU A 69 -5.08 2.89 -0.75
N VAL A 70 -4.88 2.57 0.52
CA VAL A 70 -5.85 1.83 1.29
C VAL A 70 -5.56 2.02 2.77
N PRO A 71 -6.40 1.51 3.68
CA PRO A 71 -6.15 1.66 5.09
C PRO A 71 -5.31 0.52 5.63
N SER A 72 -4.60 0.80 6.71
CA SER A 72 -3.73 -0.17 7.37
C SER A 72 -4.39 -1.54 7.52
N SER A 73 -5.73 -1.54 7.63
CA SER A 73 -6.47 -2.79 7.76
C SER A 73 -6.18 -3.71 6.59
N THR A 74 -5.88 -3.12 5.43
CA THR A 74 -5.59 -3.89 4.23
C THR A 74 -4.09 -3.84 3.89
N LEU A 75 -3.32 -3.13 4.71
CA LEU A 75 -1.89 -3.01 4.50
C LEU A 75 -1.16 -3.26 5.80
N CYS A 76 -0.28 -4.25 5.78
CA CYS A 76 0.50 -4.59 6.97
C CYS A 76 1.38 -3.41 7.36
N ILE A 77 1.07 -2.82 8.51
CA ILE A 77 1.82 -1.66 9.00
C ILE A 77 2.55 -1.98 10.30
N SER A 78 1.93 -2.82 11.13
CA SER A 78 2.51 -3.22 12.40
C SER A 78 2.65 -2.03 13.34
N HIS A 79 3.69 -1.23 13.14
CA HIS A 79 3.93 -0.06 13.97
C HIS A 79 4.10 -0.45 15.44
N SER A 80 5.02 -1.38 15.69
CA SER A 80 5.28 -1.85 17.05
C SER A 80 5.84 -0.73 17.91
#